data_2O3J
#
_entry.id   2O3J
#
_cell.length_a   159.716
_cell.length_b   144.092
_cell.length_c   92.072
_cell.angle_alpha   90.00
_cell.angle_beta   123.24
_cell.angle_gamma   90.00
#
_symmetry.space_group_name_H-M   'C 1 2 1'
#
loop_
_entity.id
_entity.type
_entity.pdbx_description
1 polymer 'UDP-glucose 6-dehydrogenase'
2 non-polymer GLYCEROL
3 water water
#
_entity_poly.entity_id   1
_entity_poly.type   'polypeptide(L)'
_entity_poly.pdbx_seq_one_letter_code
;MTDQVFGKVSKVVCVGAGYVGGPTCAMIAHKCPHITVTVVDMNTAKIAEWNSDKLPIYEPGLDEIVFAARGRNLFFSSDI
PKAIAEADLIFISVNTPTKMYGRGKGMAPDLKYVESVSRTIAQYAGGPKIVVEKSTVPVKAAESIGCILREAQKNNENLK
FQVLSNPEFLAEGTAMKDLANPDRVLIGGESSPEGLQAVAELVRIYENWVPRNRIITTNTWSSELSKLVANAFLAQRISS
INSISAVCEATGAEISEVAHAVGYDTRIGSKFLQASVGFGGSCFQKDVLSLVYLCESLNLPQVADYWQGVININNWQRRR
FADKIIAELFNTVTDKKIAIFGFAFKKNTGDTRESSAIHVIKHLMEEHAKLSVYDPKVQKSQMLNDLASVTSAQDVERLI
TVESDPYAAARGAHAIVVLTEWDEFVELNYSQIHNDMQHPAAIFDGRLILDQKALREIGFRTFAIGTSPDQAYNLFGTAG
Y
;
_entity_poly.pdbx_strand_id   A,B,C
#
loop_
_chem_comp.id
_chem_comp.type
_chem_comp.name
_chem_comp.formula
GOL non-polymer GLYCEROL 'C3 H8 O3'
#
# COMPACT_ATOMS: atom_id res chain seq x y z
N ASP A 3 25.16 -26.84 28.13
CA ASP A 3 24.40 -27.77 27.25
C ASP A 3 24.77 -27.54 25.77
N GLN A 4 26.01 -27.87 25.42
CA GLN A 4 26.61 -27.46 24.14
C GLN A 4 26.47 -28.52 23.05
N VAL A 5 25.66 -28.22 22.04
CA VAL A 5 25.32 -29.17 21.00
C VAL A 5 26.24 -28.99 19.78
N PHE A 6 26.57 -27.74 19.49
CA PHE A 6 27.52 -27.42 18.43
C PHE A 6 28.79 -26.82 19.02
N GLY A 7 29.89 -27.56 18.90
CA GLY A 7 31.17 -27.12 19.41
C GLY A 7 31.94 -26.34 18.37
N LYS A 8 33.23 -26.14 18.61
CA LYS A 8 34.10 -25.44 17.69
C LYS A 8 34.17 -26.20 16.36
N VAL A 9 34.07 -25.44 15.28
CA VAL A 9 34.11 -26.04 13.94
C VAL A 9 35.56 -26.21 13.54
N SER A 10 35.93 -27.46 13.25
CA SER A 10 37.25 -27.75 12.67
C SER A 10 37.15 -28.31 11.26
N LYS A 11 35.93 -28.71 10.87
CA LYS A 11 35.71 -29.32 9.57
C LYS A 11 34.54 -28.64 8.86
N VAL A 12 34.87 -27.91 7.79
CA VAL A 12 33.90 -27.19 6.95
C VAL A 12 33.76 -27.88 5.60
N VAL A 13 32.52 -28.04 5.15
CA VAL A 13 32.26 -28.42 3.77
C VAL A 13 31.43 -27.37 3.03
N CYS A 14 31.73 -27.15 1.75
CA CYS A 14 30.80 -26.45 0.85
C CYS A 14 30.31 -27.33 -0.28
N VAL A 15 28.99 -27.53 -0.35
CA VAL A 15 28.40 -28.22 -1.49
C VAL A 15 28.11 -27.22 -2.63
N GLY A 16 28.83 -27.38 -3.73
CA GLY A 16 28.81 -26.44 -4.87
C GLY A 16 30.18 -25.80 -5.06
N ALA A 17 30.82 -26.11 -6.19
CA ALA A 17 32.20 -25.70 -6.45
C ALA A 17 32.27 -24.58 -7.49
N GLY A 18 31.33 -23.64 -7.41
CA GLY A 18 31.23 -22.59 -8.42
C GLY A 18 31.87 -21.31 -7.93
N TYR A 19 31.34 -20.19 -8.43
CA TYR A 19 31.95 -18.89 -8.18
C TYR A 19 31.85 -18.42 -6.75
N VAL A 20 30.85 -18.90 -6.03
CA VAL A 20 30.65 -18.50 -4.65
C VAL A 20 31.40 -19.46 -3.72
N GLY A 21 31.18 -20.75 -3.92
CA GLY A 21 31.63 -21.76 -2.98
C GLY A 21 33.14 -21.87 -2.94
N GLY A 22 33.75 -21.93 -4.12
CA GLY A 22 35.20 -22.13 -4.25
C GLY A 22 36.02 -21.05 -3.57
N PRO A 23 35.91 -19.80 -4.05
CA PRO A 23 36.56 -18.65 -3.42
C PRO A 23 36.33 -18.46 -1.91
N THR A 24 35.09 -18.64 -1.45
CA THR A 24 34.75 -18.46 -0.04
C THR A 24 35.45 -19.48 0.84
N CYS A 25 35.42 -20.74 0.40
CA CYS A 25 36.15 -21.81 1.07
C CYS A 25 37.65 -21.54 1.08
N ALA A 26 38.19 -21.11 -0.06
CA ALA A 26 39.60 -20.79 -0.16
C ALA A 26 40.00 -19.75 0.87
N MET A 27 39.22 -18.69 1.02
CA MET A 27 39.45 -17.68 2.07
C MET A 27 39.44 -18.27 3.48
N ILE A 28 38.47 -19.14 3.74
CA ILE A 28 38.36 -19.84 5.03
C ILE A 28 39.61 -20.68 5.30
N ALA A 29 40.02 -21.49 4.33
CA ALA A 29 41.22 -22.32 4.49
C ALA A 29 42.47 -21.49 4.70
N HIS A 30 42.55 -20.37 3.98
CA HIS A 30 43.71 -19.49 4.02
C HIS A 30 43.86 -18.76 5.35
N LYS A 31 42.74 -18.30 5.90
CA LYS A 31 42.75 -17.55 7.17
C LYS A 31 42.63 -18.45 8.39
N CYS A 32 42.29 -19.71 8.18
CA CYS A 32 42.03 -20.62 9.29
C CYS A 32 42.78 -21.96 9.17
N PRO A 33 44.11 -21.94 9.40
CA PRO A 33 44.95 -23.11 9.14
C PRO A 33 44.58 -24.30 10.00
N HIS A 34 43.87 -24.02 11.08
CA HIS A 34 43.27 -25.05 11.95
C HIS A 34 42.00 -25.75 11.44
N ILE A 35 41.35 -25.23 10.39
CA ILE A 35 40.13 -25.87 9.87
C ILE A 35 40.37 -26.62 8.56
N THR A 36 39.94 -27.89 8.48
CA THR A 36 39.87 -28.60 7.20
C THR A 36 38.65 -28.16 6.38
N VAL A 37 38.91 -27.62 5.18
CA VAL A 37 37.84 -27.16 4.27
C VAL A 37 37.81 -27.98 2.99
N THR A 38 36.67 -28.62 2.76
CA THR A 38 36.45 -29.44 1.57
C THR A 38 35.30 -28.87 0.72
N VAL A 39 35.60 -28.59 -0.54
CA VAL A 39 34.62 -28.17 -1.56
C VAL A 39 34.20 -29.37 -2.39
N VAL A 40 32.92 -29.69 -2.34
CA VAL A 40 32.41 -30.84 -3.09
C VAL A 40 31.39 -30.46 -4.19
N ASP A 41 31.32 -31.28 -5.24
CA ASP A 41 30.48 -31.05 -6.40
C ASP A 41 30.41 -32.39 -7.12
N MET A 42 29.25 -32.73 -7.67
CA MET A 42 29.15 -33.96 -8.47
C MET A 42 29.65 -33.83 -9.91
N ASN A 43 29.98 -32.60 -10.31
CA ASN A 43 30.69 -32.34 -11.57
C ASN A 43 32.15 -32.71 -11.41
N THR A 44 32.50 -33.93 -11.79
CA THR A 44 33.84 -34.48 -11.55
C THR A 44 34.89 -33.79 -12.41
N ALA A 45 34.48 -33.25 -13.54
CA ALA A 45 35.39 -32.49 -14.41
C ALA A 45 35.76 -31.13 -13.82
N LYS A 46 34.79 -30.42 -13.25
CA LYS A 46 35.04 -29.15 -12.55
C LYS A 46 35.93 -29.35 -11.32
N ILE A 47 35.66 -30.39 -10.54
CA ILE A 47 36.52 -30.78 -9.41
C ILE A 47 37.96 -31.07 -9.87
N ALA A 48 38.10 -31.77 -10.99
CA ALA A 48 39.42 -31.99 -11.60
C ALA A 48 40.13 -30.69 -11.94
N GLU A 49 39.41 -29.72 -12.51
CA GLU A 49 39.94 -28.37 -12.76
C GLU A 49 40.49 -27.65 -11.50
N TRP A 50 39.72 -27.69 -10.41
CA TRP A 50 40.15 -27.08 -9.13
C TRP A 50 41.36 -27.84 -8.56
N ASN A 51 41.50 -29.09 -8.98
CA ASN A 51 42.61 -29.92 -8.53
C ASN A 51 43.85 -29.86 -9.43
N SER A 52 43.77 -29.00 -10.45
CA SER A 52 44.74 -28.97 -11.53
C SER A 52 45.66 -27.75 -11.44
N ASP A 53 46.47 -27.54 -12.47
CA ASP A 53 47.40 -26.43 -12.52
C ASP A 53 46.75 -25.18 -13.05
N LYS A 54 45.52 -25.31 -13.54
CA LYS A 54 44.76 -24.19 -14.07
C LYS A 54 43.35 -24.18 -13.45
N LEU A 55 43.14 -23.25 -12.51
CA LEU A 55 41.87 -23.16 -11.78
C LEU A 55 40.73 -22.74 -12.72
N PRO A 56 39.50 -23.27 -12.49
CA PRO A 56 38.38 -23.04 -13.41
C PRO A 56 37.87 -21.61 -13.49
N ILE A 57 38.24 -20.78 -12.52
CA ILE A 57 37.95 -19.34 -12.62
C ILE A 57 39.22 -18.52 -12.49
N TYR A 58 39.26 -17.37 -13.15
CA TYR A 58 40.30 -16.39 -12.83
C TYR A 58 39.80 -15.33 -11.88
N GLU A 59 40.39 -15.30 -10.69
CA GLU A 59 40.26 -14.18 -9.78
C GLU A 59 41.64 -13.78 -9.28
N PRO A 60 41.98 -12.48 -9.36
CA PRO A 60 43.23 -11.99 -8.79
C PRO A 60 43.34 -12.39 -7.33
N GLY A 61 44.47 -12.97 -6.96
CA GLY A 61 44.73 -13.34 -5.57
C GLY A 61 44.34 -14.77 -5.24
N LEU A 62 43.52 -15.38 -6.09
CA LEU A 62 42.97 -16.69 -5.79
C LEU A 62 43.96 -17.84 -6.05
N ASP A 63 44.75 -17.71 -7.11
CA ASP A 63 45.80 -18.71 -7.39
C ASP A 63 46.74 -18.86 -6.19
N GLU A 64 47.27 -17.74 -5.72
CA GLU A 64 48.11 -17.69 -4.53
C GLU A 64 47.49 -18.43 -3.34
N ILE A 65 46.20 -18.21 -3.11
CA ILE A 65 45.50 -18.80 -1.97
C ILE A 65 45.29 -20.29 -2.12
N VAL A 66 44.71 -20.70 -3.25
CA VAL A 66 44.31 -22.09 -3.45
C VAL A 66 45.53 -23.03 -3.52
N PHE A 67 46.53 -22.62 -4.30
CA PHE A 67 47.72 -23.43 -4.50
C PHE A 67 48.60 -23.57 -3.26
N ALA A 68 48.60 -22.55 -2.40
CA ALA A 68 49.22 -22.66 -1.08
C ALA A 68 48.49 -23.63 -0.14
N ALA A 69 47.16 -23.66 -0.20
CA ALA A 69 46.38 -24.43 0.77
C ALA A 69 46.00 -25.80 0.30
N ARG A 70 45.95 -26.03 -1.02
CA ARG A 70 45.38 -27.27 -1.55
C ARG A 70 46.21 -28.48 -1.14
N GLY A 71 45.54 -29.52 -0.64
CA GLY A 71 46.23 -30.69 -0.11
C GLY A 71 46.75 -30.54 1.30
N ARG A 72 46.78 -29.31 1.80
CA ARG A 72 47.09 -29.04 3.20
C ARG A 72 45.83 -28.96 4.06
N ASN A 73 45.13 -27.83 4.05
CA ASN A 73 43.80 -27.74 4.66
C ASN A 73 42.60 -27.44 3.73
N LEU A 74 42.90 -27.21 2.45
CA LEU A 74 41.88 -27.05 1.39
C LEU A 74 41.85 -28.25 0.44
N PHE A 75 40.68 -28.85 0.31
CA PHE A 75 40.44 -30.05 -0.52
C PHE A 75 39.29 -29.84 -1.48
N PHE A 76 39.39 -30.44 -2.66
CA PHE A 76 38.33 -30.43 -3.66
C PHE A 76 38.04 -31.88 -3.97
N SER A 77 36.80 -32.29 -3.76
CA SER A 77 36.45 -33.70 -3.93
C SER A 77 35.07 -33.84 -4.57
N SER A 78 34.82 -35.00 -5.16
CA SER A 78 33.46 -35.33 -5.61
C SER A 78 32.79 -36.40 -4.75
N ASP A 79 33.40 -36.71 -3.61
CA ASP A 79 32.82 -37.69 -2.69
C ASP A 79 31.94 -36.98 -1.66
N ILE A 80 30.72 -36.68 -2.07
CA ILE A 80 29.84 -35.82 -1.30
C ILE A 80 29.40 -36.46 0.03
N PRO A 81 28.96 -37.75 0.02
CA PRO A 81 28.56 -38.38 1.29
C PRO A 81 29.65 -38.36 2.35
N LYS A 82 30.91 -38.58 1.95
CA LYS A 82 32.00 -38.64 2.91
C LYS A 82 32.28 -37.27 3.52
N ALA A 83 32.27 -36.23 2.70
CA ALA A 83 32.47 -34.87 3.20
C ALA A 83 31.35 -34.50 4.17
N ILE A 84 30.10 -34.82 3.81
CA ILE A 84 28.92 -34.55 4.65
C ILE A 84 29.06 -35.21 6.02
N ALA A 85 29.30 -36.53 5.99
CA ALA A 85 29.50 -37.33 7.20
C ALA A 85 30.51 -36.76 8.19
N GLU A 86 31.60 -36.19 7.68
CA GLU A 86 32.73 -35.75 8.50
C GLU A 86 32.66 -34.28 8.94
N ALA A 87 31.83 -33.47 8.28
CA ALA A 87 31.80 -32.01 8.50
C ALA A 87 31.15 -31.67 9.83
N ASP A 88 31.58 -30.56 10.42
CA ASP A 88 30.81 -29.91 11.48
C ASP A 88 29.82 -28.89 10.92
N LEU A 89 30.27 -28.15 9.91
CA LEU A 89 29.50 -27.08 9.28
C LEU A 89 29.48 -27.24 7.74
N ILE A 90 28.29 -27.14 7.15
CA ILE A 90 28.11 -27.37 5.72
C ILE A 90 27.45 -26.16 5.08
N PHE A 91 28.18 -25.50 4.18
CA PHE A 91 27.62 -24.47 3.32
C PHE A 91 26.87 -25.10 2.15
N ILE A 92 25.75 -24.50 1.78
CA ILE A 92 25.07 -24.87 0.54
C ILE A 92 25.25 -23.72 -0.45
N SER A 93 25.92 -24.02 -1.55
CA SER A 93 26.27 -23.00 -2.53
C SER A 93 25.89 -23.42 -3.94
N VAL A 94 24.59 -23.54 -4.19
CA VAL A 94 24.05 -24.07 -5.46
C VAL A 94 23.18 -23.00 -6.14
N ASN A 95 22.84 -23.22 -7.41
CA ASN A 95 21.92 -22.33 -8.12
C ASN A 95 20.47 -22.44 -7.61
N THR A 96 19.75 -21.35 -7.70
CA THR A 96 18.29 -21.38 -7.63
C THR A 96 17.72 -20.79 -8.92
N PRO A 97 17.78 -21.56 -10.01
CA PRO A 97 17.35 -21.01 -11.29
C PRO A 97 15.90 -20.52 -11.18
N THR A 98 15.56 -19.47 -11.90
CA THR A 98 14.17 -18.98 -11.93
C THR A 98 13.22 -20.02 -12.54
N LYS A 99 12.07 -20.23 -11.91
CA LYS A 99 11.04 -21.11 -12.49
C LYS A 99 10.68 -20.72 -13.93
N MET A 100 10.59 -21.72 -14.81
CA MET A 100 10.41 -21.51 -16.25
C MET A 100 8.94 -21.69 -16.60
N TYR A 101 8.19 -22.27 -15.67
CA TYR A 101 6.80 -22.60 -15.92
C TYR A 101 6.06 -22.56 -14.59
N GLY A 102 4.74 -22.44 -14.66
CA GLY A 102 3.89 -22.65 -13.52
C GLY A 102 3.86 -21.48 -12.55
N ARG A 103 3.67 -21.80 -11.28
CA ARG A 103 3.42 -20.84 -10.22
C ARG A 103 4.67 -19.99 -9.95
N GLY A 104 4.64 -18.72 -10.35
CA GLY A 104 5.77 -17.82 -10.16
C GLY A 104 6.69 -17.84 -11.35
N LYS A 105 6.20 -18.36 -12.47
CA LYS A 105 6.98 -18.40 -13.71
C LYS A 105 7.67 -17.08 -13.95
N GLY A 106 8.97 -17.14 -14.24
CA GLY A 106 9.74 -15.96 -14.55
C GLY A 106 10.14 -15.09 -13.37
N MET A 107 9.70 -15.44 -12.16
CA MET A 107 9.95 -14.62 -10.97
C MET A 107 10.43 -15.41 -9.73
N ALA A 108 9.88 -16.60 -9.53
CA ALA A 108 10.16 -17.37 -8.30
C ALA A 108 11.45 -18.18 -8.51
N PRO A 109 12.38 -18.12 -7.53
CA PRO A 109 13.51 -19.05 -7.53
C PRO A 109 13.05 -20.50 -7.38
N ASP A 110 13.72 -21.39 -8.10
CA ASP A 110 13.39 -22.82 -8.07
C ASP A 110 14.36 -23.45 -7.08
N LEU A 111 13.80 -23.97 -5.99
CA LEU A 111 14.58 -24.53 -4.88
C LEU A 111 15.05 -25.98 -5.08
N LYS A 112 14.90 -26.52 -6.29
CA LYS A 112 15.22 -27.95 -6.54
C LYS A 112 16.63 -28.34 -6.10
N TYR A 113 17.64 -27.53 -6.41
CA TYR A 113 19.02 -27.85 -6.01
C TYR A 113 19.26 -27.74 -4.50
N VAL A 114 18.71 -26.69 -3.88
CA VAL A 114 18.79 -26.51 -2.44
C VAL A 114 18.17 -27.70 -1.73
N GLU A 115 17.03 -28.15 -2.26
CA GLU A 115 16.30 -29.27 -1.71
C GLU A 115 17.11 -30.56 -1.83
N SER A 116 17.72 -30.76 -3.00
CA SER A 116 18.56 -31.91 -3.30
C SER A 116 19.75 -32.03 -2.33
N VAL A 117 20.42 -30.91 -2.08
CA VAL A 117 21.49 -30.88 -1.10
C VAL A 117 21.01 -31.18 0.32
N SER A 118 19.89 -30.57 0.72
CA SER A 118 19.28 -30.82 2.02
C SER A 118 18.95 -32.31 2.25
N ARG A 119 18.40 -32.97 1.23
CA ARG A 119 18.11 -34.41 1.31
C ARG A 119 19.36 -35.28 1.45
N THR A 120 20.43 -34.89 0.78
CA THR A 120 21.72 -35.58 0.89
C THR A 120 22.34 -35.45 2.31
N ILE A 121 22.30 -34.25 2.86
CA ILE A 121 22.73 -34.00 4.24
C ILE A 121 21.93 -34.83 5.25
N ALA A 122 20.61 -34.82 5.08
CA ALA A 122 19.73 -35.68 5.88
C ALA A 122 20.15 -37.16 5.86
N GLN A 123 20.59 -37.62 4.69
CA GLN A 123 20.88 -39.04 4.47
C GLN A 123 22.18 -39.45 5.17
N TYR A 124 23.20 -38.60 5.05
CA TYR A 124 24.59 -38.97 5.33
C TYR A 124 25.21 -38.26 6.54
N ALA A 125 24.45 -37.40 7.22
CA ALA A 125 25.03 -36.55 8.28
C ALA A 125 25.75 -37.31 9.41
N GLY A 126 25.03 -38.21 10.06
CA GLY A 126 25.60 -39.01 11.15
C GLY A 126 25.59 -38.36 12.52
N GLY A 127 25.80 -37.04 12.55
CA GLY A 127 25.78 -36.29 13.81
C GLY A 127 25.22 -34.90 13.60
N PRO A 128 25.22 -34.08 14.67
CA PRO A 128 24.84 -32.66 14.64
C PRO A 128 25.61 -31.84 13.62
N LYS A 129 24.90 -31.07 12.79
CA LYS A 129 25.50 -30.19 11.78
C LYS A 129 24.90 -28.81 11.85
N ILE A 130 25.74 -27.80 11.59
CA ILE A 130 25.29 -26.46 11.21
C ILE A 130 25.25 -26.41 9.69
N VAL A 131 24.07 -26.08 9.15
CA VAL A 131 23.87 -26.02 7.69
C VAL A 131 23.66 -24.55 7.30
N VAL A 132 24.37 -24.07 6.27
CA VAL A 132 24.50 -22.63 6.05
C VAL A 132 24.13 -22.24 4.62
N GLU A 133 23.12 -21.38 4.45
CA GLU A 133 22.71 -20.99 3.10
C GLU A 133 23.62 -19.91 2.63
N LYS A 134 24.42 -20.23 1.63
CA LYS A 134 25.45 -19.32 1.17
C LYS A 134 25.02 -18.64 -0.14
N SER A 135 24.57 -19.44 -1.09
CA SER A 135 23.99 -18.93 -2.33
CA SER A 135 24.01 -18.88 -2.32
C SER A 135 22.65 -18.25 -2.06
N THR A 136 22.29 -17.29 -2.92
CA THR A 136 21.07 -16.51 -2.75
C THR A 136 19.86 -17.43 -2.75
N VAL A 137 18.98 -17.24 -1.76
CA VAL A 137 17.78 -18.06 -1.61
C VAL A 137 16.57 -17.10 -1.48
N PRO A 138 15.36 -17.61 -1.77
CA PRO A 138 14.15 -16.86 -1.45
C PRO A 138 13.96 -16.83 0.07
N VAL A 139 13.24 -15.83 0.56
CA VAL A 139 12.96 -15.75 1.98
C VAL A 139 12.12 -16.96 2.39
N LYS A 140 12.41 -17.49 3.57
CA LYS A 140 11.90 -18.78 4.09
C LYS A 140 12.48 -20.07 3.51
N ALA A 141 13.50 -19.98 2.66
CA ALA A 141 14.18 -21.18 2.19
C ALA A 141 14.70 -22.03 3.36
N ALA A 142 15.21 -21.36 4.39
CA ALA A 142 15.75 -22.02 5.57
C ALA A 142 14.70 -22.82 6.32
N GLU A 143 13.45 -22.40 6.20
CA GLU A 143 12.34 -23.15 6.72
C GLU A 143 12.20 -24.49 6.02
N SER A 144 12.27 -24.46 4.68
CA SER A 144 12.21 -25.68 3.88
C SER A 144 13.38 -26.62 4.17
N ILE A 145 14.61 -26.09 4.20
CA ILE A 145 15.79 -26.86 4.61
C ILE A 145 15.61 -27.50 5.99
N GLY A 146 15.37 -26.66 7.00
CA GLY A 146 14.98 -27.12 8.34
C GLY A 146 14.02 -28.28 8.36
N CYS A 147 12.96 -28.21 7.55
CA CYS A 147 11.93 -29.23 7.55
CA CYS A 147 11.92 -29.22 7.49
C CYS A 147 12.44 -30.54 6.94
N ILE A 148 13.27 -30.45 5.90
CA ILE A 148 13.88 -31.62 5.29
C ILE A 148 14.80 -32.30 6.32
N LEU A 149 15.61 -31.52 7.03
CA LEU A 149 16.57 -32.05 7.98
C LEU A 149 15.94 -32.66 9.24
N ARG A 150 14.91 -31.99 9.77
CA ARG A 150 14.15 -32.44 10.93
C ARG A 150 13.58 -33.86 10.77
N GLU A 151 13.25 -34.20 9.52
CA GLU A 151 12.77 -35.54 9.22
CA GLU A 151 12.80 -35.55 9.14
C GLU A 151 13.79 -36.63 9.57
N ALA A 152 15.08 -36.34 9.38
CA ALA A 152 16.15 -37.30 9.67
C ALA A 152 16.47 -37.43 11.16
N GLN A 153 15.98 -36.50 11.98
CA GLN A 153 16.19 -36.51 13.43
C GLN A 153 15.45 -37.64 14.18
N LYS A 154 14.80 -38.54 13.44
CA LYS A 154 14.31 -39.81 13.98
C LYS A 154 15.39 -40.91 13.91
N LEU A 159 20.99 -36.82 15.89
CA LEU A 159 20.99 -35.82 14.83
C LEU A 159 20.29 -34.54 15.25
N LYS A 160 21.05 -33.46 15.33
CA LYS A 160 20.52 -32.13 15.59
C LYS A 160 20.98 -31.24 14.45
N PHE A 161 20.13 -30.34 13.97
CA PHE A 161 20.53 -29.42 12.90
C PHE A 161 20.16 -27.99 13.27
N GLN A 162 21.06 -27.06 12.99
CA GLN A 162 20.67 -25.66 12.88
C GLN A 162 20.96 -25.16 11.49
N VAL A 163 20.02 -24.37 10.97
CA VAL A 163 20.16 -23.75 9.67
C VAL A 163 20.43 -22.25 9.81
N LEU A 164 21.51 -21.81 9.19
CA LEU A 164 21.85 -20.38 9.13
C LEU A 164 21.77 -19.84 7.73
N SER A 165 21.57 -18.52 7.64
CA SER A 165 21.70 -17.72 6.44
C SER A 165 23.01 -16.94 6.48
N ASN A 166 23.83 -17.10 5.45
CA ASN A 166 25.05 -16.30 5.37
C ASN A 166 25.28 -15.87 3.93
N PRO A 167 24.57 -14.79 3.50
CA PRO A 167 24.54 -14.41 2.10
C PRO A 167 25.92 -14.01 1.54
N GLU A 168 26.10 -14.22 0.24
CA GLU A 168 27.34 -13.81 -0.42
CA GLU A 168 27.33 -13.81 -0.44
C GLU A 168 27.22 -12.36 -0.85
N PHE A 169 28.34 -11.66 -0.84
CA PHE A 169 28.44 -10.31 -1.37
C PHE A 169 29.72 -10.19 -2.22
N LEU A 170 29.84 -11.07 -3.20
CA LEU A 170 31.01 -11.18 -4.06
C LEU A 170 30.66 -10.60 -5.41
N ALA A 171 31.61 -9.90 -6.02
CA ALA A 171 31.51 -9.56 -7.42
C ALA A 171 32.66 -10.18 -8.22
N GLU A 172 32.37 -10.54 -9.47
CA GLU A 172 33.38 -11.03 -10.40
C GLU A 172 34.47 -9.99 -10.59
N GLY A 173 35.72 -10.42 -10.39
CA GLY A 173 36.87 -9.55 -10.61
C GLY A 173 37.47 -9.01 -9.33
N THR A 174 36.69 -9.04 -8.24
CA THR A 174 37.11 -8.45 -6.97
C THR A 174 36.78 -9.39 -5.81
N ALA A 175 36.60 -10.67 -6.12
CA ALA A 175 36.16 -11.66 -5.13
C ALA A 175 37.08 -11.82 -3.91
N MET A 176 38.39 -11.89 -4.14
CA MET A 176 39.36 -12.02 -3.04
C MET A 176 39.40 -10.83 -2.10
N LYS A 177 39.35 -9.63 -2.66
CA LYS A 177 39.23 -8.40 -1.89
C LYS A 177 37.89 -8.34 -1.13
N ASP A 178 36.81 -8.79 -1.79
CA ASP A 178 35.48 -8.79 -1.20
C ASP A 178 35.39 -9.76 -0.02
N LEU A 179 36.12 -10.88 -0.10
CA LEU A 179 36.09 -11.89 0.97
C LEU A 179 37.04 -11.55 2.10
N ALA A 180 38.19 -10.94 1.75
CA ALA A 180 39.23 -10.63 2.73
C ALA A 180 38.91 -9.36 3.50
N ASN A 181 38.34 -8.37 2.81
CA ASN A 181 37.92 -7.10 3.41
C ASN A 181 36.46 -6.70 3.10
N PRO A 182 35.48 -7.45 3.64
CA PRO A 182 34.07 -7.19 3.30
C PRO A 182 33.54 -5.95 4.02
N ASP A 183 32.75 -5.14 3.32
CA ASP A 183 31.87 -4.13 3.96
C ASP A 183 31.19 -4.67 5.23
N ARG A 184 30.57 -5.83 5.12
CA ARG A 184 29.99 -6.54 6.26
C ARG A 184 29.86 -8.02 5.97
N VAL A 185 29.79 -8.82 7.03
CA VAL A 185 29.44 -10.23 6.93
C VAL A 185 28.10 -10.36 7.62
N LEU A 186 27.14 -11.01 6.97
CA LEU A 186 25.79 -11.09 7.50
C LEU A 186 25.44 -12.54 7.84
N ILE A 187 24.99 -12.75 9.08
CA ILE A 187 24.64 -14.07 9.55
C ILE A 187 23.26 -14.07 10.23
N GLY A 188 22.34 -14.93 9.78
CA GLY A 188 21.06 -15.05 10.47
C GLY A 188 20.80 -16.45 10.94
N GLY A 189 20.18 -16.55 12.10
CA GLY A 189 19.89 -17.84 12.71
C GLY A 189 18.61 -17.79 13.54
N GLU A 190 18.17 -18.95 13.98
CA GLU A 190 17.01 -19.13 14.85
C GLU A 190 17.14 -18.36 16.16
N SER A 191 16.07 -17.67 16.53
CA SER A 191 15.95 -17.07 17.87
C SER A 191 15.68 -18.13 18.93
N SER A 192 16.75 -18.82 19.33
CA SER A 192 16.68 -20.01 20.17
C SER A 192 18.08 -20.23 20.72
N PRO A 193 18.21 -21.02 21.82
CA PRO A 193 19.56 -21.20 22.37
C PRO A 193 20.47 -21.99 21.43
N GLU A 194 19.92 -23.06 20.84
CA GLU A 194 20.62 -23.85 19.84
C GLU A 194 20.97 -23.00 18.62
N GLY A 195 20.01 -22.18 18.18
CA GLY A 195 20.25 -21.20 17.11
C GLY A 195 21.36 -20.19 17.42
N LEU A 196 21.40 -19.69 18.65
CA LEU A 196 22.44 -18.72 19.04
C LEU A 196 23.84 -19.35 19.09
N GLN A 197 23.89 -20.60 19.55
CA GLN A 197 25.11 -21.42 19.59
C GLN A 197 25.66 -21.58 18.19
N ALA A 198 24.78 -21.95 17.26
CA ALA A 198 25.20 -22.17 15.87
C ALA A 198 25.70 -20.89 15.23
N VAL A 199 24.99 -19.79 15.44
CA VAL A 199 25.42 -18.46 14.97
C VAL A 199 26.82 -18.16 15.49
N ALA A 200 27.02 -18.42 16.79
CA ALA A 200 28.28 -18.11 17.48
C ALA A 200 29.45 -18.89 16.88
N GLU A 201 29.21 -20.15 16.51
CA GLU A 201 30.26 -20.94 15.86
C GLU A 201 30.64 -20.46 14.46
N LEU A 202 29.68 -19.91 13.71
CA LEU A 202 30.00 -19.29 12.43
C LEU A 202 30.68 -17.94 12.60
N VAL A 203 30.21 -17.15 13.57
CA VAL A 203 30.86 -15.87 13.89
C VAL A 203 32.35 -16.16 14.25
N ARG A 204 32.56 -17.20 15.06
CA ARG A 204 33.91 -17.58 15.50
C ARG A 204 34.84 -17.84 14.32
N ILE A 205 34.29 -18.43 13.25
CA ILE A 205 35.07 -18.70 12.05
C ILE A 205 35.51 -17.41 11.39
N TYR A 206 34.56 -16.51 11.14
CA TYR A 206 34.84 -15.22 10.51
C TYR A 206 35.69 -14.32 11.35
N GLU A 207 35.57 -14.40 12.67
CA GLU A 207 36.44 -13.60 13.56
C GLU A 207 37.95 -13.83 13.40
N ASN A 208 38.33 -15.01 12.93
CA ASN A 208 39.72 -15.26 12.47
C ASN A 208 40.31 -14.19 11.55
N TRP A 209 39.47 -13.44 10.83
CA TRP A 209 39.96 -12.43 9.92
C TRP A 209 39.11 -11.17 9.74
N VAL A 210 37.89 -11.20 10.27
CA VAL A 210 36.96 -10.07 10.10
C VAL A 210 36.72 -9.44 11.46
N PRO A 211 36.84 -8.10 11.55
CA PRO A 211 36.55 -7.38 12.82
C PRO A 211 35.13 -7.68 13.28
N ARG A 212 34.96 -7.94 14.58
CA ARG A 212 33.66 -8.31 15.15
C ARG A 212 32.54 -7.34 14.77
N ASN A 213 32.86 -6.04 14.71
CA ASN A 213 31.87 -4.99 14.41
C ASN A 213 31.46 -4.87 12.95
N ARG A 214 32.08 -5.68 12.09
CA ARG A 214 31.65 -5.83 10.69
C ARG A 214 30.96 -7.17 10.47
N ILE A 215 30.75 -7.92 11.55
CA ILE A 215 29.92 -9.10 11.50
C ILE A 215 28.56 -8.75 12.09
N ILE A 216 27.51 -8.87 11.28
CA ILE A 216 26.17 -8.45 11.69
C ILE A 216 25.32 -9.70 11.82
N THR A 217 24.70 -9.87 12.98
CA THR A 217 23.90 -11.07 13.23
C THR A 217 22.45 -10.66 13.42
N THR A 218 21.55 -11.46 12.87
CA THR A 218 20.14 -11.07 12.76
C THR A 218 19.36 -12.36 12.89
N ASN A 219 18.04 -12.30 12.85
CA ASN A 219 17.27 -13.51 12.64
C ASN A 219 17.35 -14.02 11.21
N THR A 220 16.97 -15.27 10.96
CA THR A 220 17.25 -15.89 9.66
C THR A 220 16.56 -15.15 8.52
N TRP A 221 15.31 -14.74 8.79
CA TRP A 221 14.50 -14.09 7.78
C TRP A 221 14.99 -12.70 7.42
N SER A 222 15.45 -11.93 8.41
CA SER A 222 16.06 -10.63 8.09
C SER A 222 17.30 -10.74 7.18
N SER A 223 18.09 -11.78 7.39
CA SER A 223 19.34 -11.97 6.63
C SER A 223 19.02 -12.32 5.18
N GLU A 224 18.13 -13.30 4.98
CA GLU A 224 17.69 -13.68 3.63
C GLU A 224 17.06 -12.51 2.90
N LEU A 225 16.15 -11.79 3.59
CA LEU A 225 15.50 -10.61 3.01
C LEU A 225 16.50 -9.52 2.67
N SER A 226 17.44 -9.25 3.57
CA SER A 226 18.44 -8.20 3.34
C SER A 226 19.24 -8.37 2.07
N LYS A 227 19.55 -9.61 1.69
CA LYS A 227 20.26 -9.86 0.44
C LYS A 227 19.47 -9.41 -0.80
N LEU A 228 18.20 -9.81 -0.88
CA LEU A 228 17.32 -9.36 -1.99
C LEU A 228 17.17 -7.83 -2.04
N VAL A 229 16.98 -7.25 -0.86
CA VAL A 229 16.66 -5.82 -0.73
C VAL A 229 17.85 -4.96 -1.11
N ALA A 230 19.05 -5.39 -0.69
CA ALA A 230 20.29 -4.67 -1.03
C ALA A 230 20.44 -4.60 -2.55
N ASN A 231 20.33 -5.74 -3.22
CA ASN A 231 20.34 -5.78 -4.67
C ASN A 231 19.21 -4.97 -5.32
N ALA A 232 18.04 -4.98 -4.69
CA ALA A 232 16.90 -4.19 -5.17
C ALA A 232 17.17 -2.69 -5.11
N PHE A 233 17.79 -2.25 -4.02
CA PHE A 233 18.12 -0.84 -3.82
C PHE A 233 19.13 -0.36 -4.85
N LEU A 234 20.09 -1.23 -5.17
CA LEU A 234 21.11 -0.90 -6.18
C LEU A 234 20.50 -0.74 -7.57
N ALA A 235 19.68 -1.71 -7.95
CA ALA A 235 18.99 -1.68 -9.24
C ALA A 235 18.05 -0.49 -9.31
N GLN A 236 17.39 -0.15 -8.20
CA GLN A 236 16.48 1.02 -8.15
C GLN A 236 17.23 2.33 -8.48
N ARG A 237 18.44 2.48 -7.95
CA ARG A 237 19.27 3.63 -8.27
C ARG A 237 19.49 3.79 -9.77
N ILE A 238 19.86 2.70 -10.43
CA ILE A 238 20.01 2.66 -11.88
C ILE A 238 18.69 2.96 -12.61
N SER A 239 17.59 2.32 -12.21
CA SER A 239 16.31 2.67 -12.82
C SER A 239 15.88 4.10 -12.56
N SER A 240 16.15 4.63 -11.37
CA SER A 240 15.81 5.99 -11.07
C SER A 240 16.55 6.98 -11.94
N ILE A 241 17.82 6.77 -12.14
CA ILE A 241 18.58 7.61 -13.00
C ILE A 241 18.22 7.43 -14.46
N ASN A 242 17.91 6.21 -14.86
CA ASN A 242 17.55 5.94 -16.24
C ASN A 242 16.22 6.58 -16.60
N SER A 243 15.30 6.59 -15.63
CA SER A 243 14.02 7.26 -15.84
C SER A 243 14.25 8.75 -16.08
N ILE A 244 15.16 9.34 -15.29
CA ILE A 244 15.48 10.76 -15.41
C ILE A 244 16.21 11.09 -16.73
N SER A 245 16.98 10.14 -17.26
CA SER A 245 17.57 10.28 -18.58
C SER A 245 16.59 10.65 -19.71
N ALA A 246 15.42 10.04 -19.71
CA ALA A 246 14.33 10.43 -20.60
C ALA A 246 13.84 11.86 -20.42
N VAL A 247 13.74 12.31 -19.16
CA VAL A 247 13.38 13.70 -18.84
C VAL A 247 14.39 14.68 -19.41
N CYS A 248 15.67 14.36 -19.24
CA CYS A 248 16.77 15.13 -19.80
C CYS A 248 16.64 15.25 -21.31
N GLU A 249 16.47 14.11 -22.00
CA GLU A 249 16.18 14.09 -23.44
C GLU A 249 15.05 15.02 -23.87
N ALA A 250 13.99 15.08 -23.06
CA ALA A 250 12.81 15.88 -23.37
C ALA A 250 12.99 17.38 -23.11
N THR A 251 13.89 17.74 -22.20
CA THR A 251 13.96 19.13 -21.71
C THR A 251 15.24 19.88 -22.07
N GLY A 252 16.29 19.14 -22.42
CA GLY A 252 17.58 19.75 -22.72
C GLY A 252 18.55 19.77 -21.55
N ALA A 253 18.08 19.33 -20.38
CA ALA A 253 18.98 18.93 -19.30
C ALA A 253 19.85 17.77 -19.76
N GLU A 254 20.90 17.49 -18.97
CA GLU A 254 21.89 16.46 -19.30
C GLU A 254 22.02 15.51 -18.12
N ILE A 255 21.97 14.21 -18.39
CA ILE A 255 21.89 13.22 -17.31
C ILE A 255 23.21 13.09 -16.54
N SER A 256 24.32 13.23 -17.27
CA SER A 256 25.66 13.30 -16.67
C SER A 256 25.75 14.45 -15.67
N GLU A 257 25.21 15.61 -16.05
CA GLU A 257 25.14 16.79 -15.18
C GLU A 257 24.21 16.64 -13.96
N VAL A 258 23.05 16.02 -14.14
CA VAL A 258 22.12 15.75 -13.02
C VAL A 258 22.68 14.71 -12.05
N ALA A 259 23.25 13.64 -12.59
CA ALA A 259 23.81 12.56 -11.75
C ALA A 259 24.95 13.07 -10.84
N HIS A 260 25.81 13.91 -11.40
CA HIS A 260 26.85 14.60 -10.65
C HIS A 260 26.31 15.42 -9.48
N ALA A 261 25.36 16.30 -9.78
CA ALA A 261 24.79 17.22 -8.79
C ALA A 261 24.05 16.48 -7.70
N VAL A 262 23.32 15.43 -8.09
CA VAL A 262 22.55 14.61 -7.15
C VAL A 262 23.48 13.72 -6.32
N GLY A 263 24.47 13.12 -6.96
CA GLY A 263 25.41 12.23 -6.29
C GLY A 263 26.30 12.86 -5.23
N TYR A 264 26.40 14.19 -5.26
CA TYR A 264 27.17 14.95 -4.27
C TYR A 264 26.47 15.15 -2.94
N ASP A 265 25.21 14.74 -2.83
CA ASP A 265 24.58 14.67 -1.53
C ASP A 265 25.08 13.41 -0.86
N THR A 266 25.69 13.56 0.31
CA THR A 266 26.33 12.43 1.01
C THR A 266 25.33 11.39 1.52
N ARG A 267 24.05 11.75 1.56
CA ARG A 267 23.01 10.84 2.03
C ARG A 267 22.50 9.95 0.87
N ILE A 268 22.69 10.45 -0.34
CA ILE A 268 22.39 9.70 -1.57
C ILE A 268 23.63 8.90 -2.01
N GLY A 269 24.77 9.59 -2.14
CA GLY A 269 26.03 8.97 -2.55
C GLY A 269 26.20 8.97 -4.06
N SER A 270 27.41 8.73 -4.53
CA SER A 270 27.74 8.95 -5.94
C SER A 270 27.85 7.65 -6.74
N LYS A 271 27.68 6.52 -6.06
CA LYS A 271 27.79 5.23 -6.74
C LYS A 271 26.46 4.80 -7.33
N PHE A 272 26.54 3.94 -8.35
CA PHE A 272 25.37 3.38 -9.01
C PHE A 272 24.42 4.43 -9.61
N LEU A 273 25.01 5.43 -10.26
CA LEU A 273 24.24 6.56 -10.78
C LEU A 273 24.63 6.81 -12.23
N GLN A 274 25.19 5.77 -12.85
CA GLN A 274 25.52 5.78 -14.25
C GLN A 274 24.33 5.31 -15.06
N ALA A 275 23.68 6.25 -15.75
CA ALA A 275 22.64 5.95 -16.73
C ALA A 275 23.19 5.09 -17.86
N SER A 276 22.32 4.28 -18.44
CA SER A 276 22.72 3.26 -19.41
C SER A 276 21.47 2.78 -20.15
N VAL A 277 21.67 1.91 -21.12
CA VAL A 277 20.58 1.26 -21.85
C VAL A 277 19.87 0.24 -20.96
N GLY A 278 20.56 -0.18 -19.89
CA GLY A 278 19.92 -0.77 -18.72
C GLY A 278 20.82 -1.78 -18.00
N PHE A 279 20.52 -2.04 -16.73
CA PHE A 279 21.33 -2.97 -15.95
C PHE A 279 21.16 -4.41 -16.40
N GLY A 280 22.20 -5.22 -16.17
CA GLY A 280 22.22 -6.63 -16.53
C GLY A 280 22.89 -7.46 -15.44
N GLY A 281 23.09 -8.75 -15.72
CA GLY A 281 23.76 -9.66 -14.80
C GLY A 281 22.84 -10.65 -14.14
N SER A 282 23.43 -11.63 -13.48
CA SER A 282 22.67 -12.73 -12.90
C SER A 282 22.04 -12.37 -11.57
N CYS A 283 22.24 -11.14 -11.10
CA CYS A 283 21.81 -10.74 -9.76
C CYS A 283 20.62 -9.80 -9.75
N PHE A 284 20.70 -8.69 -10.47
CA PHE A 284 19.80 -7.58 -10.21
C PHE A 284 18.35 -7.88 -10.55
N GLN A 285 18.08 -8.29 -11.80
CA GLN A 285 16.70 -8.57 -12.20
C GLN A 285 16.16 -9.75 -11.41
N LYS A 286 16.95 -10.81 -11.34
CA LYS A 286 16.55 -12.02 -10.62
C LYS A 286 16.12 -11.71 -9.17
N ASP A 287 16.94 -10.92 -8.47
CA ASP A 287 16.65 -10.63 -7.08
C ASP A 287 15.47 -9.66 -6.90
N VAL A 288 15.33 -8.69 -7.79
CA VAL A 288 14.20 -7.78 -7.75
C VAL A 288 12.90 -8.56 -8.01
N LEU A 289 12.93 -9.44 -9.01
CA LEU A 289 11.75 -10.29 -9.30
C LEU A 289 11.40 -11.30 -8.21
N SER A 290 12.43 -11.86 -7.56
CA SER A 290 12.24 -12.68 -6.36
CA SER A 290 12.24 -12.68 -6.36
C SER A 290 11.46 -11.95 -5.27
N LEU A 291 11.80 -10.67 -5.07
CA LEU A 291 11.17 -9.85 -4.03
C LEU A 291 9.75 -9.46 -4.45
N VAL A 292 9.55 -9.12 -5.72
CA VAL A 292 8.19 -8.91 -6.28
C VAL A 292 7.30 -10.12 -6.03
N TYR A 293 7.81 -11.30 -6.37
CA TYR A 293 7.07 -12.54 -6.21
C TYR A 293 6.74 -12.80 -4.74
N LEU A 294 7.74 -12.62 -3.88
CA LEU A 294 7.54 -12.66 -2.45
C LEU A 294 6.38 -11.75 -2.02
N CYS A 295 6.42 -10.48 -2.42
CA CYS A 295 5.37 -9.53 -2.05
C CYS A 295 3.98 -9.94 -2.58
N GLU A 296 3.93 -10.40 -3.83
CA GLU A 296 2.66 -10.94 -4.37
C GLU A 296 2.14 -12.06 -3.47
N SER A 297 3.04 -12.96 -3.09
CA SER A 297 2.66 -14.13 -2.29
C SER A 297 2.24 -13.76 -0.88
N LEU A 298 2.71 -12.61 -0.37
CA LEU A 298 2.28 -12.12 0.95
C LEU A 298 1.01 -11.25 0.92
N ASN A 299 0.37 -11.15 -0.24
CA ASN A 299 -0.70 -10.18 -0.47
C ASN A 299 -0.29 -8.77 -0.12
N LEU A 300 0.87 -8.36 -0.64
CA LEU A 300 1.28 -6.97 -0.57
C LEU A 300 1.43 -6.46 -1.98
N PRO A 301 0.32 -6.31 -2.73
CA PRO A 301 0.46 -5.95 -4.14
C PRO A 301 1.02 -4.56 -4.34
N GLN A 302 0.80 -3.67 -3.38
CA GLN A 302 1.35 -2.29 -3.44
C GLN A 302 2.90 -2.24 -3.48
N VAL A 303 3.51 -3.03 -2.61
CA VAL A 303 4.95 -3.23 -2.54
C VAL A 303 5.44 -3.95 -3.80
N ALA A 304 4.79 -5.05 -4.16
CA ALA A 304 5.05 -5.71 -5.44
C ALA A 304 5.09 -4.74 -6.62
N ASP A 305 4.03 -3.94 -6.78
CA ASP A 305 3.98 -2.95 -7.86
C ASP A 305 5.14 -1.95 -7.75
N TYR A 306 5.46 -1.53 -6.53
CA TYR A 306 6.54 -0.55 -6.31
C TYR A 306 7.90 -1.08 -6.83
N TRP A 307 8.26 -2.30 -6.45
CA TRP A 307 9.52 -2.91 -6.90
C TRP A 307 9.49 -3.36 -8.37
N GLN A 308 8.33 -3.76 -8.88
CA GLN A 308 8.20 -4.06 -10.32
C GLN A 308 8.56 -2.87 -11.21
N GLY A 309 8.31 -1.66 -10.71
CA GLY A 309 8.67 -0.46 -11.47
C GLY A 309 10.16 -0.37 -11.83
N VAL A 310 11.02 -0.89 -10.95
CA VAL A 310 12.46 -1.00 -11.23
C VAL A 310 12.68 -1.82 -12.50
N ILE A 311 12.01 -2.97 -12.59
CA ILE A 311 12.10 -3.80 -13.79
C ILE A 311 11.41 -3.15 -15.00
N ASN A 312 10.25 -2.52 -14.77
CA ASN A 312 9.51 -1.82 -15.84
C ASN A 312 10.36 -0.74 -16.52
N ILE A 313 11.02 0.09 -15.72
CA ILE A 313 11.88 1.10 -16.26
C ILE A 313 13.02 0.50 -17.08
N ASN A 314 13.67 -0.53 -16.55
CA ASN A 314 14.78 -1.19 -17.26
C ASN A 314 14.39 -1.69 -18.65
N ASN A 315 13.23 -2.35 -18.73
CA ASN A 315 12.75 -2.90 -20.01
C ASN A 315 12.30 -1.76 -20.95
N TRP A 316 11.78 -0.69 -20.36
CA TRP A 316 11.35 0.50 -21.09
C TRP A 316 12.53 1.27 -21.68
N GLN A 317 13.59 1.47 -20.90
CA GLN A 317 14.88 1.99 -21.41
C GLN A 317 15.40 1.21 -22.63
N ARG A 318 15.52 -0.11 -22.51
CA ARG A 318 15.94 -0.97 -23.64
C ARG A 318 15.04 -0.81 -24.86
N ARG A 319 13.73 -0.86 -24.64
CA ARG A 319 12.74 -0.78 -25.70
C ARG A 319 12.78 0.60 -26.39
N ARG A 320 12.80 1.67 -25.59
CA ARG A 320 12.69 3.01 -26.16
C ARG A 320 13.97 3.43 -26.90
N PHE A 321 15.11 2.89 -26.45
CA PHE A 321 16.39 3.02 -27.16
C PHE A 321 16.32 2.38 -28.54
N ALA A 322 15.88 1.12 -28.61
CA ALA A 322 15.71 0.45 -29.90
C ALA A 322 14.70 1.13 -30.82
N ASP A 323 13.63 1.69 -30.25
CA ASP A 323 12.62 2.43 -31.00
C ASP A 323 13.24 3.58 -31.77
N LYS A 324 14.13 4.29 -31.09
CA LYS A 324 14.83 5.45 -31.62
C LYS A 324 15.76 5.09 -32.79
N ILE A 325 16.41 3.93 -32.70
CA ILE A 325 17.20 3.38 -33.79
C ILE A 325 16.30 3.06 -34.99
N ILE A 326 15.19 2.38 -34.73
CA ILE A 326 14.24 1.99 -35.78
C ILE A 326 13.66 3.24 -36.45
N ALA A 327 13.22 4.20 -35.65
CA ALA A 327 12.67 5.46 -36.16
C ALA A 327 13.65 6.24 -37.05
N GLU A 328 14.86 6.50 -36.55
CA GLU A 328 15.83 7.29 -37.30
C GLU A 328 16.27 6.64 -38.62
N LEU A 329 16.10 5.32 -38.71
CA LEU A 329 16.34 4.58 -39.95
C LEU A 329 15.06 4.41 -40.77
N PHE A 330 14.23 5.45 -40.75
CA PHE A 330 13.02 5.58 -41.59
C PHE A 330 11.92 4.57 -41.26
N ASN A 331 11.92 4.02 -40.04
CA ASN A 331 10.94 3.02 -39.58
C ASN A 331 10.97 1.76 -40.43
N THR A 332 12.13 1.52 -41.04
CA THR A 332 12.32 0.34 -41.89
C THR A 332 13.77 -0.14 -41.85
N VAL A 333 13.97 -1.41 -41.51
CA VAL A 333 15.31 -1.97 -41.35
C VAL A 333 15.42 -3.42 -41.82
N THR A 334 14.46 -3.90 -42.61
CA THR A 334 14.55 -5.25 -43.19
C THR A 334 15.79 -5.35 -44.08
N ASP A 335 16.60 -6.40 -43.87
CA ASP A 335 17.89 -6.60 -44.55
C ASP A 335 18.96 -5.51 -44.35
N LYS A 336 18.61 -4.48 -43.57
CA LYS A 336 19.48 -3.32 -43.36
C LYS A 336 20.55 -3.59 -42.30
N LYS A 337 21.80 -3.27 -42.63
CA LYS A 337 22.94 -3.62 -41.80
C LYS A 337 23.18 -2.69 -40.61
N ILE A 338 23.19 -3.28 -39.42
CA ILE A 338 23.47 -2.50 -38.22
C ILE A 338 24.59 -3.16 -37.42
N ALA A 339 25.55 -2.35 -36.99
CA ALA A 339 26.65 -2.85 -36.17
C ALA A 339 26.44 -2.62 -34.69
N ILE A 340 26.40 -3.71 -33.94
CA ILE A 340 26.37 -3.64 -32.48
C ILE A 340 27.80 -3.68 -31.94
N PHE A 341 28.18 -2.61 -31.24
CA PHE A 341 29.40 -2.58 -30.41
C PHE A 341 29.10 -3.04 -28.97
N GLY A 342 29.37 -4.31 -28.67
CA GLY A 342 29.25 -4.84 -27.30
C GLY A 342 28.12 -5.82 -27.10
N PHE A 343 28.39 -6.87 -26.35
CA PHE A 343 27.41 -7.93 -26.07
C PHE A 343 27.36 -8.34 -24.60
N ALA A 344 28.50 -8.31 -23.92
CA ALA A 344 28.56 -8.76 -22.53
C ALA A 344 27.74 -7.79 -21.67
N PHE A 345 27.25 -8.23 -20.51
CA PHE A 345 26.34 -7.40 -19.70
C PHE A 345 26.97 -6.12 -19.15
N LYS A 346 28.29 -6.15 -18.97
CA LYS A 346 29.08 -4.95 -18.72
C LYS A 346 30.46 -5.14 -19.32
N LYS A 347 31.27 -4.10 -19.29
CA LYS A 347 32.67 -4.20 -19.72
C LYS A 347 33.50 -5.10 -18.80
N ASN A 348 34.58 -5.64 -19.35
CA ASN A 348 35.58 -6.43 -18.61
C ASN A 348 35.11 -7.80 -18.17
N THR A 349 34.11 -8.35 -18.88
CA THR A 349 33.68 -9.71 -18.64
C THR A 349 33.27 -10.39 -19.93
N GLY A 350 33.23 -11.72 -19.91
CA GLY A 350 32.52 -12.50 -20.92
C GLY A 350 31.11 -12.95 -20.52
N ASP A 351 30.66 -12.53 -19.35
CA ASP A 351 29.32 -12.82 -18.82
C ASP A 351 28.27 -12.12 -19.67
N THR A 352 27.28 -12.88 -20.14
CA THR A 352 26.21 -12.31 -20.94
C THR A 352 24.86 -12.33 -20.21
N ARG A 353 24.82 -12.79 -18.97
CA ARG A 353 23.54 -13.07 -18.34
C ARG A 353 22.76 -11.77 -18.16
N GLU A 354 21.48 -11.80 -18.56
CA GLU A 354 20.61 -10.63 -18.59
C GLU A 354 21.18 -9.38 -19.25
N SER A 355 22.05 -9.58 -20.24
CA SER A 355 22.69 -8.44 -20.93
C SER A 355 21.67 -7.66 -21.76
N SER A 356 21.72 -6.35 -21.59
CA SER A 356 20.82 -5.43 -22.27
C SER A 356 21.00 -5.58 -23.77
N ALA A 357 22.22 -5.98 -24.17
CA ALA A 357 22.52 -6.22 -25.57
C ALA A 357 21.68 -7.33 -26.18
N ILE A 358 21.56 -8.46 -25.48
CA ILE A 358 20.64 -9.53 -25.92
C ILE A 358 19.25 -8.99 -26.26
N HIS A 359 18.71 -8.15 -25.37
CA HIS A 359 17.34 -7.67 -25.54
C HIS A 359 17.13 -6.55 -26.57
N VAL A 360 18.05 -5.58 -26.62
CA VAL A 360 18.06 -4.59 -27.72
C VAL A 360 18.21 -5.23 -29.12
N ILE A 361 19.07 -6.24 -29.22
CA ILE A 361 19.29 -6.93 -30.51
C ILE A 361 18.02 -7.67 -30.92
N LYS A 362 17.37 -8.29 -29.94
CA LYS A 362 16.13 -9.02 -30.17
C LYS A 362 15.06 -8.10 -30.77
N HIS A 363 14.98 -6.88 -30.25
CA HIS A 363 14.05 -5.88 -30.77
C HIS A 363 14.36 -5.59 -32.22
N LEU A 364 15.64 -5.43 -32.53
CA LEU A 364 16.07 -5.15 -33.90
C LEU A 364 15.92 -6.32 -34.89
N MET A 365 16.18 -7.54 -34.42
CA MET A 365 15.81 -8.79 -35.14
C MET A 365 14.30 -8.92 -35.50
N GLU A 366 13.42 -8.41 -34.64
CA GLU A 366 11.97 -8.38 -34.91
C GLU A 366 11.66 -7.57 -36.17
N GLU A 367 12.41 -6.49 -36.34
CA GLU A 367 12.30 -5.64 -37.51
C GLU A 367 13.14 -6.15 -38.69
N HIS A 368 13.63 -7.38 -38.57
CA HIS A 368 14.33 -8.08 -39.64
C HIS A 368 15.64 -7.44 -40.04
N ALA A 369 16.25 -6.72 -39.09
CA ALA A 369 17.54 -6.05 -39.33
C ALA A 369 18.67 -7.06 -39.49
N LYS A 370 19.71 -6.65 -40.20
CA LYS A 370 20.87 -7.51 -40.37
C LYS A 370 21.95 -7.02 -39.43
N LEU A 371 22.33 -7.88 -38.49
CA LEU A 371 23.08 -7.41 -37.33
C LEU A 371 24.49 -7.96 -37.29
N SER A 372 25.47 -7.06 -37.23
CA SER A 372 26.87 -7.46 -37.06
C SER A 372 27.46 -7.14 -35.70
N VAL A 373 27.66 -8.18 -34.89
CA VAL A 373 27.98 -7.97 -33.48
C VAL A 373 29.49 -8.14 -33.24
N TYR A 374 30.10 -7.17 -32.56
CA TYR A 374 31.44 -7.34 -32.01
C TYR A 374 31.53 -7.15 -30.49
N ASP A 375 32.08 -8.15 -29.80
CA ASP A 375 32.50 -8.01 -28.41
C ASP A 375 33.92 -8.56 -28.23
N PRO A 376 34.80 -7.79 -27.55
CA PRO A 376 36.17 -8.21 -27.22
C PRO A 376 36.31 -9.56 -26.51
N LYS A 377 35.33 -9.92 -25.68
CA LYS A 377 35.50 -11.03 -24.75
C LYS A 377 34.52 -12.20 -24.94
N VAL A 378 33.25 -11.93 -25.26
CA VAL A 378 32.25 -13.01 -25.31
C VAL A 378 32.53 -13.99 -26.44
N GLN A 379 32.46 -15.28 -26.10
CA GLN A 379 32.57 -16.34 -27.10
C GLN A 379 31.45 -16.27 -28.12
N LYS A 380 31.83 -16.47 -29.38
CA LYS A 380 30.91 -16.57 -30.50
C LYS A 380 29.78 -17.56 -30.21
N SER A 381 30.14 -18.76 -29.75
CA SER A 381 29.14 -19.79 -29.42
C SER A 381 28.11 -19.32 -28.39
N GLN A 382 28.59 -18.64 -27.34
CA GLN A 382 27.73 -18.08 -26.29
C GLN A 382 26.73 -17.09 -26.87
N MET A 383 27.23 -16.17 -27.68
CA MET A 383 26.42 -15.15 -28.35
C MET A 383 25.27 -15.78 -29.09
N LEU A 384 25.60 -16.75 -29.95
CA LEU A 384 24.63 -17.36 -30.84
C LEU A 384 23.65 -18.21 -30.07
N ASN A 385 24.11 -18.85 -28.99
CA ASN A 385 23.21 -19.58 -28.08
C ASN A 385 22.22 -18.66 -27.34
N ASP A 386 22.73 -17.54 -26.82
CA ASP A 386 21.92 -16.50 -26.14
C ASP A 386 20.77 -15.99 -26.98
N LEU A 387 21.11 -15.49 -28.17
CA LEU A 387 20.13 -14.97 -29.12
C LEU A 387 19.10 -15.99 -29.58
N ALA A 388 19.55 -17.23 -29.80
CA ALA A 388 18.67 -18.32 -30.17
C ALA A 388 17.61 -18.57 -29.09
N SER A 389 18.04 -18.45 -27.82
CA SER A 389 17.17 -18.79 -26.69
C SER A 389 16.01 -17.80 -26.55
N VAL A 390 16.23 -16.57 -26.99
CA VAL A 390 15.19 -15.54 -26.98
C VAL A 390 14.51 -15.32 -28.33
N THR A 391 15.07 -15.90 -29.39
CA THR A 391 14.42 -15.94 -30.70
C THR A 391 14.30 -17.38 -31.21
N SER A 392 15.06 -17.73 -32.26
CA SER A 392 15.26 -19.13 -32.64
C SER A 392 16.59 -19.30 -33.36
N ALA A 393 17.11 -20.53 -33.35
CA ALA A 393 18.37 -20.85 -34.06
C ALA A 393 18.30 -20.44 -35.54
N GLN A 394 17.14 -20.67 -36.14
CA GLN A 394 16.81 -20.23 -37.49
C GLN A 394 16.94 -18.71 -37.67
N ASP A 395 16.35 -17.94 -36.76
CA ASP A 395 16.37 -16.48 -36.85
C ASP A 395 17.78 -15.87 -36.74
N VAL A 396 18.60 -16.40 -35.85
CA VAL A 396 19.98 -15.92 -35.74
C VAL A 396 20.85 -16.38 -36.92
N GLU A 397 20.57 -17.58 -37.44
CA GLU A 397 21.15 -18.01 -38.72
C GLU A 397 20.89 -16.97 -39.83
N ARG A 398 19.69 -16.41 -39.83
CA ARG A 398 19.25 -15.51 -40.88
C ARG A 398 19.79 -14.09 -40.71
N LEU A 399 19.86 -13.62 -39.46
CA LEU A 399 20.02 -12.21 -39.19
C LEU A 399 21.37 -11.84 -38.55
N ILE A 400 22.06 -12.83 -38.00
CA ILE A 400 23.15 -12.56 -37.08
C ILE A 400 24.50 -12.97 -37.67
N THR A 401 25.39 -11.98 -37.82
CA THR A 401 26.81 -12.24 -38.08
C THR A 401 27.65 -11.71 -36.92
N VAL A 402 28.55 -12.54 -36.42
CA VAL A 402 29.45 -12.12 -35.33
C VAL A 402 30.84 -11.88 -35.87
N GLU A 403 31.42 -10.75 -35.49
CA GLU A 403 32.72 -10.31 -36.00
C GLU A 403 33.81 -10.38 -34.92
N SER A 404 35.03 -10.69 -35.34
CA SER A 404 36.19 -10.55 -34.45
C SER A 404 36.84 -9.16 -34.52
N ASP A 405 36.27 -8.29 -35.35
CA ASP A 405 36.77 -6.92 -35.52
C ASP A 405 35.60 -5.92 -35.51
N PRO A 406 35.74 -4.79 -34.79
CA PRO A 406 34.76 -3.70 -34.80
C PRO A 406 34.60 -2.96 -36.14
N TYR A 407 35.67 -2.86 -36.92
CA TYR A 407 35.64 -2.22 -38.25
C TYR A 407 34.94 -3.11 -39.27
N ALA A 408 35.06 -4.42 -39.08
CA ALA A 408 34.38 -5.39 -39.93
C ALA A 408 32.87 -5.43 -39.69
N ALA A 409 32.47 -5.09 -38.47
CA ALA A 409 31.05 -5.00 -38.11
C ALA A 409 30.44 -3.71 -38.63
N ALA A 410 31.15 -2.60 -38.44
CA ALA A 410 30.68 -1.26 -38.82
C ALA A 410 30.67 -1.01 -40.32
N ARG A 411 31.35 -1.89 -41.06
CA ARG A 411 31.55 -1.69 -42.49
C ARG A 411 30.22 -1.82 -43.25
N GLY A 412 29.83 -0.74 -43.93
CA GLY A 412 28.62 -0.75 -44.77
C GLY A 412 27.33 -0.86 -43.97
N ALA A 413 27.40 -0.47 -42.70
CA ALA A 413 26.26 -0.49 -41.79
C ALA A 413 25.56 0.87 -41.87
N HIS A 414 24.26 0.92 -41.61
CA HIS A 414 23.55 2.20 -41.58
C HIS A 414 23.60 2.81 -40.18
N ALA A 415 23.95 1.99 -39.20
CA ALA A 415 23.94 2.40 -37.80
C ALA A 415 25.03 1.73 -36.97
N ILE A 416 25.55 2.49 -36.01
CA ILE A 416 26.37 1.94 -34.94
C ILE A 416 25.65 2.04 -33.60
N VAL A 417 25.53 0.91 -32.91
CA VAL A 417 24.92 0.89 -31.58
C VAL A 417 25.94 0.40 -30.55
N VAL A 418 26.31 1.29 -29.61
CA VAL A 418 27.12 0.85 -28.49
C VAL A 418 26.29 0.43 -27.27
N LEU A 419 26.44 -0.84 -26.88
CA LEU A 419 25.59 -1.46 -25.89
C LEU A 419 26.35 -1.98 -24.65
N THR A 420 27.67 -2.10 -24.79
CA THR A 420 28.54 -2.41 -23.65
C THR A 420 29.69 -1.41 -23.58
N GLU A 421 30.05 -0.99 -22.38
CA GLU A 421 30.85 0.23 -22.17
C GLU A 421 32.38 0.03 -22.32
N TRP A 422 32.79 -0.93 -23.16
CA TRP A 422 34.21 -1.25 -23.36
C TRP A 422 35.01 0.00 -23.70
N ASP A 423 36.15 0.17 -23.01
CA ASP A 423 37.05 1.30 -23.22
C ASP A 423 37.57 1.41 -24.65
N GLU A 424 37.77 0.26 -25.31
CA GLU A 424 38.30 0.25 -26.66
C GLU A 424 37.38 0.78 -27.78
N PHE A 425 36.09 1.00 -27.45
CA PHE A 425 35.17 1.69 -28.37
C PHE A 425 35.41 3.20 -28.41
N VAL A 426 35.76 3.78 -27.26
CA VAL A 426 36.29 5.14 -27.23
C VAL A 426 37.63 5.12 -27.98
N GLU A 427 37.85 6.14 -28.82
CA GLU A 427 39.02 6.24 -29.70
C GLU A 427 39.27 5.01 -30.58
N LEU A 428 38.20 4.46 -31.13
CA LEU A 428 38.24 3.87 -32.47
C LEU A 428 38.37 5.01 -33.47
N ASN A 429 38.81 4.67 -34.68
CA ASN A 429 38.85 5.65 -35.77
C ASN A 429 37.46 5.90 -36.34
N TYR A 430 36.72 6.81 -35.71
CA TYR A 430 35.32 7.05 -36.06
C TYR A 430 35.13 7.79 -37.37
N SER A 431 36.12 8.60 -37.77
CA SER A 431 36.09 9.27 -39.07
CA SER A 431 36.08 9.27 -39.07
C SER A 431 36.14 8.27 -40.21
N GLN A 432 36.95 7.23 -40.04
CA GLN A 432 37.06 6.15 -41.01
C GLN A 432 35.81 5.27 -40.99
N ILE A 433 35.29 5.01 -39.79
CA ILE A 433 34.04 4.27 -39.63
C ILE A 433 32.93 4.98 -40.40
N HIS A 434 32.77 6.28 -40.14
CA HIS A 434 31.87 7.15 -40.90
C HIS A 434 31.99 6.90 -42.40
N ASN A 435 33.22 6.97 -42.90
CA ASN A 435 33.50 6.88 -44.33
C ASN A 435 33.03 5.57 -44.96
N ASP A 436 33.22 4.47 -44.26
CA ASP A 436 32.83 3.15 -44.78
C ASP A 436 31.39 2.72 -44.45
N MET A 437 30.65 3.60 -43.79
CA MET A 437 29.24 3.37 -43.48
CA MET A 437 29.24 3.33 -43.49
C MET A 437 28.35 3.74 -44.66
N GLN A 438 27.06 3.47 -44.54
CA GLN A 438 26.06 4.10 -45.40
CA GLN A 438 26.08 4.11 -45.41
C GLN A 438 25.79 5.54 -44.97
N HIS A 439 25.14 6.31 -45.85
CA HIS A 439 24.94 7.73 -45.62
C HIS A 439 23.50 8.15 -45.90
N PRO A 440 22.84 8.82 -44.92
CA PRO A 440 23.43 9.38 -43.70
C PRO A 440 23.77 8.32 -42.65
N ALA A 441 24.74 8.63 -41.81
CA ALA A 441 25.31 7.66 -40.90
C ALA A 441 24.83 7.98 -39.49
N ALA A 442 24.40 6.94 -38.77
CA ALA A 442 23.90 7.12 -37.42
C ALA A 442 24.72 6.38 -36.36
N ILE A 443 24.95 7.04 -35.24
CA ILE A 443 25.51 6.38 -34.07
C ILE A 443 24.67 6.55 -32.79
N PHE A 444 24.43 5.44 -32.11
CA PHE A 444 23.65 5.43 -30.87
C PHE A 444 24.52 4.94 -29.71
N ASP A 445 24.76 5.82 -28.74
CA ASP A 445 25.53 5.48 -27.58
C ASP A 445 24.65 5.11 -26.37
N GLY A 446 24.48 3.82 -26.13
CA GLY A 446 23.74 3.34 -24.97
C GLY A 446 24.47 3.34 -23.65
N ARG A 447 25.73 3.80 -23.66
CA ARG A 447 26.60 3.68 -22.48
C ARG A 447 27.32 4.96 -22.05
N LEU A 448 27.15 6.02 -22.84
CA LEU A 448 27.56 7.38 -22.46
C LEU A 448 29.08 7.48 -22.33
N ILE A 449 29.78 6.76 -23.21
CA ILE A 449 31.26 6.69 -23.24
C ILE A 449 31.87 7.51 -24.37
N LEU A 450 31.04 7.93 -25.33
CA LEU A 450 31.52 8.60 -26.55
C LEU A 450 31.41 10.12 -26.45
N ASP A 451 32.24 10.79 -27.25
CA ASP A 451 32.24 12.24 -27.34
C ASP A 451 31.24 12.67 -28.39
N GLN A 452 30.15 13.30 -27.93
CA GLN A 452 29.04 13.71 -28.79
C GLN A 452 29.44 14.82 -29.77
N LYS A 453 30.09 15.86 -29.23
CA LYS A 453 30.60 16.98 -30.04
C LYS A 453 31.50 16.55 -31.21
N ALA A 454 32.48 15.70 -30.94
CA ALA A 454 33.40 15.21 -31.97
C ALA A 454 32.69 14.41 -33.06
N LEU A 455 31.79 13.51 -32.65
CA LEU A 455 31.07 12.65 -33.59
C LEU A 455 30.13 13.45 -34.49
N ARG A 456 29.58 14.52 -33.92
CA ARG A 456 28.77 15.49 -34.66
C ARG A 456 29.59 16.18 -35.74
N GLU A 457 30.77 16.65 -35.35
CA GLU A 457 31.71 17.28 -36.28
C GLU A 457 32.16 16.37 -37.42
N ILE A 458 32.48 15.11 -37.09
CA ILE A 458 32.71 14.07 -38.10
C ILE A 458 31.58 13.95 -39.13
N GLY A 459 30.35 14.14 -38.67
CA GLY A 459 29.19 14.16 -39.57
C GLY A 459 28.15 13.10 -39.30
N PHE A 460 28.28 12.39 -38.19
CA PHE A 460 27.30 11.39 -37.77
C PHE A 460 26.02 12.08 -37.37
N ARG A 461 24.88 11.45 -37.68
CA ARG A 461 23.70 11.57 -36.82
C ARG A 461 23.95 10.80 -35.52
N THR A 462 24.11 11.55 -34.43
CA THR A 462 24.60 10.96 -33.18
C THR A 462 23.58 11.07 -32.03
N PHE A 463 23.36 9.96 -31.34
CA PHE A 463 22.46 9.92 -30.17
CA PHE A 463 22.50 9.96 -30.18
C PHE A 463 23.13 9.29 -28.96
N ALA A 464 22.84 9.86 -27.78
CA ALA A 464 23.20 9.30 -26.49
C ALA A 464 22.00 9.37 -25.55
N ILE A 465 21.84 8.32 -24.76
CA ILE A 465 20.87 8.30 -23.65
C ILE A 465 21.15 9.45 -22.69
N GLY A 466 20.15 10.28 -22.45
CA GLY A 466 20.24 11.32 -21.43
C GLY A 466 20.70 12.64 -21.99
N THR A 467 20.82 12.70 -23.31
CA THR A 467 21.02 13.95 -24.03
C THR A 467 19.93 14.19 -25.08
N SER A 468 19.41 15.41 -25.11
CA SER A 468 18.51 15.90 -26.15
C SER A 468 19.23 15.98 -27.50
N PRO A 469 18.55 15.56 -28.60
CA PRO A 469 19.13 15.60 -29.95
C PRO A 469 19.34 17.01 -30.54
N ASP A 470 18.67 18.02 -29.99
CA ASP A 470 18.84 19.40 -30.45
C ASP A 470 18.83 20.42 -29.31
N GLN A 471 19.99 20.97 -29.01
CA GLN A 471 20.11 22.07 -28.05
C GLN A 471 19.91 23.42 -28.74
N PHE B 6 -19.22 -24.61 35.39
CA PHE B 6 -20.59 -24.07 35.12
C PHE B 6 -21.64 -25.06 35.59
N GLY B 7 -22.47 -24.62 36.54
CA GLY B 7 -23.59 -25.44 37.01
C GLY B 7 -24.69 -25.56 35.98
N LYS B 8 -25.63 -26.46 36.23
CA LYS B 8 -26.95 -26.40 35.62
C LYS B 8 -27.53 -25.00 35.76
N VAL B 9 -27.93 -24.40 34.63
CA VAL B 9 -28.33 -22.99 34.57
C VAL B 9 -29.76 -22.82 35.13
N SER B 10 -29.97 -21.76 35.92
CA SER B 10 -31.27 -21.47 36.53
C SER B 10 -31.70 -20.01 36.37
N LYS B 11 -30.74 -19.11 36.22
CA LYS B 11 -31.03 -17.74 35.87
C LYS B 11 -30.49 -17.38 34.49
N VAL B 12 -31.39 -16.94 33.61
CA VAL B 12 -31.04 -16.53 32.24
C VAL B 12 -31.35 -15.05 32.09
N VAL B 13 -30.38 -14.29 31.60
CA VAL B 13 -30.64 -12.92 31.17
C VAL B 13 -30.46 -12.76 29.66
N CYS B 14 -31.32 -11.94 29.06
CA CYS B 14 -31.08 -11.48 27.72
C CYS B 14 -30.97 -9.98 27.72
N VAL B 15 -29.83 -9.48 27.27
CA VAL B 15 -29.64 -8.06 27.01
C VAL B 15 -30.08 -7.65 25.60
N GLY B 16 -31.18 -6.90 25.55
CA GLY B 16 -31.91 -6.60 24.30
C GLY B 16 -33.33 -7.14 24.32
N ALA B 17 -34.30 -6.23 24.37
CA ALA B 17 -35.72 -6.59 24.53
C ALA B 17 -36.50 -6.50 23.22
N GLY B 18 -35.88 -6.94 22.13
CA GLY B 18 -36.40 -6.65 20.80
C GLY B 18 -37.02 -7.89 20.21
N TYR B 19 -37.09 -7.92 18.87
CA TYR B 19 -37.76 -9.00 18.17
C TYR B 19 -37.12 -10.36 18.42
N VAL B 20 -35.83 -10.38 18.69
CA VAL B 20 -35.15 -11.65 18.94
C VAL B 20 -35.22 -12.06 20.41
N GLY B 21 -34.74 -11.19 21.30
CA GLY B 21 -34.59 -11.54 22.73
C GLY B 21 -35.91 -11.81 23.46
N GLY B 22 -36.86 -10.91 23.29
CA GLY B 22 -38.23 -11.08 23.82
C GLY B 22 -38.83 -12.45 23.60
N PRO B 23 -39.19 -12.78 22.32
CA PRO B 23 -39.75 -14.08 21.96
C PRO B 23 -38.95 -15.30 22.38
N THR B 24 -37.63 -15.24 22.21
CA THR B 24 -36.77 -16.38 22.56
C THR B 24 -36.83 -16.66 24.07
N CYS B 25 -36.66 -15.62 24.86
CA CYS B 25 -36.78 -15.70 26.32
C CYS B 25 -38.18 -16.14 26.77
N ALA B 26 -39.23 -15.62 26.13
CA ALA B 26 -40.60 -16.06 26.38
C ALA B 26 -40.77 -17.54 26.16
N MET B 27 -40.19 -18.08 25.09
CA MET B 27 -40.28 -19.50 24.82
C MET B 27 -39.50 -20.32 25.85
N ILE B 28 -38.38 -19.82 26.27
CA ILE B 28 -37.58 -20.53 27.23
C ILE B 28 -38.34 -20.53 28.54
N ALA B 29 -38.69 -19.37 29.03
CA ALA B 29 -39.56 -19.23 30.20
C ALA B 29 -40.77 -20.13 30.11
N HIS B 30 -41.41 -20.15 28.94
CA HIS B 30 -42.59 -21.00 28.73
C HIS B 30 -42.31 -22.48 28.84
N LYS B 31 -41.25 -22.95 28.19
CA LYS B 31 -40.94 -24.39 28.19
C LYS B 31 -40.12 -24.83 29.40
N CYS B 32 -39.54 -23.88 30.14
CA CYS B 32 -38.65 -24.22 31.27
C CYS B 32 -39.08 -23.54 32.57
N PRO B 33 -40.14 -24.08 33.21
CA PRO B 33 -40.76 -23.44 34.40
C PRO B 33 -39.78 -23.17 35.56
N HIS B 34 -38.73 -23.99 35.66
CA HIS B 34 -37.69 -23.86 36.69
C HIS B 34 -36.73 -22.69 36.51
N ILE B 35 -36.61 -22.18 35.28
CA ILE B 35 -35.65 -21.15 34.98
C ILE B 35 -36.26 -19.76 35.08
N THR B 36 -35.59 -18.88 35.81
CA THR B 36 -35.94 -17.46 35.83
C THR B 36 -35.31 -16.72 34.66
N VAL B 37 -36.16 -16.15 33.81
CA VAL B 37 -35.71 -15.43 32.64
C VAL B 37 -35.99 -13.93 32.75
N THR B 38 -34.93 -13.13 32.58
CA THR B 38 -35.06 -11.69 32.64
C THR B 38 -34.57 -11.02 31.35
N VAL B 39 -35.44 -10.23 30.74
CA VAL B 39 -35.10 -9.50 29.54
C VAL B 39 -34.84 -8.07 29.94
N VAL B 40 -33.66 -7.57 29.59
CA VAL B 40 -33.27 -6.23 29.99
C VAL B 40 -32.92 -5.35 28.80
N ASP B 41 -33.15 -4.07 28.98
CA ASP B 41 -32.95 -3.08 27.93
C ASP B 41 -32.80 -1.70 28.58
N MET B 42 -31.87 -0.92 28.06
CA MET B 42 -31.76 0.52 28.32
C MET B 42 -33.05 1.31 28.04
N ASN B 43 -33.92 0.78 27.19
CA ASN B 43 -35.10 1.48 26.73
C ASN B 43 -36.24 1.21 27.71
N THR B 44 -36.48 2.14 28.63
CA THR B 44 -37.46 1.93 29.70
C THR B 44 -38.89 1.88 29.17
N ALA B 45 -39.15 2.67 28.14
CA ALA B 45 -40.44 2.68 27.44
C ALA B 45 -40.79 1.34 26.80
N LYS B 46 -39.78 0.65 26.26
CA LYS B 46 -39.95 -0.66 25.63
C LYS B 46 -40.22 -1.73 26.68
N ILE B 47 -39.49 -1.65 27.78
CA ILE B 47 -39.69 -2.55 28.90
C ILE B 47 -41.09 -2.33 29.50
N ALA B 48 -41.50 -1.06 29.56
CA ALA B 48 -42.84 -0.68 29.99
C ALA B 48 -43.93 -1.38 29.16
N GLU B 49 -43.80 -1.27 27.84
CA GLU B 49 -44.67 -1.99 26.89
C GLU B 49 -44.71 -3.48 27.16
N TRP B 50 -43.55 -4.07 27.46
CA TRP B 50 -43.44 -5.51 27.71
C TRP B 50 -44.14 -5.88 29.01
N ASN B 51 -44.22 -4.90 29.91
CA ASN B 51 -44.88 -5.11 31.19
C ASN B 51 -46.37 -4.74 31.23
N SER B 52 -46.88 -4.34 30.07
CA SER B 52 -48.23 -3.80 29.97
C SER B 52 -49.26 -4.81 29.47
N ASP B 53 -50.48 -4.35 29.21
CA ASP B 53 -51.55 -5.18 28.66
C ASP B 53 -51.50 -5.32 27.15
N LYS B 54 -50.53 -4.63 26.55
CA LYS B 54 -50.32 -4.64 25.10
C LYS B 54 -48.82 -4.79 24.80
N LEU B 55 -48.40 -6.01 24.44
CA LEU B 55 -46.98 -6.31 24.19
C LEU B 55 -46.47 -5.50 23.00
N PRO B 56 -45.17 -5.16 22.98
CA PRO B 56 -44.72 -4.21 21.96
C PRO B 56 -44.57 -4.80 20.56
N ILE B 57 -44.69 -6.12 20.44
CA ILE B 57 -44.81 -6.74 19.12
C ILE B 57 -46.06 -7.62 19.03
N TYR B 58 -46.63 -7.73 17.83
CA TYR B 58 -47.60 -8.77 17.59
C TYR B 58 -47.01 -10.02 16.95
N GLU B 59 -47.07 -11.12 17.70
CA GLU B 59 -46.88 -12.44 17.14
C GLU B 59 -48.00 -13.37 17.60
N PRO B 60 -48.59 -14.13 16.66
CA PRO B 60 -49.49 -15.23 16.96
C PRO B 60 -48.94 -16.15 18.04
N GLY B 61 -49.73 -16.43 19.07
CA GLY B 61 -49.30 -17.28 20.18
C GLY B 61 -48.43 -16.63 21.26
N LEU B 62 -47.89 -15.45 20.98
CA LEU B 62 -47.00 -14.77 21.94
C LEU B 62 -47.69 -14.24 23.21
N ASP B 63 -48.88 -13.67 23.05
CA ASP B 63 -49.65 -13.17 24.21
C ASP B 63 -49.91 -14.27 25.21
N GLU B 64 -50.36 -15.42 24.70
CA GLU B 64 -50.71 -16.56 25.53
C GLU B 64 -49.54 -16.99 26.40
N ILE B 65 -48.34 -16.98 25.81
CA ILE B 65 -47.08 -17.42 26.45
C ILE B 65 -46.57 -16.38 27.46
N VAL B 66 -46.47 -15.12 27.01
CA VAL B 66 -45.94 -14.06 27.84
C VAL B 66 -46.81 -13.77 29.05
N PHE B 67 -48.11 -13.64 28.85
CA PHE B 67 -48.99 -13.20 29.93
C PHE B 67 -49.15 -14.29 30.99
N ALA B 68 -49.02 -15.55 30.58
CA ALA B 68 -48.98 -16.67 31.51
C ALA B 68 -47.72 -16.73 32.37
N ALA B 69 -46.60 -16.25 31.84
CA ALA B 69 -45.30 -16.42 32.48
C ALA B 69 -44.82 -15.15 33.19
N ARG B 70 -45.24 -13.98 32.70
CA ARG B 70 -44.71 -12.72 33.20
C ARG B 70 -45.00 -12.57 34.70
N GLY B 71 -44.00 -12.11 35.45
CA GLY B 71 -44.12 -12.01 36.91
C GLY B 71 -44.08 -13.32 37.68
N ARG B 72 -44.05 -14.46 36.98
CA ARG B 72 -43.76 -15.76 37.62
C ARG B 72 -42.31 -16.20 37.39
N ASN B 73 -42.00 -16.61 36.16
CA ASN B 73 -40.61 -16.88 35.76
C ASN B 73 -40.08 -16.07 34.58
N LEU B 74 -40.83 -15.04 34.18
CA LEU B 74 -40.39 -14.14 33.14
C LEU B 74 -40.56 -12.68 33.52
N PHE B 75 -39.47 -11.92 33.40
CA PHE B 75 -39.39 -10.58 33.89
C PHE B 75 -38.75 -9.68 32.86
N PHE B 76 -39.22 -8.45 32.77
CA PHE B 76 -38.70 -7.45 31.85
C PHE B 76 -38.23 -6.24 32.66
N SER B 77 -36.93 -5.91 32.59
CA SER B 77 -36.36 -4.86 33.45
CA SER B 77 -36.34 -4.88 33.46
C SER B 77 -35.41 -3.91 32.72
N SER B 78 -35.23 -2.71 33.26
CA SER B 78 -34.16 -1.83 32.80
C SER B 78 -32.94 -1.83 33.73
N ASP B 79 -32.89 -2.81 34.64
CA ASP B 79 -31.77 -2.92 35.59
C ASP B 79 -30.75 -3.95 35.14
N ILE B 80 -29.89 -3.51 34.23
CA ILE B 80 -28.94 -4.40 33.56
C ILE B 80 -27.85 -4.88 34.53
N PRO B 81 -27.16 -3.96 35.23
CA PRO B 81 -26.18 -4.39 36.23
C PRO B 81 -26.68 -5.42 37.22
N LYS B 82 -27.91 -5.29 37.70
CA LYS B 82 -28.45 -6.25 38.66
C LYS B 82 -28.70 -7.63 38.03
N ALA B 83 -29.32 -7.63 36.85
CA ALA B 83 -29.58 -8.85 36.11
C ALA B 83 -28.29 -9.60 35.71
N ILE B 84 -27.32 -8.84 35.19
CA ILE B 84 -25.98 -9.38 34.85
C ILE B 84 -25.36 -10.08 36.07
N ALA B 85 -25.35 -9.37 37.19
CA ALA B 85 -24.86 -9.88 38.47
C ALA B 85 -25.40 -11.26 38.85
N GLU B 86 -26.69 -11.48 38.63
CA GLU B 86 -27.38 -12.67 39.14
C GLU B 86 -27.47 -13.83 38.16
N ALA B 87 -27.44 -13.51 36.87
CA ALA B 87 -27.50 -14.51 35.79
C ALA B 87 -26.44 -15.62 35.93
N ASP B 88 -26.80 -16.82 35.50
CA ASP B 88 -25.83 -17.83 35.09
C ASP B 88 -25.43 -17.69 33.61
N LEU B 89 -26.42 -17.40 32.76
CA LEU B 89 -26.23 -17.36 31.31
C LEU B 89 -26.81 -16.06 30.77
N ILE B 90 -26.01 -15.34 30.00
CA ILE B 90 -26.41 -14.07 29.43
C ILE B 90 -26.45 -14.23 27.90
N PHE B 91 -27.62 -13.97 27.32
CA PHE B 91 -27.76 -13.76 25.87
C PHE B 91 -27.47 -12.31 25.54
N ILE B 92 -26.71 -12.08 24.47
CA ILE B 92 -26.58 -10.77 23.87
C ILE B 92 -27.44 -10.72 22.60
N SER B 93 -28.50 -9.91 22.65
CA SER B 93 -29.42 -9.73 21.54
CA SER B 93 -29.41 -9.72 21.51
C SER B 93 -29.53 -8.25 21.17
N VAL B 94 -28.45 -7.66 20.70
CA VAL B 94 -28.42 -6.26 20.33
C VAL B 94 -28.23 -6.13 18.82
N ASN B 95 -28.60 -4.99 18.25
CA ASN B 95 -28.28 -4.66 16.87
C ASN B 95 -26.78 -4.59 16.63
N THR B 96 -26.35 -5.05 15.46
CA THR B 96 -25.04 -4.67 14.95
C THR B 96 -25.21 -3.87 13.66
N PRO B 97 -25.60 -2.60 13.81
CA PRO B 97 -25.95 -1.81 12.65
C PRO B 97 -24.73 -1.68 11.75
N THR B 98 -24.96 -1.40 10.49
CA THR B 98 -23.90 -1.42 9.51
C THR B 98 -23.11 -0.12 9.67
N LYS B 99 -21.79 -0.21 9.59
CA LYS B 99 -20.94 0.98 9.65
C LYS B 99 -21.32 1.98 8.57
N MET B 100 -21.44 3.24 8.99
CA MET B 100 -21.92 4.31 8.13
C MET B 100 -20.75 5.10 7.55
N TYR B 101 -19.57 4.90 8.13
CA TYR B 101 -18.36 5.58 7.70
C TYR B 101 -17.16 4.65 7.83
N GLY B 102 -16.06 5.01 7.16
CA GLY B 102 -14.76 4.40 7.42
C GLY B 102 -14.56 3.03 6.82
N ARG B 103 -13.81 2.20 7.55
CA ARG B 103 -13.42 0.86 7.11
C ARG B 103 -14.63 -0.06 7.10
N GLY B 104 -15.02 -0.52 5.91
CA GLY B 104 -16.19 -1.38 5.80
C GLY B 104 -17.52 -0.65 5.72
N LYS B 105 -17.47 0.67 5.49
CA LYS B 105 -18.67 1.49 5.33
C LYS B 105 -19.65 0.84 4.35
N GLY B 106 -20.90 0.69 4.80
CA GLY B 106 -21.95 0.14 3.97
C GLY B 106 -22.00 -1.37 3.96
N MET B 107 -21.08 -2.00 4.68
CA MET B 107 -20.85 -3.45 4.55
C MET B 107 -20.56 -4.13 5.89
N ALA B 108 -19.62 -3.56 6.65
CA ALA B 108 -19.22 -4.15 7.93
C ALA B 108 -20.20 -3.80 9.04
N PRO B 109 -20.64 -4.80 9.83
CA PRO B 109 -21.40 -4.54 11.04
C PRO B 109 -20.54 -3.84 12.09
N ASP B 110 -21.15 -2.89 12.79
CA ASP B 110 -20.50 -2.15 13.86
C ASP B 110 -20.71 -2.93 15.15
N LEU B 111 -19.63 -3.31 15.82
CA LEU B 111 -19.76 -4.09 17.06
C LEU B 111 -19.94 -3.26 18.35
N LYS B 112 -20.28 -1.97 18.21
CA LYS B 112 -20.36 -1.04 19.35
C LYS B 112 -21.30 -1.47 20.48
N TYR B 113 -22.48 -1.97 20.13
CA TYR B 113 -23.41 -2.44 21.14
C TYR B 113 -22.99 -3.77 21.73
N VAL B 114 -22.42 -4.65 20.91
CA VAL B 114 -21.88 -5.89 21.45
C VAL B 114 -20.71 -5.59 22.42
N GLU B 115 -19.89 -4.60 22.09
CA GLU B 115 -18.79 -4.16 22.96
C GLU B 115 -19.30 -3.56 24.28
N SER B 116 -20.21 -2.60 24.15
CA SER B 116 -21.00 -2.03 25.26
C SER B 116 -21.48 -3.08 26.25
N VAL B 117 -22.22 -4.06 25.76
CA VAL B 117 -22.74 -5.14 26.61
C VAL B 117 -21.65 -5.97 27.23
N SER B 118 -20.61 -6.27 26.44
CA SER B 118 -19.48 -7.05 26.92
C SER B 118 -18.75 -6.39 28.10
N ARG B 119 -18.49 -5.09 27.97
CA ARG B 119 -17.82 -4.31 29.01
C ARG B 119 -18.68 -4.15 30.27
N THR B 120 -20.01 -4.19 30.10
CA THR B 120 -20.96 -4.19 31.23
C THR B 120 -20.97 -5.55 31.93
N ILE B 121 -20.95 -6.62 31.16
CA ILE B 121 -20.80 -7.96 31.70
C ILE B 121 -19.49 -8.06 32.49
N ALA B 122 -18.38 -7.63 31.90
CA ALA B 122 -17.09 -7.63 32.58
C ALA B 122 -17.08 -6.83 33.91
N GLN B 123 -17.78 -5.70 33.93
CA GLN B 123 -17.85 -4.84 35.11
C GLN B 123 -18.72 -5.44 36.22
N TYR B 124 -19.88 -5.95 35.83
CA TYR B 124 -20.92 -6.32 36.79
C TYR B 124 -21.12 -7.82 37.01
N ALA B 125 -20.28 -8.65 36.40
CA ALA B 125 -20.50 -10.12 36.44
C ALA B 125 -20.44 -10.69 37.84
N GLY B 126 -19.24 -10.76 38.42
CA GLY B 126 -19.05 -11.23 39.78
C GLY B 126 -18.65 -12.70 39.91
N GLY B 127 -19.32 -13.57 39.17
CA GLY B 127 -19.00 -15.00 39.17
C GLY B 127 -18.71 -15.51 37.77
N PRO B 128 -18.76 -16.84 37.58
CA PRO B 128 -18.79 -17.44 36.23
C PRO B 128 -20.07 -17.09 35.46
N LYS B 129 -19.91 -16.68 34.20
CA LYS B 129 -21.05 -16.48 33.26
C LYS B 129 -20.79 -17.24 31.96
N ILE B 130 -21.80 -17.93 31.44
CA ILE B 130 -21.87 -18.24 30.01
C ILE B 130 -22.46 -17.07 29.21
N VAL B 131 -21.73 -16.64 28.18
CA VAL B 131 -22.12 -15.47 27.41
C VAL B 131 -22.42 -15.92 25.98
N VAL B 132 -23.60 -15.59 25.47
CA VAL B 132 -24.13 -16.25 24.27
C VAL B 132 -24.53 -15.20 23.25
N GLU B 133 -23.88 -15.23 22.08
CA GLU B 133 -24.27 -14.43 20.95
C GLU B 133 -25.55 -14.96 20.33
N LYS B 134 -26.63 -14.21 20.54
CA LYS B 134 -27.95 -14.55 20.03
C LYS B 134 -28.23 -13.77 18.73
N SER B 135 -28.08 -12.45 18.78
CA SER B 135 -28.27 -11.66 17.57
C SER B 135 -27.10 -11.87 16.61
N THR B 136 -27.32 -11.50 15.34
CA THR B 136 -26.41 -11.87 14.25
C THR B 136 -25.15 -11.03 14.38
N VAL B 137 -24.02 -11.72 14.38
CA VAL B 137 -22.73 -11.08 14.57
C VAL B 137 -21.84 -11.42 13.36
N PRO B 138 -20.81 -10.61 13.13
CA PRO B 138 -19.78 -11.00 12.19
C PRO B 138 -18.95 -12.16 12.71
N VAL B 139 -18.39 -12.96 11.82
CA VAL B 139 -17.48 -14.03 12.23
C VAL B 139 -16.33 -13.43 13.05
N LYS B 140 -15.92 -14.17 14.09
CA LYS B 140 -14.92 -13.73 15.07
CA LYS B 140 -14.92 -13.73 15.07
C LYS B 140 -15.42 -12.71 16.12
N ALA B 141 -16.70 -12.35 16.07
CA ALA B 141 -17.24 -11.48 17.11
C ALA B 141 -16.96 -12.03 18.50
N ALA B 142 -17.10 -13.35 18.65
CA ALA B 142 -16.84 -14.02 19.92
C ALA B 142 -15.41 -13.82 20.45
N GLU B 143 -14.47 -13.61 19.54
CA GLU B 143 -13.09 -13.37 19.92
C GLU B 143 -12.95 -12.02 20.60
N SER B 144 -13.64 -11.01 20.06
CA SER B 144 -13.67 -9.66 20.62
C SER B 144 -14.38 -9.60 21.97
N ILE B 145 -15.50 -10.30 22.06
CA ILE B 145 -16.18 -10.53 23.33
C ILE B 145 -15.21 -11.13 24.35
N GLY B 146 -14.59 -12.25 23.99
CA GLY B 146 -13.67 -12.97 24.89
C GLY B 146 -12.50 -12.17 25.40
N CYS B 147 -11.94 -11.33 24.52
CA CYS B 147 -10.86 -10.42 24.87
CA CYS B 147 -10.86 -10.39 24.84
C CYS B 147 -11.25 -9.39 25.93
N ILE B 148 -12.49 -8.92 25.88
CA ILE B 148 -13.02 -8.03 26.92
C ILE B 148 -13.20 -8.75 28.25
N LEU B 149 -13.73 -9.98 28.18
CA LEU B 149 -13.99 -10.77 29.37
C LEU B 149 -12.72 -11.35 30.01
N ARG B 150 -11.68 -11.56 29.21
CA ARG B 150 -10.39 -12.04 29.71
C ARG B 150 -9.69 -11.01 30.59
N GLU B 151 -9.82 -9.74 30.23
CA GLU B 151 -9.25 -8.63 30.99
C GLU B 151 -9.86 -8.48 32.38
N ALA B 152 -11.11 -8.90 32.53
CA ALA B 152 -11.82 -8.79 33.80
C ALA B 152 -11.38 -9.85 34.83
N GLN B 153 -11.06 -11.05 34.35
CA GLN B 153 -10.64 -12.13 35.24
C GLN B 153 -9.14 -12.12 35.55
N LYS B 154 -8.58 -10.92 35.70
CA LYS B 154 -7.30 -10.72 36.38
C LYS B 154 -7.28 -9.38 37.12
N LEU B 159 -14.58 -15.00 38.46
CA LEU B 159 -14.86 -14.63 37.07
C LEU B 159 -14.26 -15.69 36.16
N LYS B 160 -15.12 -16.34 35.39
CA LYS B 160 -14.76 -17.51 34.60
C LYS B 160 -15.75 -17.65 33.43
N PHE B 161 -15.33 -17.17 32.26
CA PHE B 161 -16.26 -16.93 31.16
C PHE B 161 -16.09 -17.94 30.03
N GLN B 162 -17.21 -18.35 29.43
CA GLN B 162 -17.17 -18.89 28.07
C GLN B 162 -18.10 -18.12 27.13
N VAL B 163 -17.66 -17.94 25.89
CA VAL B 163 -18.51 -17.32 24.87
C VAL B 163 -19.04 -18.38 23.90
N LEU B 164 -20.36 -18.43 23.73
CA LEU B 164 -20.99 -19.28 22.73
C LEU B 164 -21.71 -18.50 21.62
N SER B 165 -21.94 -19.20 20.51
CA SER B 165 -22.75 -18.68 19.42
C SER B 165 -24.05 -19.48 19.38
N ASN B 166 -25.17 -18.77 19.37
CA ASN B 166 -26.47 -19.42 19.25
C ASN B 166 -27.34 -18.51 18.39
N PRO B 167 -27.17 -18.59 17.07
CA PRO B 167 -27.89 -17.75 16.13
C PRO B 167 -29.42 -17.90 16.15
N GLU B 168 -30.09 -16.79 15.90
CA GLU B 168 -31.55 -16.71 15.74
C GLU B 168 -31.95 -17.18 14.33
N PHE B 169 -32.98 -18.04 14.26
CA PHE B 169 -33.67 -18.37 13.02
C PHE B 169 -35.19 -18.10 13.16
N LEU B 170 -35.52 -16.84 13.37
CA LEU B 170 -36.89 -16.38 13.61
C LEU B 170 -37.30 -15.58 12.41
N ALA B 171 -38.57 -15.71 12.03
CA ALA B 171 -39.17 -14.77 11.08
C ALA B 171 -40.42 -14.12 11.67
N GLU B 172 -40.60 -12.83 11.36
CA GLU B 172 -41.81 -12.09 11.73
C GLU B 172 -43.07 -12.77 11.22
N GLY B 173 -44.04 -12.95 12.12
CA GLY B 173 -45.28 -13.63 11.79
C GLY B 173 -45.32 -15.12 12.11
N THR B 174 -44.16 -15.74 12.26
CA THR B 174 -44.11 -17.17 12.55
C THR B 174 -43.15 -17.47 13.70
N ALA B 175 -42.80 -16.45 14.47
CA ALA B 175 -41.76 -16.56 15.48
C ALA B 175 -42.04 -17.66 16.49
N MET B 176 -43.30 -17.79 16.92
CA MET B 176 -43.63 -18.76 17.98
C MET B 176 -43.55 -20.20 17.49
N LYS B 177 -44.03 -20.45 16.28
CA LYS B 177 -43.84 -21.74 15.64
C LYS B 177 -42.37 -22.03 15.31
N ASP B 178 -41.63 -20.99 14.93
CA ASP B 178 -40.20 -21.12 14.64
C ASP B 178 -39.44 -21.56 15.91
N LEU B 179 -39.85 -21.04 17.06
CA LEU B 179 -39.15 -21.28 18.32
C LEU B 179 -39.55 -22.57 19.00
N ALA B 180 -40.83 -22.91 18.89
CA ALA B 180 -41.38 -24.10 19.53
C ALA B 180 -41.03 -25.35 18.73
N ASN B 181 -40.93 -25.21 17.41
CA ASN B 181 -40.61 -26.32 16.54
C ASN B 181 -39.53 -25.96 15.48
N PRO B 182 -38.29 -25.67 15.93
CA PRO B 182 -37.27 -25.18 14.99
C PRO B 182 -36.85 -26.28 14.03
N ASP B 183 -36.54 -25.91 12.79
CA ASP B 183 -35.82 -26.83 11.87
C ASP B 183 -34.54 -27.40 12.50
N ARG B 184 -33.78 -26.55 13.18
CA ARG B 184 -32.62 -26.96 13.95
C ARG B 184 -32.33 -25.87 14.94
N VAL B 185 -31.69 -26.25 16.04
CA VAL B 185 -31.03 -25.31 16.93
C VAL B 185 -29.50 -25.46 16.74
N LEU B 186 -28.83 -24.33 16.65
CA LEU B 186 -27.40 -24.30 16.35
C LEU B 186 -26.63 -23.63 17.47
N ILE B 187 -25.64 -24.34 18.01
CA ILE B 187 -24.76 -23.82 19.05
C ILE B 187 -23.27 -24.07 18.73
N GLY B 188 -22.46 -23.03 18.78
CA GLY B 188 -21.03 -23.20 18.60
C GLY B 188 -20.31 -22.76 19.85
N GLY B 189 -19.28 -23.52 20.21
CA GLY B 189 -18.42 -23.13 21.33
C GLY B 189 -16.95 -23.42 21.12
N GLU B 190 -16.13 -22.97 22.07
CA GLU B 190 -14.68 -23.22 22.12
C GLU B 190 -14.30 -24.68 22.03
N SER B 191 -13.16 -24.94 21.37
CA SER B 191 -12.64 -26.28 21.17
C SER B 191 -11.85 -26.75 22.40
N SER B 192 -12.51 -26.75 23.55
CA SER B 192 -11.86 -26.87 24.86
C SER B 192 -12.82 -27.53 25.84
N PRO B 193 -12.30 -28.30 26.82
CA PRO B 193 -13.13 -28.90 27.87
C PRO B 193 -14.12 -27.94 28.55
N GLU B 194 -13.68 -26.73 28.88
CA GLU B 194 -14.53 -25.69 29.43
C GLU B 194 -15.56 -25.21 28.38
N GLY B 195 -15.12 -25.08 27.13
CA GLY B 195 -16.02 -24.79 26.01
C GLY B 195 -17.11 -25.82 25.81
N LEU B 196 -16.76 -27.11 25.85
CA LEU B 196 -17.71 -28.20 25.65
C LEU B 196 -18.70 -28.32 26.81
N GLN B 197 -18.26 -27.91 28.00
CA GLN B 197 -19.11 -27.81 29.19
C GLN B 197 -20.21 -26.78 29.03
N ALA B 198 -19.79 -25.55 28.75
CA ALA B 198 -20.68 -24.44 28.38
C ALA B 198 -21.72 -24.75 27.31
N VAL B 199 -21.32 -25.49 26.26
CA VAL B 199 -22.23 -25.95 25.19
C VAL B 199 -23.26 -26.93 25.74
N ALA B 200 -22.80 -27.87 26.54
CA ALA B 200 -23.67 -28.86 27.19
C ALA B 200 -24.79 -28.21 28.03
N GLU B 201 -24.46 -27.13 28.72
CA GLU B 201 -25.42 -26.39 29.53
C GLU B 201 -26.48 -25.65 28.71
N LEU B 202 -26.08 -25.05 27.58
CA LEU B 202 -27.07 -24.54 26.63
C LEU B 202 -27.88 -25.64 25.93
N VAL B 203 -27.24 -26.74 25.57
CA VAL B 203 -27.93 -27.87 24.95
C VAL B 203 -29.02 -28.43 25.91
N ARG B 204 -28.74 -28.36 27.21
CA ARG B 204 -29.69 -28.83 28.23
C ARG B 204 -30.91 -27.92 28.32
N ILE B 205 -30.70 -26.61 28.29
CA ILE B 205 -31.81 -25.66 28.16
C ILE B 205 -32.75 -26.02 27.00
N TYR B 206 -32.21 -26.16 25.78
CA TYR B 206 -32.99 -26.52 24.60
C TYR B 206 -33.60 -27.91 24.59
N GLU B 207 -32.95 -28.87 25.24
CA GLU B 207 -33.49 -30.25 25.28
C GLU B 207 -34.84 -30.38 26.02
N ASN B 208 -35.20 -29.38 26.80
CA ASN B 208 -36.53 -29.29 27.41
C ASN B 208 -37.70 -29.34 26.42
N TRP B 209 -37.50 -28.84 25.19
CA TRP B 209 -38.51 -28.96 24.14
C TRP B 209 -38.05 -29.38 22.73
N VAL B 210 -36.75 -29.30 22.47
CA VAL B 210 -36.23 -29.66 21.14
C VAL B 210 -35.54 -31.03 21.21
N PRO B 211 -35.96 -31.97 20.35
CA PRO B 211 -35.29 -33.26 20.21
C PRO B 211 -33.82 -33.10 19.92
N ARG B 212 -33.04 -34.06 20.39
CA ARG B 212 -31.59 -33.91 20.41
C ARG B 212 -31.05 -33.93 18.97
N ASN B 213 -31.71 -34.68 18.09
CA ASN B 213 -31.30 -34.77 16.69
C ASN B 213 -31.55 -33.52 15.85
N ARG B 214 -32.11 -32.47 16.47
CA ARG B 214 -32.30 -31.20 15.81
CA ARG B 214 -32.34 -31.18 15.84
C ARG B 214 -31.46 -30.12 16.47
N ILE B 215 -30.67 -30.52 17.47
CA ILE B 215 -29.74 -29.61 18.10
C ILE B 215 -28.34 -29.90 17.53
N ILE B 216 -27.73 -28.90 16.90
CA ILE B 216 -26.45 -29.07 16.18
C ILE B 216 -25.38 -28.26 16.87
N THR B 217 -24.23 -28.91 17.13
CA THR B 217 -23.19 -28.27 17.90
C THR B 217 -21.91 -28.23 17.07
N THR B 218 -21.22 -27.10 17.08
CA THR B 218 -20.15 -26.84 16.11
C THR B 218 -19.11 -26.05 16.89
N ASN B 219 -17.97 -25.71 16.28
CA ASN B 219 -17.12 -24.70 16.90
C ASN B 219 -17.73 -23.32 16.70
N THR B 220 -17.21 -22.32 17.40
CA THR B 220 -17.84 -21.00 17.46
C THR B 220 -17.90 -20.32 16.08
N TRP B 221 -16.83 -20.47 15.30
CA TRP B 221 -16.73 -19.82 13.99
C TRP B 221 -17.67 -20.44 12.96
N SER B 222 -17.82 -21.76 13.01
CA SER B 222 -18.74 -22.46 12.14
C SER B 222 -20.16 -21.94 12.37
N SER B 223 -20.51 -21.71 13.61
CA SER B 223 -21.86 -21.27 13.98
CA SER B 223 -21.86 -21.27 13.95
C SER B 223 -22.13 -19.83 13.51
N GLU B 224 -21.23 -18.91 13.84
CA GLU B 224 -21.34 -17.52 13.40
C GLU B 224 -21.42 -17.44 11.87
N LEU B 225 -20.47 -18.10 11.21
CA LEU B 225 -20.49 -18.22 9.73
C LEU B 225 -21.79 -18.82 9.16
N SER B 226 -22.28 -19.90 9.76
CA SER B 226 -23.49 -20.59 9.29
C SER B 226 -24.70 -19.68 9.18
N LYS B 227 -24.83 -18.73 10.11
CA LYS B 227 -25.97 -17.82 10.08
C LYS B 227 -25.92 -16.95 8.84
N LEU B 228 -24.75 -16.38 8.56
CA LEU B 228 -24.65 -15.47 7.42
C LEU B 228 -24.86 -16.27 6.14
N VAL B 229 -24.29 -17.46 6.10
CA VAL B 229 -24.27 -18.26 4.88
C VAL B 229 -25.68 -18.74 4.58
N ALA B 230 -26.43 -19.12 5.61
CA ALA B 230 -27.83 -19.53 5.42
C ALA B 230 -28.66 -18.43 4.82
N ASN B 231 -28.52 -17.19 5.31
CA ASN B 231 -29.29 -16.11 4.71
C ASN B 231 -28.77 -15.80 3.31
N ALA B 232 -27.48 -15.98 3.09
CA ALA B 232 -26.90 -15.74 1.76
C ALA B 232 -27.44 -16.73 0.72
N PHE B 233 -27.51 -18.01 1.11
CA PHE B 233 -28.10 -19.06 0.28
C PHE B 233 -29.56 -18.74 -0.06
N LEU B 234 -30.32 -18.20 0.90
CA LEU B 234 -31.73 -17.88 0.71
C LEU B 234 -31.89 -16.71 -0.29
N ALA B 235 -31.10 -15.65 -0.06
CA ALA B 235 -31.07 -14.48 -0.95
C ALA B 235 -30.63 -14.85 -2.36
N GLN B 236 -29.63 -15.72 -2.45
CA GLN B 236 -29.15 -16.25 -3.71
C GLN B 236 -30.24 -16.97 -4.47
N ARG B 237 -31.09 -17.76 -3.81
CA ARG B 237 -32.22 -18.37 -4.53
C ARG B 237 -33.10 -17.33 -5.25
N ILE B 238 -33.43 -16.24 -4.53
CA ILE B 238 -34.26 -15.19 -5.10
CA ILE B 238 -34.26 -15.15 -5.08
C ILE B 238 -33.54 -14.52 -6.26
N SER B 239 -32.26 -14.17 -6.08
CA SER B 239 -31.54 -13.51 -7.18
C SER B 239 -31.40 -14.47 -8.37
N SER B 240 -31.20 -15.76 -8.10
CA SER B 240 -31.17 -16.71 -9.20
C SER B 240 -32.47 -16.73 -10.03
N ILE B 241 -33.61 -16.85 -9.37
CA ILE B 241 -34.85 -16.91 -10.11
C ILE B 241 -35.14 -15.55 -10.74
N ASN B 242 -34.72 -14.47 -10.07
CA ASN B 242 -34.92 -13.13 -10.65
C ASN B 242 -34.06 -12.90 -11.91
N SER B 243 -32.83 -13.37 -11.89
CA SER B 243 -31.97 -13.34 -13.11
C SER B 243 -32.67 -14.04 -14.28
N ILE B 244 -33.29 -15.19 -13.98
CA ILE B 244 -34.06 -15.96 -14.99
C ILE B 244 -35.39 -15.31 -15.40
N SER B 245 -35.97 -14.49 -14.53
CA SER B 245 -37.18 -13.73 -14.92
C SER B 245 -36.93 -12.89 -16.16
N ALA B 246 -35.72 -12.31 -16.26
CA ALA B 246 -35.38 -11.48 -17.41
C ALA B 246 -35.17 -12.33 -18.69
N VAL B 247 -34.66 -13.54 -18.52
CA VAL B 247 -34.54 -14.48 -19.64
C VAL B 247 -35.92 -14.91 -20.19
N CYS B 248 -36.84 -15.22 -19.28
CA CYS B 248 -38.25 -15.42 -19.64
C CYS B 248 -38.83 -14.31 -20.49
N GLU B 249 -38.64 -13.06 -20.06
CA GLU B 249 -39.20 -11.91 -20.76
C GLU B 249 -38.64 -11.82 -22.16
N ALA B 250 -37.34 -12.11 -22.30
CA ALA B 250 -36.67 -12.03 -23.60
C ALA B 250 -36.98 -13.21 -24.54
N THR B 251 -37.46 -14.32 -24.01
CA THR B 251 -37.62 -15.53 -24.85
C THR B 251 -39.07 -15.94 -25.08
N GLY B 252 -39.97 -15.56 -24.17
CA GLY B 252 -41.32 -16.09 -24.19
C GLY B 252 -41.57 -17.26 -23.25
N ALA B 253 -40.54 -17.73 -22.54
CA ALA B 253 -40.81 -18.55 -21.34
C ALA B 253 -41.54 -17.74 -20.28
N GLU B 254 -42.12 -18.45 -19.30
CA GLU B 254 -42.83 -17.83 -18.18
C GLU B 254 -42.13 -18.21 -16.90
N ILE B 255 -41.82 -17.22 -16.06
CA ILE B 255 -41.04 -17.49 -14.87
C ILE B 255 -41.77 -18.40 -13.88
N SER B 256 -43.11 -18.24 -13.80
CA SER B 256 -43.93 -19.04 -12.91
CA SER B 256 -43.90 -19.03 -12.89
C SER B 256 -43.86 -20.53 -13.26
N GLU B 257 -43.87 -20.81 -14.56
CA GLU B 257 -43.72 -22.16 -15.10
C GLU B 257 -42.31 -22.72 -14.84
N VAL B 258 -41.28 -21.94 -15.13
CA VAL B 258 -39.89 -22.33 -14.82
C VAL B 258 -39.67 -22.64 -13.34
N ALA B 259 -40.15 -21.77 -12.47
CA ALA B 259 -39.98 -21.92 -11.02
C ALA B 259 -40.63 -23.21 -10.52
N HIS B 260 -41.82 -23.47 -11.04
CA HIS B 260 -42.59 -24.66 -10.70
C HIS B 260 -41.85 -25.91 -11.19
N ALA B 261 -41.39 -25.92 -12.43
CA ALA B 261 -40.62 -27.07 -12.93
C ALA B 261 -39.29 -27.30 -12.19
N VAL B 262 -38.57 -26.21 -11.89
CA VAL B 262 -37.25 -26.32 -11.25
C VAL B 262 -37.43 -26.76 -9.80
N GLY B 263 -38.39 -26.15 -9.13
CA GLY B 263 -38.69 -26.42 -7.74
C GLY B 263 -39.13 -27.84 -7.39
N TYR B 264 -39.68 -28.57 -8.35
CA TYR B 264 -40.08 -29.97 -8.15
C TYR B 264 -38.94 -30.97 -8.07
N ASP B 265 -37.72 -30.56 -8.41
CA ASP B 265 -36.53 -31.31 -8.04
C ASP B 265 -36.34 -31.21 -6.52
N THR B 266 -36.47 -32.35 -5.83
CA THR B 266 -36.36 -32.38 -4.37
C THR B 266 -35.01 -31.94 -3.81
N ARG B 267 -33.95 -32.00 -4.63
CA ARG B 267 -32.63 -31.53 -4.16
C ARG B 267 -32.55 -30.00 -4.22
N ILE B 268 -33.35 -29.39 -5.08
CA ILE B 268 -33.49 -27.94 -5.12
C ILE B 268 -34.53 -27.46 -4.12
N GLY B 269 -35.70 -28.07 -4.15
CA GLY B 269 -36.82 -27.66 -3.28
C GLY B 269 -37.62 -26.50 -3.85
N SER B 270 -38.87 -26.36 -3.38
CA SER B 270 -39.85 -25.51 -4.06
C SER B 270 -39.96 -24.13 -3.41
N LYS B 271 -39.20 -23.90 -2.35
CA LYS B 271 -39.35 -22.68 -1.54
C LYS B 271 -38.40 -21.60 -2.00
N PHE B 272 -38.75 -20.35 -1.74
CA PHE B 272 -37.87 -19.23 -2.07
C PHE B 272 -37.53 -19.23 -3.56
N LEU B 273 -38.53 -19.50 -4.38
CA LEU B 273 -38.37 -19.41 -5.84
C LEU B 273 -39.46 -18.53 -6.42
N GLN B 274 -39.95 -17.60 -5.61
CA GLN B 274 -40.85 -16.56 -6.09
C GLN B 274 -40.08 -15.36 -6.68
N ALA B 275 -40.11 -15.23 -8.00
CA ALA B 275 -39.59 -14.01 -8.65
C ALA B 275 -40.34 -12.77 -8.19
N SER B 276 -39.61 -11.65 -8.13
CA SER B 276 -40.16 -10.40 -7.65
C SER B 276 -39.28 -9.24 -8.12
N VAL B 277 -39.73 -8.02 -7.82
CA VAL B 277 -38.95 -6.80 -8.08
C VAL B 277 -37.67 -6.72 -7.23
N GLY B 278 -37.68 -7.46 -6.15
CA GLY B 278 -36.47 -7.82 -5.44
C GLY B 278 -36.72 -8.12 -3.97
N PHE B 279 -35.87 -8.96 -3.39
CA PHE B 279 -35.92 -9.18 -1.93
C PHE B 279 -35.68 -7.92 -1.10
N GLY B 280 -36.20 -7.92 0.11
CA GLY B 280 -35.92 -6.86 1.06
C GLY B 280 -35.92 -7.43 2.47
N GLY B 281 -36.09 -6.54 3.44
CA GLY B 281 -36.05 -6.89 4.84
C GLY B 281 -34.72 -6.55 5.47
N SER B 282 -34.69 -6.59 6.80
CA SER B 282 -33.50 -6.25 7.57
C SER B 282 -32.37 -7.31 7.60
N CYS B 283 -32.56 -8.47 6.97
CA CYS B 283 -31.63 -9.60 7.09
C CYS B 283 -30.79 -9.86 5.83
N PHE B 284 -31.44 -9.88 4.67
CA PHE B 284 -30.81 -10.51 3.51
C PHE B 284 -29.64 -9.71 2.95
N GLN B 285 -29.89 -8.47 2.58
CA GLN B 285 -28.83 -7.62 2.07
C GLN B 285 -27.72 -7.46 3.10
N LYS B 286 -28.11 -7.13 4.34
CA LYS B 286 -27.16 -6.97 5.45
C LYS B 286 -26.23 -8.16 5.59
N ASP B 287 -26.79 -9.37 5.66
CA ASP B 287 -25.94 -10.51 5.91
C ASP B 287 -25.06 -10.91 4.73
N VAL B 288 -25.57 -10.75 3.51
CA VAL B 288 -24.75 -10.99 2.32
C VAL B 288 -23.60 -9.99 2.26
N LEU B 289 -23.88 -8.74 2.59
CA LEU B 289 -22.82 -7.72 2.51
C LEU B 289 -21.78 -7.90 3.62
N SER B 290 -22.24 -8.40 4.78
CA SER B 290 -21.33 -8.82 5.84
CA SER B 290 -21.35 -8.85 5.86
C SER B 290 -20.42 -9.97 5.38
N LEU B 291 -21.01 -10.95 4.69
CA LEU B 291 -20.27 -12.05 4.16
C LEU B 291 -19.28 -11.53 3.11
N VAL B 292 -19.71 -10.56 2.29
CA VAL B 292 -18.83 -10.04 1.23
C VAL B 292 -17.62 -9.28 1.84
N TYR B 293 -17.90 -8.47 2.86
CA TYR B 293 -16.84 -7.82 3.62
C TYR B 293 -15.87 -8.77 4.29
N LEU B 294 -16.38 -9.82 4.95
CA LEU B 294 -15.51 -10.87 5.49
C LEU B 294 -14.55 -11.44 4.42
N CYS B 295 -15.10 -11.83 3.28
CA CYS B 295 -14.28 -12.36 2.19
C CYS B 295 -13.17 -11.41 1.72
N GLU B 296 -13.53 -10.13 1.53
CA GLU B 296 -12.52 -9.12 1.20
C GLU B 296 -11.39 -9.07 2.25
N SER B 297 -11.80 -9.09 3.53
CA SER B 297 -10.88 -9.02 4.66
CA SER B 297 -10.88 -9.04 4.67
C SER B 297 -9.95 -10.24 4.74
N LEU B 298 -10.42 -11.38 4.23
CA LEU B 298 -9.60 -12.59 4.20
C LEU B 298 -8.76 -12.74 2.91
N ASN B 299 -8.72 -11.68 2.11
CA ASN B 299 -8.16 -11.72 0.76
CA ASN B 299 -8.14 -11.73 0.76
C ASN B 299 -8.70 -12.88 -0.07
N LEU B 300 -10.02 -13.01 -0.09
CA LEU B 300 -10.68 -13.95 -1.01
C LEU B 300 -11.57 -13.17 -1.97
N PRO B 301 -10.95 -12.34 -2.85
CA PRO B 301 -11.75 -11.46 -3.69
C PRO B 301 -12.66 -12.23 -4.66
N GLN B 302 -12.27 -13.44 -5.05
CA GLN B 302 -13.13 -14.29 -5.88
C GLN B 302 -14.46 -14.66 -5.20
N VAL B 303 -14.39 -15.01 -3.91
CA VAL B 303 -15.59 -15.34 -3.15
C VAL B 303 -16.42 -14.10 -2.85
N ALA B 304 -15.76 -13.00 -2.47
CA ALA B 304 -16.43 -11.70 -2.34
C ALA B 304 -17.25 -11.35 -3.58
N ASP B 305 -16.63 -11.44 -4.77
CA ASP B 305 -17.31 -11.12 -6.03
C ASP B 305 -18.48 -12.07 -6.30
N TYR B 306 -18.29 -13.34 -6.00
CA TYR B 306 -19.34 -14.34 -6.18
C TYR B 306 -20.61 -13.97 -5.36
N TRP B 307 -20.45 -13.67 -4.09
CA TRP B 307 -21.58 -13.27 -3.27
C TRP B 307 -22.13 -11.86 -3.57
N GLN B 308 -21.25 -10.94 -3.94
CA GLN B 308 -21.72 -9.60 -4.43
C GLN B 308 -22.74 -9.73 -5.57
N GLY B 309 -22.59 -10.78 -6.38
CA GLY B 309 -23.50 -11.06 -7.48
C GLY B 309 -24.96 -11.13 -7.04
N VAL B 310 -25.22 -11.72 -5.88
CA VAL B 310 -26.58 -11.74 -5.32
C VAL B 310 -27.18 -10.32 -5.16
N ILE B 311 -26.40 -9.43 -4.57
CA ILE B 311 -26.85 -8.04 -4.39
C ILE B 311 -26.90 -7.28 -5.74
N ASN B 312 -25.91 -7.48 -6.60
CA ASN B 312 -25.93 -6.88 -7.95
C ASN B 312 -27.21 -7.17 -8.74
N ILE B 313 -27.61 -8.44 -8.79
CA ILE B 313 -28.87 -8.82 -9.39
C ILE B 313 -30.10 -8.18 -8.71
N ASN B 314 -30.11 -8.14 -7.37
CA ASN B 314 -31.24 -7.50 -6.66
C ASN B 314 -31.40 -6.04 -7.10
N ASN B 315 -30.27 -5.33 -7.12
CA ASN B 315 -30.29 -3.91 -7.51
C ASN B 315 -30.65 -3.71 -8.99
N TRP B 316 -30.15 -4.61 -9.85
CA TRP B 316 -30.43 -4.58 -11.27
C TRP B 316 -31.88 -4.91 -11.54
N GLN B 317 -32.49 -5.82 -10.78
CA GLN B 317 -33.93 -6.09 -10.90
C GLN B 317 -34.82 -4.86 -10.63
N ARG B 318 -34.52 -4.12 -9.56
CA ARG B 318 -35.22 -2.89 -9.24
C ARG B 318 -34.98 -1.81 -10.30
N ARG B 319 -33.72 -1.64 -10.70
CA ARG B 319 -33.33 -0.65 -11.72
C ARG B 319 -34.00 -0.91 -13.07
N ARG B 320 -33.93 -2.15 -13.57
CA ARG B 320 -34.54 -2.47 -14.85
C ARG B 320 -36.07 -2.39 -14.85
N PHE B 321 -36.71 -2.66 -13.71
CA PHE B 321 -38.17 -2.57 -13.62
C PHE B 321 -38.57 -1.08 -13.72
N ALA B 322 -37.86 -0.23 -13.00
CA ALA B 322 -38.11 1.20 -13.06
C ALA B 322 -37.85 1.72 -14.49
N ASP B 323 -36.82 1.20 -15.15
CA ASP B 323 -36.49 1.62 -16.53
C ASP B 323 -37.63 1.29 -17.47
N LYS B 324 -38.27 0.15 -17.24
CA LYS B 324 -39.41 -0.27 -18.05
C LYS B 324 -40.60 0.64 -17.92
N ILE B 325 -40.88 1.09 -16.69
CA ILE B 325 -41.92 2.08 -16.42
C ILE B 325 -41.68 3.38 -17.17
N ILE B 326 -40.46 3.87 -17.06
CA ILE B 326 -40.02 5.14 -17.66
C ILE B 326 -40.06 5.06 -19.20
N ALA B 327 -39.57 3.96 -19.78
CA ALA B 327 -39.60 3.73 -21.23
C ALA B 327 -41.03 3.70 -21.79
N GLU B 328 -41.90 2.90 -21.15
CA GLU B 328 -43.31 2.84 -21.53
C GLU B 328 -44.04 4.19 -21.49
N LEU B 329 -43.63 5.06 -20.57
CA LEU B 329 -44.24 6.37 -20.40
C LEU B 329 -43.51 7.44 -21.23
N PHE B 330 -43.07 7.03 -22.43
CA PHE B 330 -42.46 7.91 -23.44
C PHE B 330 -41.09 8.46 -23.04
N ASN B 331 -40.45 7.77 -22.10
CA ASN B 331 -39.17 8.20 -21.52
C ASN B 331 -39.21 9.54 -20.80
N THR B 332 -40.42 10.03 -20.49
CA THR B 332 -40.54 11.24 -19.71
C THR B 332 -41.65 11.13 -18.68
N VAL B 333 -41.31 11.43 -17.42
CA VAL B 333 -42.25 11.27 -16.33
C VAL B 333 -42.30 12.49 -15.40
N THR B 334 -41.67 13.59 -15.78
CA THR B 334 -41.68 14.82 -15.00
C THR B 334 -43.13 15.25 -14.84
N ASP B 335 -43.53 15.53 -13.60
CA ASP B 335 -44.87 16.01 -13.27
C ASP B 335 -45.98 15.00 -13.54
N LYS B 336 -45.59 13.81 -14.03
CA LYS B 336 -46.53 12.84 -14.54
C LYS B 336 -46.93 11.90 -13.39
N LYS B 337 -48.22 11.64 -13.26
CA LYS B 337 -48.74 10.91 -12.10
C LYS B 337 -48.62 9.40 -12.26
N ILE B 338 -47.97 8.76 -11.29
CA ILE B 338 -47.83 7.31 -11.20
C ILE B 338 -48.33 6.84 -9.84
N ALA B 339 -49.21 5.84 -9.82
CA ALA B 339 -49.71 5.24 -8.59
C ALA B 339 -48.88 4.02 -8.20
N ILE B 340 -48.55 3.95 -6.92
CA ILE B 340 -47.72 2.88 -6.39
C ILE B 340 -48.61 2.09 -5.46
N PHE B 341 -48.84 0.81 -5.80
CA PHE B 341 -49.54 -0.11 -4.91
C PHE B 341 -48.52 -0.90 -4.13
N GLY B 342 -48.36 -0.56 -2.85
CA GLY B 342 -47.53 -1.31 -1.95
C GLY B 342 -46.22 -0.61 -1.61
N PHE B 343 -45.90 -0.61 -0.31
CA PHE B 343 -44.69 0.01 0.21
C PHE B 343 -43.88 -0.89 1.17
N ALA B 344 -44.54 -1.76 1.91
CA ALA B 344 -43.80 -2.65 2.83
C ALA B 344 -42.89 -3.61 2.05
N PHE B 345 -41.86 -4.14 2.70
CA PHE B 345 -40.91 -5.02 2.02
C PHE B 345 -41.51 -6.33 1.51
N LYS B 346 -42.63 -6.72 2.10
CA LYS B 346 -43.41 -7.88 1.66
C LYS B 346 -44.80 -7.68 2.26
N LYS B 347 -45.79 -8.48 1.83
CA LYS B 347 -47.15 -8.39 2.37
C LYS B 347 -47.24 -8.72 3.85
N ASN B 348 -48.32 -8.27 4.48
CA ASN B 348 -48.72 -8.65 5.83
C ASN B 348 -47.76 -8.17 6.90
N THR B 349 -47.20 -6.98 6.67
CA THR B 349 -46.33 -6.32 7.62
C THR B 349 -46.30 -4.82 7.35
N GLY B 350 -45.92 -4.05 8.37
CA GLY B 350 -45.56 -2.64 8.18
C GLY B 350 -44.06 -2.39 8.04
N ASP B 351 -43.26 -3.44 8.10
CA ASP B 351 -41.81 -3.31 8.08
C ASP B 351 -41.41 -2.85 6.68
N THR B 352 -40.60 -1.80 6.60
CA THR B 352 -40.18 -1.25 5.32
C THR B 352 -38.69 -1.38 5.06
N ARG B 353 -37.98 -2.12 5.91
CA ARG B 353 -36.52 -2.06 5.90
C ARG B 353 -36.02 -2.72 4.62
N GLU B 354 -35.13 -2.05 3.90
CA GLU B 354 -34.70 -2.47 2.55
C GLU B 354 -35.81 -2.84 1.53
N SER B 355 -36.99 -2.25 1.68
CA SER B 355 -38.11 -2.51 0.80
C SER B 355 -37.74 -2.15 -0.64
N SER B 356 -38.02 -3.05 -1.56
CA SER B 356 -37.86 -2.75 -2.98
C SER B 356 -38.67 -1.53 -3.42
N ALA B 357 -39.84 -1.31 -2.80
CA ALA B 357 -40.65 -0.15 -3.10
C ALA B 357 -39.91 1.16 -2.92
N ILE B 358 -39.15 1.27 -1.83
CA ILE B 358 -38.30 2.43 -1.55
C ILE B 358 -37.35 2.76 -2.70
N HIS B 359 -36.63 1.74 -3.17
CA HIS B 359 -35.64 1.92 -4.21
C HIS B 359 -36.24 2.14 -5.61
N VAL B 360 -37.33 1.44 -5.94
CA VAL B 360 -38.08 1.74 -7.16
C VAL B 360 -38.68 3.17 -7.14
N ILE B 361 -39.30 3.57 -6.02
CA ILE B 361 -39.82 4.95 -5.92
C ILE B 361 -38.71 5.99 -6.05
N LYS B 362 -37.59 5.76 -5.42
CA LYS B 362 -36.41 6.58 -5.61
C LYS B 362 -36.03 6.76 -7.06
N HIS B 363 -35.95 5.68 -7.81
CA HIS B 363 -35.62 5.73 -9.24
C HIS B 363 -36.62 6.61 -10.00
N LEU B 364 -37.91 6.49 -9.66
CA LEU B 364 -38.94 7.27 -10.28
C LEU B 364 -38.90 8.76 -9.87
N MET B 365 -38.56 9.01 -8.61
CA MET B 365 -38.35 10.37 -8.10
C MET B 365 -37.22 11.11 -8.81
N GLU B 366 -36.15 10.40 -9.18
CA GLU B 366 -35.04 10.97 -9.95
C GLU B 366 -35.45 11.53 -11.30
N GLU B 367 -36.57 11.03 -11.84
CA GLU B 367 -37.15 11.53 -13.08
C GLU B 367 -38.26 12.58 -12.84
N HIS B 368 -38.39 12.99 -11.58
CA HIS B 368 -39.41 13.95 -11.15
C HIS B 368 -40.85 13.52 -11.43
N ALA B 369 -41.10 12.21 -11.41
CA ALA B 369 -42.47 11.68 -11.38
C ALA B 369 -43.20 12.14 -10.12
N LYS B 370 -44.52 12.28 -10.22
CA LYS B 370 -45.35 12.51 -9.04
C LYS B 370 -45.98 11.21 -8.57
N LEU B 371 -45.53 10.71 -7.43
CA LEU B 371 -45.97 9.39 -6.99
C LEU B 371 -47.04 9.44 -5.91
N SER B 372 -48.16 8.77 -6.17
CA SER B 372 -49.17 8.55 -5.14
C SER B 372 -49.10 7.12 -4.66
N VAL B 373 -48.78 6.98 -3.39
CA VAL B 373 -48.40 5.72 -2.81
C VAL B 373 -49.54 5.26 -1.92
N TYR B 374 -49.99 4.01 -2.11
CA TYR B 374 -50.88 3.35 -1.16
C TYR B 374 -50.32 2.03 -0.64
N ASP B 375 -50.23 1.93 0.68
CA ASP B 375 -50.02 0.64 1.33
C ASP B 375 -51.10 0.48 2.42
N PRO B 376 -51.70 -0.72 2.52
CA PRO B 376 -52.71 -1.01 3.54
C PRO B 376 -52.24 -0.93 4.99
N LYS B 377 -50.94 -1.02 5.23
CA LYS B 377 -50.43 -1.15 6.61
C LYS B 377 -49.36 -0.12 7.04
N VAL B 378 -48.41 0.19 6.16
CA VAL B 378 -47.35 1.12 6.54
CA VAL B 378 -47.32 1.13 6.47
C VAL B 378 -47.90 2.51 6.84
N GLN B 379 -47.39 3.10 7.93
CA GLN B 379 -47.80 4.46 8.31
C GLN B 379 -47.25 5.51 7.38
N LYS B 380 -48.06 6.54 7.14
CA LYS B 380 -47.68 7.71 6.35
C LYS B 380 -46.33 8.31 6.79
N SER B 381 -46.11 8.46 8.10
CA SER B 381 -44.87 9.08 8.60
C SER B 381 -43.62 8.23 8.33
N GLN B 382 -43.73 6.91 8.52
CA GLN B 382 -42.66 5.98 8.13
C GLN B 382 -42.30 6.08 6.65
N MET B 383 -43.30 6.10 5.77
CA MET B 383 -43.11 6.25 4.32
C MET B 383 -42.32 7.50 3.97
N LEU B 384 -42.76 8.64 4.48
CA LEU B 384 -42.13 9.92 4.18
C LEU B 384 -40.70 9.99 4.68
N ASN B 385 -40.47 9.46 5.89
CA ASN B 385 -39.14 9.42 6.48
C ASN B 385 -38.17 8.48 5.75
N ASP B 386 -38.69 7.35 5.30
CA ASP B 386 -37.95 6.37 4.51
C ASP B 386 -37.48 7.01 3.22
N LEU B 387 -38.42 7.59 2.49
CA LEU B 387 -38.13 8.23 1.20
C LEU B 387 -37.19 9.43 1.34
N ALA B 388 -37.30 10.16 2.45
CA ALA B 388 -36.44 11.32 2.67
C ALA B 388 -34.99 10.91 2.89
N SER B 389 -34.81 9.77 3.55
CA SER B 389 -33.48 9.28 3.91
C SER B 389 -32.66 8.88 2.69
N VAL B 390 -33.34 8.54 1.59
CA VAL B 390 -32.65 8.16 0.35
C VAL B 390 -32.72 9.24 -0.71
N THR B 391 -33.53 10.27 -0.44
CA THR B 391 -33.58 11.49 -1.26
C THR B 391 -33.37 12.71 -0.36
N SER B 392 -34.44 13.49 -0.15
CA SER B 392 -34.40 14.62 0.78
C SER B 392 -35.82 14.95 1.20
N ALA B 393 -35.95 15.63 2.34
CA ALA B 393 -37.26 16.07 2.84
C ALA B 393 -37.97 16.92 1.79
N GLN B 394 -37.20 17.75 1.09
CA GLN B 394 -37.69 18.67 0.08
C GLN B 394 -38.19 17.92 -1.16
N ASP B 395 -37.41 16.93 -1.60
CA ASP B 395 -37.80 16.06 -2.71
C ASP B 395 -39.12 15.36 -2.43
N VAL B 396 -39.25 14.77 -1.24
CA VAL B 396 -40.52 14.14 -0.91
C VAL B 396 -41.76 15.05 -0.74
N GLU B 397 -41.56 16.25 -0.19
CA GLU B 397 -42.65 17.22 -0.18
C GLU B 397 -43.10 17.58 -1.60
N ARG B 398 -42.14 17.76 -2.51
CA ARG B 398 -42.39 18.04 -3.93
C ARG B 398 -43.13 16.92 -4.68
N LEU B 399 -42.71 15.67 -4.47
CA LEU B 399 -43.04 14.61 -5.43
C LEU B 399 -43.99 13.56 -4.88
N ILE B 400 -44.08 13.47 -3.57
CA ILE B 400 -44.77 12.34 -2.94
C ILE B 400 -46.12 12.71 -2.32
N THR B 401 -47.17 11.97 -2.70
CA THR B 401 -48.40 11.98 -1.93
C THR B 401 -48.78 10.60 -1.43
N VAL B 402 -49.14 10.52 -0.15
CA VAL B 402 -49.60 9.26 0.39
C VAL B 402 -51.11 9.22 0.50
N GLU B 403 -51.69 8.10 0.04
CA GLU B 403 -53.14 7.95 -0.02
C GLU B 403 -53.58 6.82 0.90
N SER B 404 -54.80 6.91 1.42
CA SER B 404 -55.35 5.82 2.23
C SER B 404 -56.23 4.90 1.39
N ASP B 405 -56.31 5.18 0.09
CA ASP B 405 -57.22 4.49 -0.82
C ASP B 405 -56.52 4.25 -2.17
N PRO B 406 -56.53 2.99 -2.68
CA PRO B 406 -55.91 2.67 -3.97
C PRO B 406 -56.54 3.36 -5.18
N TYR B 407 -57.86 3.58 -5.15
CA TYR B 407 -58.53 4.25 -6.28
C TYR B 407 -58.19 5.72 -6.32
N ALA B 408 -58.05 6.31 -5.13
CA ALA B 408 -57.55 7.68 -4.98
C ALA B 408 -56.14 7.86 -5.58
N ALA B 409 -55.25 6.91 -5.29
CA ALA B 409 -53.91 6.89 -5.90
C ALA B 409 -53.98 6.76 -7.42
N ALA B 410 -54.85 5.86 -7.88
CA ALA B 410 -54.90 5.46 -9.28
C ALA B 410 -55.58 6.51 -10.16
N ARG B 411 -56.37 7.39 -9.55
CA ARG B 411 -57.14 8.37 -10.30
C ARG B 411 -56.25 9.37 -11.07
N GLY B 412 -56.44 9.45 -12.38
CA GLY B 412 -55.63 10.33 -13.20
C GLY B 412 -54.17 9.88 -13.38
N ALA B 413 -53.82 8.69 -12.90
CA ALA B 413 -52.47 8.10 -13.11
C ALA B 413 -52.22 7.67 -14.56
N HIS B 414 -50.97 7.74 -14.99
CA HIS B 414 -50.54 7.17 -16.28
C HIS B 414 -50.08 5.71 -16.13
N ALA B 415 -49.56 5.38 -14.96
CA ALA B 415 -49.12 4.02 -14.68
C ALA B 415 -49.63 3.57 -13.34
N ILE B 416 -49.87 2.27 -13.21
CA ILE B 416 -50.01 1.61 -11.91
C ILE B 416 -48.82 0.68 -11.69
N VAL B 417 -48.29 0.68 -10.47
CA VAL B 417 -47.09 -0.09 -10.16
C VAL B 417 -47.32 -0.87 -8.89
N VAL B 418 -47.44 -2.19 -9.03
CA VAL B 418 -47.46 -3.04 -7.86
C VAL B 418 -46.11 -3.54 -7.35
N LEU B 419 -45.78 -3.05 -6.17
CA LEU B 419 -44.47 -3.26 -5.59
C LEU B 419 -44.52 -4.15 -4.35
N THR B 420 -45.72 -4.44 -3.86
CA THR B 420 -45.84 -5.32 -2.70
C THR B 420 -47.05 -6.23 -2.90
N GLU B 421 -46.92 -7.48 -2.48
CA GLU B 421 -47.82 -8.52 -2.96
C GLU B 421 -49.11 -8.62 -2.11
N TRP B 422 -49.62 -7.47 -1.63
CA TRP B 422 -50.85 -7.46 -0.80
C TRP B 422 -52.02 -8.08 -1.54
N ASP B 423 -52.76 -8.97 -0.87
CA ASP B 423 -53.86 -9.72 -1.50
C ASP B 423 -55.00 -8.81 -1.96
N GLU B 424 -55.15 -7.67 -1.31
CA GLU B 424 -56.20 -6.75 -1.67
C GLU B 424 -56.02 -6.12 -3.06
N PHE B 425 -54.78 -6.10 -3.57
CA PHE B 425 -54.54 -5.60 -4.92
C PHE B 425 -55.12 -6.48 -6.03
N VAL B 426 -55.18 -7.79 -5.80
CA VAL B 426 -55.85 -8.71 -6.69
C VAL B 426 -57.34 -8.49 -6.46
N GLU B 427 -58.11 -8.44 -7.55
CA GLU B 427 -59.54 -8.17 -7.48
C GLU B 427 -59.88 -6.85 -6.75
N LEU B 428 -59.11 -5.81 -7.06
CA LEU B 428 -59.64 -4.46 -7.14
C LEU B 428 -60.39 -4.34 -8.46
N ASN B 429 -61.09 -3.22 -8.64
CA ASN B 429 -61.88 -3.03 -9.84
C ASN B 429 -61.05 -2.32 -10.90
N TYR B 430 -60.36 -3.11 -11.73
CA TYR B 430 -59.39 -2.62 -12.71
C TYR B 430 -60.02 -2.04 -13.97
N SER B 431 -61.26 -2.42 -14.26
CA SER B 431 -62.07 -1.71 -15.26
C SER B 431 -62.30 -0.24 -14.90
N GLN B 432 -62.75 0.00 -13.69
CA GLN B 432 -62.96 1.38 -13.16
C GLN B 432 -61.63 2.13 -13.07
N ILE B 433 -60.59 1.43 -12.60
CA ILE B 433 -59.24 1.99 -12.59
C ILE B 433 -58.82 2.43 -13.98
N HIS B 434 -58.96 1.54 -14.97
CA HIS B 434 -58.59 1.90 -16.35
C HIS B 434 -59.36 3.12 -16.83
N ASN B 435 -60.66 3.16 -16.56
CA ASN B 435 -61.52 4.27 -16.99
C ASN B 435 -61.06 5.64 -16.47
N ASP B 436 -60.64 5.68 -15.23
CA ASP B 436 -60.22 6.93 -14.60
C ASP B 436 -58.75 7.32 -14.79
N MET B 437 -58.01 6.51 -15.53
CA MET B 437 -56.60 6.78 -15.76
C MET B 437 -56.45 7.67 -16.98
N GLN B 438 -55.26 8.27 -17.12
CA GLN B 438 -54.83 8.77 -18.40
C GLN B 438 -54.69 7.64 -19.41
N HIS B 439 -54.85 7.97 -20.68
CA HIS B 439 -54.76 6.96 -21.72
C HIS B 439 -53.73 7.33 -22.78
N PRO B 440 -52.90 6.36 -23.20
CA PRO B 440 -52.91 4.95 -22.81
C PRO B 440 -52.56 4.72 -21.34
N ALA B 441 -53.18 3.71 -20.73
CA ALA B 441 -52.97 3.39 -19.33
C ALA B 441 -52.04 2.17 -19.23
N ALA B 442 -51.00 2.28 -18.41
CA ALA B 442 -50.07 1.17 -18.21
C ALA B 442 -50.17 0.57 -16.80
N ILE B 443 -49.96 -0.74 -16.69
CA ILE B 443 -49.83 -1.37 -15.38
C ILE B 443 -48.59 -2.30 -15.30
N PHE B 444 -47.89 -2.25 -14.17
CA PHE B 444 -46.64 -3.02 -14.00
C PHE B 444 -46.69 -3.83 -12.74
N ASP B 445 -46.68 -5.15 -12.89
CA ASP B 445 -46.80 -6.02 -11.74
C ASP B 445 -45.41 -6.57 -11.33
N GLY B 446 -44.85 -6.02 -10.26
CA GLY B 446 -43.54 -6.44 -9.72
C GLY B 446 -43.64 -7.61 -8.76
N ARG B 447 -44.86 -8.14 -8.60
CA ARG B 447 -45.08 -9.18 -7.60
C ARG B 447 -45.77 -10.43 -8.15
N LEU B 448 -46.06 -10.44 -9.44
CA LEU B 448 -46.67 -11.59 -10.13
C LEU B 448 -47.97 -12.06 -9.43
N ILE B 449 -48.81 -11.11 -9.01
CA ILE B 449 -50.09 -11.44 -8.38
C ILE B 449 -51.35 -11.14 -9.22
N LEU B 450 -51.20 -10.39 -10.30
CA LEU B 450 -52.35 -10.03 -11.13
C LEU B 450 -52.53 -10.93 -12.35
N ASP B 451 -53.73 -10.87 -12.93
CA ASP B 451 -54.11 -11.64 -14.11
C ASP B 451 -53.81 -10.81 -15.35
N GLN B 452 -52.79 -11.20 -16.09
CA GLN B 452 -52.29 -10.47 -17.25
C GLN B 452 -53.28 -10.39 -18.40
N LYS B 453 -53.87 -11.53 -18.74
CA LYS B 453 -54.90 -11.64 -19.78
C LYS B 453 -56.12 -10.75 -19.49
N ALA B 454 -56.66 -10.85 -18.28
CA ALA B 454 -57.73 -9.98 -17.82
C ALA B 454 -57.42 -8.49 -17.94
N LEU B 455 -56.23 -8.09 -17.53
CA LEU B 455 -55.83 -6.70 -17.63
C LEU B 455 -55.69 -6.26 -19.08
N ARG B 456 -55.17 -7.14 -19.93
CA ARG B 456 -55.01 -6.89 -21.36
C ARG B 456 -56.39 -6.66 -22.00
N GLU B 457 -57.36 -7.47 -21.58
CA GLU B 457 -58.72 -7.42 -22.10
C GLU B 457 -59.42 -6.09 -21.76
N ILE B 458 -59.20 -5.61 -20.54
CA ILE B 458 -59.63 -4.27 -20.14
C ILE B 458 -59.04 -3.15 -21.01
N GLY B 459 -57.84 -3.36 -21.52
CA GLY B 459 -57.24 -2.42 -22.46
C GLY B 459 -55.99 -1.74 -21.91
N PHE B 460 -55.54 -2.18 -20.73
CA PHE B 460 -54.22 -1.85 -20.19
C PHE B 460 -53.10 -2.27 -21.14
N ARG B 461 -52.08 -1.42 -21.21
CA ARG B 461 -50.75 -1.90 -21.53
C ARG B 461 -50.13 -2.51 -20.27
N THR B 462 -50.07 -3.84 -20.24
CA THR B 462 -49.77 -4.57 -19.01
C THR B 462 -48.41 -5.30 -19.09
N PHE B 463 -47.66 -5.31 -17.98
CA PHE B 463 -46.34 -5.93 -17.89
CA PHE B 463 -46.35 -5.93 -17.91
C PHE B 463 -46.20 -6.66 -16.57
N ALA B 464 -45.52 -7.79 -16.56
CA ALA B 464 -45.19 -8.46 -15.31
C ALA B 464 -43.77 -8.94 -15.43
N ILE B 465 -43.06 -8.95 -14.31
CA ILE B 465 -41.72 -9.50 -14.28
C ILE B 465 -41.84 -10.98 -14.65
N GLY B 466 -41.00 -11.46 -15.57
CA GLY B 466 -40.94 -12.90 -15.86
C GLY B 466 -41.93 -13.32 -16.96
N THR B 467 -42.62 -12.33 -17.55
CA THR B 467 -43.48 -12.57 -18.71
C THR B 467 -43.11 -11.64 -19.87
N SER B 468 -43.00 -12.20 -21.08
CA SER B 468 -42.73 -11.39 -22.27
C SER B 468 -43.92 -10.47 -22.54
N PRO B 469 -43.66 -9.17 -22.73
CA PRO B 469 -44.72 -8.17 -22.94
C PRO B 469 -45.56 -8.43 -24.20
N ASP B 470 -44.90 -8.73 -25.31
CA ASP B 470 -45.61 -9.02 -26.56
C ASP B 470 -45.76 -10.52 -26.82
N GLN B 471 -46.89 -11.08 -26.39
CA GLN B 471 -47.15 -12.52 -26.50
C GLN B 471 -47.51 -12.93 -27.92
N PHE C 6 28.43 42.30 -18.44
CA PHE C 6 28.91 41.66 -17.17
C PHE C 6 30.42 41.78 -17.04
N GLY C 7 30.90 42.14 -15.85
CA GLY C 7 30.06 42.72 -14.80
C GLY C 7 30.29 42.11 -13.42
N LYS C 8 31.45 42.40 -12.84
CA LYS C 8 31.83 41.91 -11.51
C LYS C 8 30.93 42.49 -10.40
N VAL C 9 30.73 41.70 -9.34
CA VAL C 9 29.56 41.84 -8.49
C VAL C 9 29.92 42.31 -7.08
N SER C 10 29.47 43.51 -6.72
CA SER C 10 29.70 44.06 -5.39
C SER C 10 28.42 44.30 -4.59
N LYS C 11 27.29 44.42 -5.30
CA LYS C 11 25.99 44.54 -4.64
C LYS C 11 25.06 43.36 -4.98
N VAL C 12 24.60 42.68 -3.94
CA VAL C 12 23.74 41.52 -4.09
C VAL C 12 22.41 41.83 -3.40
N VAL C 13 21.31 41.53 -4.10
CA VAL C 13 19.99 41.66 -3.52
C VAL C 13 19.23 40.32 -3.63
N CYS C 14 18.41 40.01 -2.62
CA CYS C 14 17.54 38.86 -2.69
C CYS C 14 16.12 39.26 -2.35
N VAL C 15 15.19 38.96 -3.25
CA VAL C 15 13.77 39.24 -3.04
C VAL C 15 13.08 38.05 -2.37
N GLY C 16 12.35 38.33 -1.30
CA GLY C 16 11.94 37.29 -0.35
C GLY C 16 12.88 37.24 0.83
N ALA C 17 12.33 37.45 2.03
CA ALA C 17 13.11 37.48 3.25
C ALA C 17 12.61 36.43 4.23
N GLY C 18 12.60 35.18 3.77
CA GLY C 18 12.21 34.06 4.62
C GLY C 18 13.36 33.09 4.80
N TYR C 19 13.02 31.80 4.88
CA TYR C 19 13.92 30.80 5.44
C TYR C 19 15.07 30.46 4.52
N VAL C 20 14.93 30.81 3.25
CA VAL C 20 15.98 30.59 2.29
C VAL C 20 16.84 31.85 2.14
N GLY C 21 16.19 32.97 1.85
CA GLY C 21 16.87 34.17 1.38
C GLY C 21 17.62 34.89 2.47
N GLY C 22 17.02 34.95 3.66
CA GLY C 22 17.63 35.57 4.83
C GLY C 22 18.94 34.94 5.27
N PRO C 23 18.89 33.66 5.71
CA PRO C 23 20.09 32.87 6.01
C PRO C 23 21.15 32.81 4.90
N THR C 24 20.73 32.77 3.64
CA THR C 24 21.69 32.67 2.53
C THR C 24 22.46 33.98 2.41
N CYS C 25 21.75 35.09 2.50
CA CYS C 25 22.35 36.42 2.44
C CYS C 25 23.24 36.72 3.65
N ALA C 26 22.80 36.29 4.83
CA ALA C 26 23.63 36.36 6.04
C ALA C 26 24.98 35.67 5.90
N MET C 27 25.01 34.48 5.29
CA MET C 27 26.26 33.76 5.04
C MET C 27 27.15 34.42 3.98
N ILE C 28 26.53 35.03 2.97
CA ILE C 28 27.27 35.71 1.91
C ILE C 28 28.02 36.93 2.51
N ALA C 29 27.32 37.68 3.34
CA ALA C 29 27.92 38.85 3.99
C ALA C 29 29.05 38.43 4.93
N HIS C 30 28.77 37.43 5.77
CA HIS C 30 29.73 36.86 6.69
C HIS C 30 31.07 36.51 6.03
N LYS C 31 31.01 35.85 4.88
CA LYS C 31 32.20 35.28 4.25
C LYS C 31 32.68 36.10 3.06
N CYS C 32 31.96 37.18 2.74
CA CYS C 32 32.47 38.21 1.83
C CYS C 32 32.16 39.60 2.38
N PRO C 33 33.16 40.25 3.00
CA PRO C 33 33.02 41.59 3.56
C PRO C 33 32.91 42.67 2.48
N HIS C 34 33.49 42.40 1.31
CA HIS C 34 33.59 43.34 0.20
C HIS C 34 32.33 43.40 -0.66
N ILE C 35 31.35 42.58 -0.32
CA ILE C 35 30.08 42.55 -1.04
C ILE C 35 28.97 43.07 -0.13
N THR C 36 28.26 44.08 -0.62
CA THR C 36 27.13 44.68 0.09
C THR C 36 25.84 43.93 -0.24
N VAL C 37 25.19 43.39 0.79
CA VAL C 37 24.08 42.46 0.61
C VAL C 37 22.78 43.02 1.20
N THR C 38 21.80 43.28 0.33
CA THR C 38 20.46 43.72 0.76
C THR C 38 19.37 42.65 0.58
N VAL C 39 18.60 42.40 1.63
CA VAL C 39 17.45 41.48 1.58
C VAL C 39 16.12 42.23 1.60
N VAL C 40 15.34 42.07 0.52
CA VAL C 40 14.09 42.82 0.35
C VAL C 40 12.83 41.96 0.29
N ASP C 41 11.68 42.59 0.54
CA ASP C 41 10.47 41.92 1.04
C ASP C 41 9.40 42.97 1.34
N MET C 42 8.15 42.70 0.94
CA MET C 42 7.06 43.67 1.08
CA MET C 42 7.07 43.68 1.09
C MET C 42 6.44 43.65 2.47
N ASN C 43 6.68 42.57 3.22
CA ASN C 43 6.27 42.49 4.61
C ASN C 43 7.19 43.34 5.50
N THR C 44 6.75 44.56 5.76
CA THR C 44 7.56 45.54 6.51
C THR C 44 7.80 45.12 7.95
N ALA C 45 6.83 44.41 8.55
CA ALA C 45 6.99 43.85 9.90
C ALA C 45 8.01 42.69 9.98
N LYS C 46 8.08 41.88 8.93
CA LYS C 46 9.14 40.87 8.80
C LYS C 46 10.51 41.52 8.62
N ILE C 47 10.56 42.60 7.84
CA ILE C 47 11.77 43.40 7.69
C ILE C 47 12.18 44.06 9.02
N ALA C 48 11.17 44.46 9.80
CA ALA C 48 11.37 45.06 11.13
C ALA C 48 11.93 44.05 12.12
N GLU C 49 11.45 42.81 12.02
CA GLU C 49 11.95 41.68 12.81
C GLU C 49 13.41 41.38 12.50
N TRP C 50 13.77 41.43 11.21
CA TRP C 50 15.14 41.25 10.77
C TRP C 50 16.06 42.38 11.23
N ASN C 51 15.50 43.57 11.41
CA ASN C 51 16.25 44.73 11.92
C ASN C 51 16.13 44.94 13.44
N SER C 52 15.59 43.94 14.14
CA SER C 52 15.45 44.01 15.60
C SER C 52 16.41 43.07 16.34
N ASP C 53 16.29 43.05 17.67
CA ASP C 53 17.06 42.12 18.51
C ASP C 53 16.52 40.68 18.46
N LYS C 54 15.23 40.55 18.14
CA LYS C 54 14.60 39.25 17.88
C LYS C 54 14.34 39.01 16.39
N LEU C 55 15.19 38.18 15.77
CA LEU C 55 15.06 37.85 14.34
C LEU C 55 13.84 36.93 14.12
N PRO C 56 13.19 37.02 12.94
CA PRO C 56 11.89 36.38 12.74
C PRO C 56 11.92 34.86 12.72
N ILE C 57 13.07 34.31 12.33
CA ILE C 57 13.29 32.85 12.37
C ILE C 57 14.44 32.47 13.30
N TYR C 58 14.33 31.30 13.92
CA TYR C 58 15.43 30.77 14.74
C TYR C 58 16.32 29.81 13.95
N GLU C 59 17.52 30.27 13.61
CA GLU C 59 18.59 29.37 13.22
C GLU C 59 19.76 29.40 14.21
N PRO C 60 20.22 28.20 14.64
CA PRO C 60 21.46 28.04 15.42
C PRO C 60 22.63 28.80 14.82
N GLY C 61 23.11 29.79 15.56
CA GLY C 61 24.26 30.59 15.13
C GLY C 61 23.97 31.64 14.07
N LEU C 62 22.70 31.93 13.84
CA LEU C 62 22.30 32.95 12.86
C LEU C 62 22.36 34.37 13.43
N ASP C 63 21.86 34.53 14.65
CA ASP C 63 21.98 35.78 15.41
C ASP C 63 23.35 36.43 15.19
N GLU C 64 24.40 35.68 15.51
CA GLU C 64 25.75 36.22 15.62
C GLU C 64 26.42 36.46 14.26
N ILE C 65 25.87 35.84 13.22
CA ILE C 65 26.27 36.12 11.85
C ILE C 65 25.61 37.42 11.38
N VAL C 66 24.32 37.56 11.69
CA VAL C 66 23.54 38.72 11.29
C VAL C 66 24.01 39.99 12.02
N PHE C 67 24.08 39.93 13.35
CA PHE C 67 24.40 41.11 14.17
C PHE C 67 25.78 41.70 13.89
N ALA C 68 26.74 40.83 13.57
CA ALA C 68 28.10 41.25 13.21
C ALA C 68 28.24 41.65 11.74
N ALA C 69 27.12 41.72 11.01
CA ALA C 69 27.13 42.10 9.61
C ALA C 69 26.06 43.14 9.28
N ARG C 70 24.97 43.09 10.03
CA ARG C 70 23.86 44.04 9.87
CA ARG C 70 23.86 44.04 9.88
C ARG C 70 24.34 45.47 10.10
N GLY C 71 24.11 46.33 9.11
CA GLY C 71 24.58 47.70 9.14
C GLY C 71 25.95 47.84 8.49
N ARG C 72 26.71 46.76 8.46
CA ARG C 72 28.06 46.78 7.92
C ARG C 72 28.05 46.50 6.42
N ASN C 73 27.85 45.23 6.05
CA ASN C 73 27.56 44.90 4.65
C ASN C 73 26.32 44.01 4.45
N LEU C 74 25.57 43.80 5.53
CA LEU C 74 24.22 43.22 5.45
C LEU C 74 23.13 44.26 5.74
N PHE C 75 22.11 44.28 4.88
CA PHE C 75 21.04 45.29 4.95
C PHE C 75 19.65 44.68 4.70
N PHE C 76 18.72 44.96 5.62
CA PHE C 76 17.31 44.59 5.43
C PHE C 76 16.46 45.83 5.09
N SER C 77 15.89 45.82 3.89
CA SER C 77 15.00 46.90 3.43
C SER C 77 13.65 46.36 2.94
N SER C 78 12.62 47.19 3.03
CA SER C 78 11.36 46.94 2.32
C SER C 78 11.22 47.83 1.09
N ASP C 79 12.22 48.64 0.81
CA ASP C 79 12.27 49.40 -0.43
C ASP C 79 12.77 48.52 -1.56
N ILE C 80 11.86 47.67 -2.05
CA ILE C 80 12.16 46.73 -3.13
C ILE C 80 12.66 47.41 -4.44
N PRO C 81 11.89 48.37 -5.00
CA PRO C 81 12.32 48.98 -6.27
C PRO C 81 13.75 49.53 -6.25
N LYS C 82 14.15 50.11 -5.12
CA LYS C 82 15.40 50.84 -4.98
C LYS C 82 16.60 49.87 -4.97
N ALA C 83 16.49 48.83 -4.15
CA ALA C 83 17.51 47.79 -4.06
C ALA C 83 17.68 47.03 -5.38
N ILE C 84 16.56 46.82 -6.08
CA ILE C 84 16.56 46.32 -7.46
C ILE C 84 17.38 47.22 -8.37
N ALA C 85 17.17 48.54 -8.24
CA ALA C 85 17.83 49.52 -9.10
C ALA C 85 19.35 49.53 -8.96
N GLU C 86 19.84 49.40 -7.72
CA GLU C 86 21.28 49.45 -7.45
C GLU C 86 22.04 48.16 -7.81
N ALA C 87 21.37 47.00 -7.68
CA ALA C 87 22.01 45.67 -7.65
C ALA C 87 22.82 45.28 -8.89
N ASP C 88 23.81 44.39 -8.71
CA ASP C 88 24.45 43.66 -9.82
C ASP C 88 23.85 42.26 -9.99
N LEU C 89 23.55 41.62 -8.85
CA LEU C 89 23.04 40.24 -8.84
C LEU C 89 21.80 40.16 -7.93
N ILE C 90 20.75 39.52 -8.45
CA ILE C 90 19.47 39.41 -7.74
C ILE C 90 19.05 37.94 -7.60
N PHE C 91 18.92 37.51 -6.35
CA PHE C 91 18.27 36.24 -6.04
C PHE C 91 16.77 36.43 -5.99
N ILE C 92 16.03 35.42 -6.45
CA ILE C 92 14.59 35.35 -6.24
C ILE C 92 14.33 34.21 -5.28
N SER C 93 13.70 34.54 -4.15
CA SER C 93 13.52 33.57 -3.09
C SER C 93 12.12 33.72 -2.51
N VAL C 94 11.13 33.47 -3.34
CA VAL C 94 9.74 33.35 -2.89
C VAL C 94 9.20 31.93 -3.07
N ASN C 95 8.10 31.63 -2.40
CA ASN C 95 7.38 30.38 -2.57
C ASN C 95 6.88 30.14 -3.99
N THR C 96 6.60 28.88 -4.30
CA THR C 96 5.77 28.52 -5.44
C THR C 96 4.69 27.57 -4.94
N PRO C 97 3.64 28.10 -4.28
CA PRO C 97 2.70 27.19 -3.61
C PRO C 97 2.03 26.30 -4.65
N THR C 98 1.53 25.15 -4.25
CA THR C 98 1.01 24.20 -5.23
C THR C 98 -0.33 24.71 -5.74
N LYS C 99 -0.55 24.59 -7.06
CA LYS C 99 -1.87 24.89 -7.64
C LYS C 99 -3.02 24.20 -6.90
N MET C 100 -4.04 25.00 -6.56
CA MET C 100 -5.18 24.55 -5.76
C MET C 100 -6.33 24.06 -6.65
N TYR C 101 -6.22 24.33 -7.95
CA TYR C 101 -7.24 24.01 -8.93
C TYR C 101 -6.60 24.04 -10.32
N GLY C 102 -7.34 23.57 -11.31
CA GLY C 102 -6.92 23.68 -12.70
C GLY C 102 -5.86 22.68 -13.12
N ARG C 103 -5.11 23.05 -14.16
CA ARG C 103 -4.13 22.18 -14.79
C ARG C 103 -2.94 21.93 -13.83
N GLY C 104 -2.86 20.70 -13.33
CA GLY C 104 -1.85 20.35 -12.32
C GLY C 104 -2.30 20.58 -10.89
N LYS C 105 -3.61 20.67 -10.68
CA LYS C 105 -4.19 20.73 -9.33
C LYS C 105 -3.57 19.68 -8.39
N GLY C 106 -2.98 20.16 -7.30
CA GLY C 106 -2.34 19.29 -6.33
C GLY C 106 -0.90 18.89 -6.63
N MET C 107 -0.39 19.26 -7.80
CA MET C 107 0.91 18.77 -8.28
C MET C 107 1.83 19.87 -8.81
N ALA C 108 1.27 20.81 -9.58
CA ALA C 108 2.07 21.79 -10.30
C ALA C 108 2.34 23.00 -9.40
N PRO C 109 3.60 23.46 -9.37
CA PRO C 109 3.91 24.70 -8.65
C PRO C 109 3.31 25.94 -9.31
N ASP C 110 2.56 26.72 -8.52
CA ASP C 110 2.05 28.02 -8.95
C ASP C 110 3.17 29.08 -9.05
N LEU C 111 3.52 29.46 -10.27
CA LEU C 111 4.65 30.36 -10.55
C LEU C 111 4.34 31.86 -10.33
N LYS C 112 3.29 32.16 -9.57
CA LYS C 112 2.71 33.51 -9.54
C LYS C 112 3.58 34.55 -8.81
N TYR C 113 4.32 34.09 -7.80
CA TYR C 113 5.26 34.96 -7.08
C TYR C 113 6.56 35.14 -7.87
N VAL C 114 7.09 34.05 -8.41
CA VAL C 114 8.19 34.14 -9.40
C VAL C 114 7.86 35.09 -10.57
N GLU C 115 6.59 35.15 -10.92
CA GLU C 115 6.11 35.99 -12.02
C GLU C 115 6.05 37.47 -11.59
N SER C 116 5.51 37.70 -10.40
CA SER C 116 5.35 39.02 -9.82
C SER C 116 6.72 39.70 -9.73
N VAL C 117 7.67 38.97 -9.12
CA VAL C 117 9.01 39.47 -8.85
C VAL C 117 9.79 39.69 -10.15
N SER C 118 9.64 38.78 -11.11
CA SER C 118 10.23 38.96 -12.44
C SER C 118 9.74 40.22 -13.12
N ARG C 119 8.48 40.59 -12.86
CA ARG C 119 7.89 41.79 -13.46
C ARG C 119 8.35 43.07 -12.76
N THR C 120 8.56 42.99 -11.45
CA THR C 120 9.19 44.06 -10.66
C THR C 120 10.63 44.34 -11.09
N ILE C 121 11.40 43.27 -11.34
CA ILE C 121 12.76 43.40 -11.90
C ILE C 121 12.70 44.13 -13.25
N ALA C 122 11.72 43.75 -14.08
CA ALA C 122 11.56 44.35 -15.42
C ALA C 122 11.36 45.86 -15.40
N GLN C 123 10.57 46.34 -14.44
CA GLN C 123 10.25 47.76 -14.33
C GLN C 123 11.44 48.57 -13.79
N TYR C 124 11.86 48.26 -12.57
CA TYR C 124 12.83 49.08 -11.83
C TYR C 124 14.30 48.67 -12.02
N ALA C 125 14.65 48.15 -13.19
CA ALA C 125 15.98 47.59 -13.41
C ALA C 125 17.08 48.67 -13.47
N GLY C 126 17.14 49.37 -14.60
CA GLY C 126 18.16 50.39 -14.82
C GLY C 126 19.29 49.92 -15.73
N GLY C 127 19.90 48.78 -15.38
CA GLY C 127 21.03 48.26 -16.15
C GLY C 127 20.95 46.76 -16.42
N PRO C 128 22.10 46.16 -16.78
CA PRO C 128 22.27 44.70 -16.79
C PRO C 128 22.21 44.07 -15.40
N LYS C 129 21.41 43.00 -15.26
CA LYS C 129 21.39 42.19 -14.04
C LYS C 129 21.70 40.72 -14.31
N ILE C 130 22.26 40.05 -13.30
CA ILE C 130 22.13 38.60 -13.15
C ILE C 130 20.95 38.27 -12.23
N VAL C 131 20.04 37.43 -12.73
CA VAL C 131 18.84 37.04 -11.98
C VAL C 131 18.91 35.56 -11.63
N VAL C 132 18.76 35.22 -10.35
CA VAL C 132 19.10 33.89 -9.88
C VAL C 132 17.92 33.24 -9.16
N GLU C 133 17.50 32.06 -9.62
CA GLU C 133 16.47 31.31 -8.94
C GLU C 133 17.12 30.59 -7.76
N LYS C 134 16.66 30.91 -6.56
CA LYS C 134 17.26 30.33 -5.36
C LYS C 134 16.29 29.37 -4.68
N SER C 135 15.04 29.78 -4.51
CA SER C 135 14.00 28.90 -3.99
C SER C 135 13.56 27.92 -5.09
N THR C 136 12.93 26.83 -4.68
CA THR C 136 12.65 25.75 -5.62
C THR C 136 11.63 26.19 -6.67
N VAL C 137 11.95 25.93 -7.94
CA VAL C 137 11.07 26.21 -9.07
C VAL C 137 10.82 24.91 -9.86
N PRO C 138 9.70 24.86 -10.62
CA PRO C 138 9.57 23.82 -11.64
C PRO C 138 10.58 24.00 -12.76
N VAL C 139 10.95 22.90 -13.43
CA VAL C 139 11.89 22.96 -14.56
C VAL C 139 11.36 23.87 -15.67
N LYS C 140 12.28 24.62 -16.29
CA LYS C 140 12.00 25.66 -17.29
CA LYS C 140 11.99 25.65 -17.30
C LYS C 140 11.25 26.88 -16.77
N ALA C 141 11.26 27.10 -15.46
CA ALA C 141 10.77 28.35 -14.90
C ALA C 141 11.64 29.56 -15.31
N ALA C 142 12.90 29.29 -15.66
CA ALA C 142 13.86 30.32 -16.10
C ALA C 142 13.52 30.86 -17.47
N GLU C 143 12.87 30.03 -18.29
CA GLU C 143 12.29 30.46 -19.55
C GLU C 143 11.23 31.53 -19.34
N SER C 144 10.42 31.36 -18.30
CA SER C 144 9.32 32.27 -17.98
C SER C 144 9.85 33.60 -17.44
N ILE C 145 10.82 33.52 -16.54
CA ILE C 145 11.59 34.68 -16.10
C ILE C 145 12.26 35.37 -17.28
N GLY C 146 13.10 34.62 -17.99
CA GLY C 146 13.73 35.06 -19.24
C GLY C 146 12.82 35.80 -20.22
N CYS C 147 11.58 35.33 -20.35
CA CYS C 147 10.62 35.92 -21.28
C CYS C 147 10.04 37.25 -20.79
N ILE C 148 9.77 37.34 -19.49
CA ILE C 148 9.30 38.57 -18.87
C ILE C 148 10.35 39.68 -18.99
N LEU C 149 11.61 39.33 -18.70
CA LEU C 149 12.71 40.28 -18.69
C LEU C 149 13.08 40.80 -20.08
N ARG C 150 12.89 39.99 -21.12
CA ARG C 150 13.19 40.42 -22.49
C ARG C 150 12.22 41.48 -23.04
N GLU C 151 11.06 41.60 -22.39
CA GLU C 151 10.08 42.63 -22.71
C GLU C 151 10.45 43.99 -22.07
N ALA C 152 11.56 44.01 -21.35
CA ALA C 152 12.18 45.26 -20.92
C ALA C 152 13.33 45.67 -21.84
N GLN C 153 13.98 44.70 -22.49
CA GLN C 153 15.09 44.97 -23.39
C GLN C 153 14.69 45.00 -24.87
N LYS C 154 13.40 45.00 -25.14
CA LYS C 154 12.86 45.36 -26.46
C LYS C 154 13.08 46.84 -26.75
N LEU C 159 20.26 47.35 -20.13
CA LEU C 159 19.31 46.25 -19.98
C LEU C 159 19.78 45.01 -20.74
N LYS C 160 20.50 44.14 -20.04
CA LYS C 160 21.08 42.94 -20.65
C LYS C 160 21.20 41.82 -19.63
N PHE C 161 20.23 40.89 -19.67
CA PHE C 161 20.01 39.94 -18.56
C PHE C 161 20.65 38.59 -18.83
N GLN C 162 21.01 37.90 -17.75
CA GLN C 162 21.10 36.44 -17.75
C GLN C 162 20.39 35.87 -16.52
N VAL C 163 19.54 34.87 -16.75
CA VAL C 163 18.85 34.16 -15.67
C VAL C 163 19.62 32.91 -15.27
N LEU C 164 19.79 32.71 -13.96
CA LEU C 164 20.59 31.61 -13.44
C LEU C 164 19.80 30.79 -12.45
N SER C 165 20.12 29.50 -12.37
CA SER C 165 19.60 28.62 -11.32
CA SER C 165 19.60 28.65 -11.30
C SER C 165 20.67 28.30 -10.27
N ASN C 166 20.33 28.52 -9.01
CA ASN C 166 21.19 28.12 -7.89
C ASN C 166 20.32 27.67 -6.72
N PRO C 167 19.89 26.39 -6.76
CA PRO C 167 18.90 25.89 -5.81
C PRO C 167 19.42 25.87 -4.38
N GLU C 168 18.51 25.84 -3.42
CA GLU C 168 18.89 25.77 -2.03
C GLU C 168 19.01 24.31 -1.60
N PHE C 169 20.02 23.99 -0.80
CA PHE C 169 20.14 22.66 -0.19
C PHE C 169 20.29 22.73 1.32
N LEU C 170 19.17 22.77 2.03
CA LEU C 170 19.09 23.49 3.28
C LEU C 170 18.04 22.90 4.18
N ALA C 171 18.46 22.40 5.33
CA ALA C 171 17.52 21.91 6.33
C ALA C 171 17.27 22.97 7.38
N GLU C 172 16.13 22.86 8.07
CA GLU C 172 15.85 23.63 9.27
C GLU C 172 16.78 23.22 10.41
N GLY C 173 17.38 24.21 11.06
CA GLY C 173 18.16 23.97 12.28
C GLY C 173 19.61 23.65 12.00
N THR C 174 19.96 23.53 10.72
CA THR C 174 21.35 23.33 10.31
C THR C 174 21.67 24.27 9.15
N ALA C 175 20.84 25.28 8.95
CA ALA C 175 21.00 26.18 7.80
C ALA C 175 22.38 26.83 7.76
N MET C 176 22.89 27.22 8.92
CA MET C 176 24.20 27.89 9.01
C MET C 176 25.35 26.91 8.74
N LYS C 177 25.32 25.79 9.45
CA LYS C 177 26.14 24.62 9.13
C LYS C 177 26.13 24.31 7.63
N ASP C 178 24.94 24.23 7.04
CA ASP C 178 24.77 23.81 5.64
C ASP C 178 25.26 24.86 4.67
N LEU C 179 25.08 26.13 5.01
CA LEU C 179 25.58 27.22 4.16
C LEU C 179 27.11 27.34 4.22
N ALA C 180 27.67 27.14 5.40
CA ALA C 180 29.13 27.25 5.61
C ALA C 180 29.89 26.02 5.08
N ASN C 181 29.35 24.83 5.31
CA ASN C 181 29.95 23.58 4.82
C ASN C 181 28.96 22.75 3.99
N PRO C 182 28.63 23.23 2.77
CA PRO C 182 27.66 22.50 1.94
C PRO C 182 28.29 21.29 1.25
N ASP C 183 27.55 20.18 1.19
CA ASP C 183 27.95 19.03 0.35
C ASP C 183 28.40 19.50 -1.04
N ARG C 184 27.59 20.37 -1.65
CA ARG C 184 27.88 20.95 -2.95
C ARG C 184 27.15 22.30 -3.10
N VAL C 185 27.69 23.13 -3.98
CA VAL C 185 26.99 24.30 -4.53
C VAL C 185 26.73 24.02 -6.00
N LEU C 186 25.50 24.29 -6.43
CA LEU C 186 25.03 23.93 -7.78
C LEU C 186 24.54 25.19 -8.49
N ILE C 187 25.06 25.44 -9.68
CA ILE C 187 24.70 26.63 -10.46
C ILE C 187 24.51 26.27 -11.94
N GLY C 188 23.37 26.63 -12.52
CA GLY C 188 23.17 26.48 -13.96
C GLY C 188 22.88 27.80 -14.66
N GLY C 189 23.35 27.92 -15.90
CA GLY C 189 22.96 29.03 -16.76
C GLY C 189 23.02 28.67 -18.24
N GLU C 190 22.67 29.63 -19.09
CA GLU C 190 22.64 29.48 -20.55
C GLU C 190 23.99 29.03 -21.12
N SER C 191 23.95 28.17 -22.14
CA SER C 191 25.16 27.70 -22.81
C SER C 191 25.61 28.67 -23.92
N SER C 192 26.22 29.78 -23.49
CA SER C 192 26.49 30.93 -24.34
C SER C 192 27.56 31.80 -23.65
N PRO C 193 28.35 32.56 -24.43
CA PRO C 193 29.38 33.44 -23.84
C PRO C 193 28.84 34.35 -22.73
N GLU C 194 27.71 35.00 -22.98
CA GLU C 194 27.01 35.81 -21.98
C GLU C 194 26.53 34.97 -20.78
N GLY C 195 26.08 33.74 -21.06
CA GLY C 195 25.62 32.83 -20.02
C GLY C 195 26.72 32.25 -19.14
N LEU C 196 27.84 31.87 -19.77
CA LEU C 196 29.00 31.32 -19.03
C LEU C 196 29.72 32.37 -18.19
N GLN C 197 29.66 33.62 -18.64
CA GLN C 197 30.09 34.79 -17.87
C GLN C 197 29.41 34.88 -16.51
N ALA C 198 28.08 34.82 -16.52
CA ALA C 198 27.28 35.09 -15.33
C ALA C 198 27.36 33.95 -14.31
N VAL C 199 27.57 32.74 -14.82
CA VAL C 199 27.92 31.58 -13.99
C VAL C 199 29.23 31.80 -13.23
N ALA C 200 30.29 32.19 -13.94
CA ALA C 200 31.59 32.54 -13.35
C ALA C 200 31.50 33.63 -12.26
N GLU C 201 30.72 34.68 -12.52
CA GLU C 201 30.53 35.76 -11.53
C GLU C 201 29.84 35.31 -10.24
N LEU C 202 28.96 34.32 -10.33
CA LEU C 202 28.33 33.74 -9.15
C LEU C 202 29.22 32.67 -8.48
N VAL C 203 29.95 31.90 -9.29
CA VAL C 203 31.02 31.03 -8.79
C VAL C 203 31.98 31.82 -7.90
N ARG C 204 32.48 32.94 -8.42
CA ARG C 204 33.35 33.86 -7.70
C ARG C 204 32.88 34.10 -6.26
N ILE C 205 31.62 34.47 -6.10
CA ILE C 205 31.04 34.73 -4.79
C ILE C 205 31.19 33.52 -3.85
N TYR C 206 30.87 32.33 -4.34
CA TYR C 206 30.92 31.13 -3.50
C TYR C 206 32.34 30.67 -3.18
N GLU C 207 33.24 30.84 -4.16
CA GLU C 207 34.67 30.56 -3.99
C GLU C 207 35.32 31.26 -2.78
N ASN C 208 34.70 32.34 -2.32
CA ASN C 208 35.12 33.05 -1.11
C ASN C 208 35.11 32.19 0.17
N TRP C 209 34.29 31.14 0.18
CA TRP C 209 34.30 30.18 1.30
C TRP C 209 34.09 28.71 0.95
N VAL C 210 33.85 28.39 -0.31
CA VAL C 210 33.59 26.99 -0.72
C VAL C 210 34.66 26.52 -1.71
N PRO C 211 35.28 25.34 -1.44
CA PRO C 211 36.22 24.68 -2.35
C PRO C 211 35.69 24.57 -3.78
N ARG C 212 36.48 25.00 -4.75
CA ARG C 212 36.12 24.95 -6.17
C ARG C 212 35.68 23.55 -6.64
N ASN C 213 36.23 22.52 -6.02
CA ASN C 213 35.84 21.12 -6.27
C ASN C 213 34.41 20.78 -5.85
N ARG C 214 33.86 21.52 -4.88
CA ARG C 214 32.48 21.31 -4.41
C ARG C 214 31.49 22.22 -5.11
N ILE C 215 31.96 23.03 -6.06
CA ILE C 215 31.10 23.92 -6.85
C ILE C 215 30.87 23.30 -8.23
N ILE C 216 29.65 22.85 -8.45
CA ILE C 216 29.28 22.17 -9.70
C ILE C 216 28.51 23.17 -10.55
N THR C 217 28.94 23.30 -11.81
CA THR C 217 28.22 24.12 -12.78
C THR C 217 27.65 23.30 -13.94
N THR C 218 26.42 23.65 -14.33
CA THR C 218 25.62 22.87 -15.29
C THR C 218 24.87 23.86 -16.22
N ASN C 219 24.11 23.35 -17.20
CA ASN C 219 23.07 24.18 -17.80
C ASN C 219 21.88 24.43 -16.85
N THR C 220 21.03 25.39 -17.20
CA THR C 220 19.97 25.85 -16.29
C THR C 220 18.95 24.74 -15.95
N TRP C 221 18.67 23.87 -16.92
CA TRP C 221 17.63 22.85 -16.79
C TRP C 221 18.16 21.67 -15.98
N SER C 222 19.40 21.28 -16.27
CA SER C 222 20.10 20.31 -15.44
C SER C 222 20.09 20.69 -13.97
N SER C 223 20.26 21.98 -13.68
CA SER C 223 20.30 22.42 -12.30
C SER C 223 18.92 22.47 -11.66
N GLU C 224 17.93 22.98 -12.40
CA GLU C 224 16.53 23.01 -11.94
C GLU C 224 16.05 21.59 -11.66
N LEU C 225 16.31 20.70 -12.62
CA LEU C 225 15.89 19.30 -12.50
C LEU C 225 16.61 18.58 -11.37
N SER C 226 17.92 18.82 -11.23
CA SER C 226 18.71 18.26 -10.12
C SER C 226 18.12 18.47 -8.73
N LYS C 227 17.59 19.65 -8.46
CA LYS C 227 17.02 19.94 -7.12
C LYS C 227 15.83 19.02 -6.80
N LEU C 228 14.94 18.84 -7.77
CA LEU C 228 13.71 18.04 -7.58
C LEU C 228 14.07 16.56 -7.50
N VAL C 229 14.96 16.12 -8.38
CA VAL C 229 15.42 14.73 -8.41
C VAL C 229 16.15 14.34 -7.13
N ALA C 230 16.92 15.28 -6.56
CA ALA C 230 17.66 14.98 -5.34
C ALA C 230 16.71 14.70 -4.19
N ASN C 231 15.68 15.53 -4.03
CA ASN C 231 14.64 15.29 -3.03
C ASN C 231 13.81 14.05 -3.35
N ALA C 232 13.64 13.77 -4.65
CA ALA C 232 12.99 12.51 -5.10
C ALA C 232 13.76 11.24 -4.74
N PHE C 233 15.08 11.26 -4.91
CA PHE C 233 15.94 10.16 -4.49
C PHE C 233 15.88 9.92 -2.98
N LEU C 234 15.83 11.00 -2.22
CA LEU C 234 15.73 10.91 -0.76
C LEU C 234 14.41 10.31 -0.28
N ALA C 235 13.30 10.83 -0.80
CA ALA C 235 11.97 10.34 -0.49
C ALA C 235 11.85 8.85 -0.86
N GLN C 236 12.43 8.48 -2.00
CA GLN C 236 12.43 7.11 -2.51
C GLN C 236 13.13 6.14 -1.58
N ARG C 237 14.25 6.55 -0.98
CA ARG C 237 14.90 5.69 -0.01
C ARG C 237 13.93 5.39 1.11
N ILE C 238 13.18 6.41 1.57
CA ILE C 238 12.27 6.23 2.70
CA ILE C 238 12.26 6.23 2.70
C ILE C 238 11.08 5.31 2.33
N SER C 239 10.48 5.59 1.18
CA SER C 239 9.37 4.78 0.68
C SER C 239 9.85 3.36 0.41
N SER C 240 11.07 3.21 -0.11
CA SER C 240 11.66 1.88 -0.28
C SER C 240 11.75 1.10 1.01
N ILE C 241 12.30 1.71 2.07
CA ILE C 241 12.48 1.00 3.34
C ILE C 241 11.11 0.77 4.02
N ASN C 242 10.18 1.71 3.80
CA ASN C 242 8.84 1.60 4.36
C ASN C 242 8.08 0.45 3.71
N SER C 243 8.25 0.34 2.39
CA SER C 243 7.70 -0.80 1.63
C SER C 243 8.18 -2.13 2.23
N ILE C 244 9.47 -2.20 2.56
CA ILE C 244 10.05 -3.38 3.15
C ILE C 244 9.60 -3.63 4.60
N SER C 245 9.27 -2.57 5.34
CA SER C 245 8.69 -2.74 6.68
C SER C 245 7.46 -3.65 6.70
N ALA C 246 6.61 -3.50 5.71
CA ALA C 246 5.44 -4.38 5.60
C ALA C 246 5.82 -5.83 5.26
N VAL C 247 6.86 -6.03 4.45
CA VAL C 247 7.39 -7.38 4.18
C VAL C 247 7.87 -8.01 5.49
N CYS C 248 8.57 -7.22 6.31
CA CYS C 248 9.06 -7.67 7.60
C CYS C 248 7.91 -8.13 8.47
N GLU C 249 6.86 -7.30 8.54
CA GLU C 249 5.69 -7.65 9.39
C GLU C 249 5.07 -8.97 8.97
N ALA C 250 5.04 -9.20 7.65
CA ALA C 250 4.42 -10.39 7.09
C ALA C 250 5.29 -11.65 7.20
N THR C 251 6.61 -11.50 7.29
CA THR C 251 7.53 -12.66 7.30
C THR C 251 8.11 -13.02 8.67
N GLY C 252 8.22 -12.04 9.56
CA GLY C 252 8.97 -12.26 10.80
C GLY C 252 10.41 -11.75 10.72
N ALA C 253 10.80 -11.17 9.59
CA ALA C 253 12.00 -10.33 9.53
C ALA C 253 11.77 -9.03 10.32
N GLU C 254 12.83 -8.29 10.65
CA GLU C 254 12.71 -7.04 11.41
C GLU C 254 13.32 -5.94 10.61
N ILE C 255 12.59 -4.85 10.42
CA ILE C 255 13.07 -3.78 9.55
C ILE C 255 14.37 -3.13 10.05
N SER C 256 14.54 -3.02 11.38
CA SER C 256 15.78 -2.47 11.94
CA SER C 256 15.78 -2.47 11.94
C SER C 256 16.98 -3.33 11.55
N GLU C 257 16.78 -4.65 11.49
CA GLU C 257 17.84 -5.58 11.17
C GLU C 257 18.17 -5.47 9.70
N VAL C 258 17.12 -5.35 8.86
CA VAL C 258 17.29 -5.18 7.42
C VAL C 258 17.98 -3.87 7.02
N ALA C 259 17.55 -2.74 7.59
CA ALA C 259 18.12 -1.44 7.25
C ALA C 259 19.59 -1.41 7.64
N HIS C 260 19.89 -1.98 8.80
CA HIS C 260 21.27 -2.16 9.30
C HIS C 260 22.15 -2.92 8.32
N ALA C 261 21.73 -4.14 7.95
CA ALA C 261 22.46 -4.96 6.98
C ALA C 261 22.61 -4.28 5.62
N VAL C 262 21.52 -3.70 5.13
CA VAL C 262 21.53 -3.05 3.83
C VAL C 262 22.40 -1.80 3.76
N GLY C 263 22.33 -0.98 4.82
CA GLY C 263 23.07 0.29 4.90
C GLY C 263 24.60 0.19 4.89
N TYR C 264 25.11 -0.98 5.27
CA TYR C 264 26.55 -1.26 5.35
C TYR C 264 27.19 -1.48 3.99
N ASP C 265 26.37 -1.69 2.96
CA ASP C 265 26.86 -1.54 1.60
C ASP C 265 27.17 -0.08 1.35
N THR C 266 28.44 0.23 1.12
CA THR C 266 28.87 1.61 0.97
C THR C 266 28.38 2.30 -0.33
N ARG C 267 27.92 1.51 -1.31
CA ARG C 267 27.26 2.06 -2.51
C ARG C 267 25.81 2.50 -2.20
N ILE C 268 25.23 1.92 -1.17
CA ILE C 268 23.86 2.25 -0.76
C ILE C 268 23.91 3.36 0.30
N GLY C 269 24.76 3.19 1.30
CA GLY C 269 24.88 4.13 2.41
C GLY C 269 23.81 3.89 3.47
N SER C 270 24.04 4.37 4.69
CA SER C 270 23.13 4.07 5.80
C SER C 270 22.21 5.24 6.20
N LYS C 271 22.28 6.33 5.46
CA LYS C 271 21.40 7.48 5.72
C LYS C 271 20.03 7.28 5.04
N PHE C 272 18.98 7.79 5.68
CA PHE C 272 17.63 7.78 5.11
C PHE C 272 17.07 6.36 4.89
N LEU C 273 17.35 5.49 5.86
CA LEU C 273 16.83 4.14 5.88
C LEU C 273 16.14 3.92 7.19
N GLN C 274 15.67 5.00 7.81
CA GLN C 274 14.78 4.86 8.95
C GLN C 274 13.33 4.72 8.50
N ALA C 275 12.72 3.58 8.79
CA ALA C 275 11.31 3.35 8.50
C ALA C 275 10.49 4.10 9.53
N SER C 276 9.24 4.41 9.18
CA SER C 276 8.38 5.35 9.90
C SER C 276 6.99 5.24 9.33
N VAL C 277 6.04 5.92 9.98
CA VAL C 277 4.67 6.03 9.48
C VAL C 277 4.61 6.79 8.17
N GLY C 278 5.67 7.55 7.88
CA GLY C 278 5.83 8.12 6.55
C GLY C 278 6.54 9.46 6.64
N PHE C 279 7.15 9.88 5.53
CA PHE C 279 7.87 11.13 5.50
C PHE C 279 6.92 12.32 5.44
N GLY C 280 7.46 13.50 5.79
CA GLY C 280 6.70 14.74 5.79
C GLY C 280 7.56 15.94 5.46
N GLY C 281 7.09 17.13 5.86
CA GLY C 281 7.79 18.37 5.58
C GLY C 281 7.44 18.98 4.26
N SER C 282 7.93 20.19 3.99
CA SER C 282 7.45 21.00 2.88
C SER C 282 8.14 20.78 1.54
N CYS C 283 9.14 19.90 1.50
CA CYS C 283 9.92 19.69 0.27
CA CYS C 283 9.88 19.70 0.25
C CYS C 283 9.66 18.36 -0.43
N PHE C 284 9.54 17.28 0.34
CA PHE C 284 9.59 15.92 -0.26
C PHE C 284 8.43 15.62 -1.20
N GLN C 285 7.22 15.54 -0.65
CA GLN C 285 6.05 15.32 -1.47
C GLN C 285 5.90 16.37 -2.57
N LYS C 286 6.05 17.64 -2.20
CA LYS C 286 5.95 18.73 -3.16
C LYS C 286 6.85 18.50 -4.36
N ASP C 287 8.11 18.17 -4.11
CA ASP C 287 9.09 18.02 -5.18
C ASP C 287 8.87 16.75 -5.98
N VAL C 288 8.47 15.69 -5.29
CA VAL C 288 8.12 14.46 -6.00
C VAL C 288 6.94 14.68 -6.95
N LEU C 289 5.84 15.24 -6.44
CA LEU C 289 4.67 15.57 -7.27
C LEU C 289 4.95 16.57 -8.37
N SER C 290 5.79 17.56 -8.08
CA SER C 290 6.26 18.47 -9.11
C SER C 290 6.98 17.72 -10.25
N LEU C 291 7.83 16.75 -9.87
CA LEU C 291 8.48 15.87 -10.84
C LEU C 291 7.48 14.96 -11.58
N VAL C 292 6.52 14.41 -10.84
CA VAL C 292 5.47 13.60 -11.48
C VAL C 292 4.71 14.45 -12.51
N TYR C 293 4.28 15.64 -12.12
CA TYR C 293 3.63 16.56 -13.05
C TYR C 293 4.48 16.86 -14.29
N LEU C 294 5.72 17.27 -14.09
CA LEU C 294 6.65 17.44 -15.20
C LEU C 294 6.62 16.27 -16.19
N CYS C 295 6.75 15.05 -15.68
CA CYS C 295 6.84 13.88 -16.54
C CYS C 295 5.52 13.66 -17.32
N GLU C 296 4.39 13.88 -16.67
CA GLU C 296 3.09 13.87 -17.37
C GLU C 296 3.08 14.87 -18.53
N SER C 297 3.45 16.12 -18.23
CA SER C 297 3.49 17.20 -19.21
C SER C 297 4.40 16.88 -20.41
N LEU C 298 5.40 16.01 -20.18
CA LEU C 298 6.38 15.61 -21.20
C LEU C 298 5.97 14.38 -21.99
N ASN C 299 4.77 13.87 -21.70
CA ASN C 299 4.36 12.57 -22.23
C ASN C 299 5.36 11.47 -21.87
N LEU C 300 5.73 11.42 -20.60
CA LEU C 300 6.56 10.34 -20.08
C LEU C 300 5.74 9.62 -19.01
N PRO C 301 4.64 8.95 -19.39
CA PRO C 301 3.75 8.42 -18.36
C PRO C 301 4.42 7.29 -17.56
N GLN C 302 5.28 6.52 -18.21
CA GLN C 302 6.17 5.52 -17.58
C GLN C 302 6.99 6.09 -16.43
N VAL C 303 7.62 7.24 -16.66
CA VAL C 303 8.42 7.88 -15.61
C VAL C 303 7.55 8.48 -14.52
N ALA C 304 6.41 9.09 -14.89
CA ALA C 304 5.48 9.65 -13.91
C ALA C 304 4.99 8.59 -12.92
N ASP C 305 4.62 7.42 -13.46
CA ASP C 305 4.17 6.29 -12.64
C ASP C 305 5.25 5.80 -11.67
N TYR C 306 6.47 5.67 -12.19
CA TYR C 306 7.60 5.26 -11.37
C TYR C 306 7.77 6.18 -10.14
N TRP C 307 7.76 7.49 -10.34
CA TRP C 307 7.94 8.43 -9.23
C TRP C 307 6.72 8.58 -8.31
N GLN C 308 5.53 8.46 -8.89
CA GLN C 308 4.27 8.45 -8.12
C GLN C 308 4.25 7.30 -7.10
N GLY C 309 4.82 6.15 -7.48
CA GLY C 309 5.11 5.07 -6.55
C GLY C 309 5.64 5.47 -5.19
N VAL C 310 6.59 6.43 -5.16
CA VAL C 310 7.12 6.93 -3.90
C VAL C 310 6.01 7.53 -3.02
N ILE C 311 5.13 8.35 -3.62
CA ILE C 311 4.02 8.96 -2.88
C ILE C 311 2.96 7.92 -2.52
N ASN C 312 2.66 7.04 -3.46
CA ASN C 312 1.72 5.94 -3.21
C ASN C 312 2.07 5.13 -1.99
N ILE C 313 3.34 4.72 -1.86
CA ILE C 313 3.79 4.01 -0.67
C ILE C 313 3.70 4.83 0.60
N ASN C 314 4.11 6.10 0.54
CA ASN C 314 3.98 6.97 1.72
C ASN C 314 2.51 7.03 2.23
N ASN C 315 1.59 7.26 1.30
CA ASN C 315 0.17 7.32 1.64
C ASN C 315 -0.32 5.98 2.16
N TRP C 316 0.10 4.91 1.48
CA TRP C 316 -0.25 3.54 1.88
C TRP C 316 0.28 3.20 3.25
N GLN C 317 1.48 3.68 3.57
CA GLN C 317 2.06 3.42 4.90
C GLN C 317 1.17 4.03 6.01
N ARG C 318 0.77 5.27 5.80
CA ARG C 318 -0.17 5.95 6.72
C ARG C 318 -1.52 5.25 6.84
N ARG C 319 -2.13 4.93 5.70
CA ARG C 319 -3.43 4.24 5.65
CA ARG C 319 -3.44 4.27 5.74
C ARG C 319 -3.42 2.89 6.39
N ARG C 320 -2.42 2.08 6.10
CA ARG C 320 -2.35 0.73 6.67
C ARG C 320 -2.05 0.72 8.17
N PHE C 321 -1.33 1.73 8.65
CA PHE C 321 -1.06 1.93 10.08
C PHE C 321 -2.38 2.28 10.83
N ALA C 322 -3.10 3.26 10.31
CA ALA C 322 -4.44 3.58 10.83
C ALA C 322 -5.39 2.38 10.75
N ASP C 323 -5.33 1.61 9.65
CA ASP C 323 -6.18 0.42 9.50
C ASP C 323 -5.92 -0.58 10.59
N LYS C 324 -4.65 -0.73 10.97
CA LYS C 324 -4.27 -1.65 12.03
C LYS C 324 -4.80 -1.21 13.38
N ILE C 325 -4.78 0.10 13.64
CA ILE C 325 -5.35 0.67 14.88
C ILE C 325 -6.86 0.38 14.95
N ILE C 326 -7.56 0.73 13.88
CA ILE C 326 -9.01 0.50 13.75
C ILE C 326 -9.33 -0.98 13.96
N ALA C 327 -8.65 -1.87 13.23
CA ALA C 327 -8.92 -3.31 13.33
C ALA C 327 -8.71 -3.86 14.73
N GLU C 328 -7.64 -3.43 15.38
CA GLU C 328 -7.32 -3.90 16.74
C GLU C 328 -8.45 -3.54 17.71
N LEU C 329 -9.01 -2.36 17.50
CA LEU C 329 -10.08 -1.84 18.35
C LEU C 329 -11.46 -2.28 17.83
N PHE C 330 -11.52 -3.51 17.33
CA PHE C 330 -12.76 -4.20 16.94
C PHE C 330 -13.47 -3.59 15.73
N ASN C 331 -12.74 -2.84 14.91
CA ASN C 331 -13.28 -2.20 13.70
C ASN C 331 -14.31 -1.11 14.03
N THR C 332 -14.40 -0.76 15.31
CA THR C 332 -15.26 0.33 15.72
C THR C 332 -14.59 1.27 16.73
N VAL C 333 -14.52 2.55 16.38
CA VAL C 333 -13.87 3.54 17.24
C VAL C 333 -14.71 4.80 17.43
N THR C 334 -16.00 4.75 17.07
CA THR C 334 -16.92 5.86 17.33
C THR C 334 -16.94 6.15 18.83
N ASP C 335 -16.61 7.40 19.17
CA ASP C 335 -16.54 7.86 20.57
C ASP C 335 -15.56 7.10 21.47
N LYS C 336 -14.61 6.40 20.86
CA LYS C 336 -13.56 5.69 21.59
C LYS C 336 -12.39 6.64 21.78
N LYS C 337 -11.79 6.62 22.97
CA LYS C 337 -10.65 7.49 23.23
C LYS C 337 -9.34 6.84 22.79
N ILE C 338 -8.60 7.55 21.95
CA ILE C 338 -7.22 7.18 21.69
C ILE C 338 -6.28 8.36 21.80
N ALA C 339 -5.16 8.12 22.48
CA ALA C 339 -4.10 9.11 22.64
C ALA C 339 -3.12 9.11 21.47
N ILE C 340 -2.79 10.31 21.02
CA ILE C 340 -1.79 10.51 20.01
C ILE C 340 -0.60 11.19 20.66
N PHE C 341 0.54 10.51 20.68
CA PHE C 341 1.83 11.10 21.04
C PHE C 341 2.58 11.61 19.79
N GLY C 342 2.49 12.93 19.55
CA GLY C 342 3.24 13.56 18.49
C GLY C 342 2.43 14.14 17.35
N PHE C 343 2.83 15.33 16.89
CA PHE C 343 2.11 16.03 15.83
C PHE C 343 3.03 16.64 14.77
N ALA C 344 4.24 17.03 15.15
CA ALA C 344 5.17 17.61 14.17
C ALA C 344 5.58 16.53 13.15
N PHE C 345 6.05 16.95 11.97
CA PHE C 345 6.45 16.01 10.91
C PHE C 345 7.71 15.20 11.23
N LYS C 346 8.57 15.77 12.08
CA LYS C 346 9.71 15.08 12.68
C LYS C 346 9.94 15.68 14.07
N LYS C 347 10.84 15.07 14.83
CA LYS C 347 11.13 15.52 16.21
C LYS C 347 11.96 16.81 16.21
N ASN C 348 11.95 17.50 17.34
CA ASN C 348 12.72 18.73 17.54
C ASN C 348 12.37 19.84 16.54
N THR C 349 11.07 20.02 16.34
CA THR C 349 10.51 21.18 15.62
C THR C 349 9.01 21.32 15.94
N GLY C 350 8.45 22.48 15.61
CA GLY C 350 6.99 22.67 15.57
C GLY C 350 6.42 22.83 14.17
N ASP C 351 7.24 22.52 13.16
CA ASP C 351 6.81 22.47 11.77
C ASP C 351 5.91 21.24 11.59
N THR C 352 4.73 21.45 11.02
CA THR C 352 3.74 20.39 10.87
C THR C 352 3.39 20.16 9.39
N ARG C 353 4.15 20.79 8.49
CA ARG C 353 3.77 20.75 7.08
C ARG C 353 3.91 19.31 6.58
N GLU C 354 2.91 18.84 5.83
CA GLU C 354 2.79 17.45 5.37
C GLU C 354 3.04 16.34 6.40
N SER C 355 2.76 16.62 7.68
CA SER C 355 3.04 15.70 8.76
C SER C 355 2.20 14.44 8.64
N SER C 356 2.79 13.29 8.96
CA SER C 356 2.08 12.00 8.87
C SER C 356 1.07 11.91 10.00
N ALA C 357 1.35 12.62 11.09
CA ALA C 357 0.41 12.72 12.22
C ALA C 357 -0.93 13.27 11.77
N ILE C 358 -0.89 14.33 10.94
CA ILE C 358 -2.11 14.95 10.43
C ILE C 358 -2.96 13.91 9.72
N HIS C 359 -2.35 13.16 8.80
CA HIS C 359 -3.09 12.23 7.97
C HIS C 359 -3.57 10.97 8.68
N VAL C 360 -2.80 10.46 9.64
CA VAL C 360 -3.25 9.32 10.46
C VAL C 360 -4.40 9.72 11.41
N ILE C 361 -4.36 10.95 11.91
CA ILE C 361 -5.44 11.45 12.78
C ILE C 361 -6.74 11.63 11.99
N LYS C 362 -6.61 12.19 10.77
CA LYS C 362 -7.72 12.34 9.84
C LYS C 362 -8.40 11.00 9.53
N HIS C 363 -7.60 9.96 9.29
CA HIS C 363 -8.15 8.62 9.05
C HIS C 363 -8.93 8.16 10.26
N LEU C 364 -8.42 8.47 11.45
CA LEU C 364 -9.08 8.09 12.69
C LEU C 364 -10.32 8.94 12.99
N MET C 365 -10.29 10.21 12.61
CA MET C 365 -11.44 11.10 12.69
C MET C 365 -12.60 10.64 11.79
N GLU C 366 -12.27 10.04 10.65
CA GLU C 366 -13.28 9.51 9.72
C GLU C 366 -14.07 8.37 10.32
N GLU C 367 -13.48 7.70 11.31
CA GLU C 367 -14.14 6.65 12.07
C GLU C 367 -14.81 7.19 13.36
N HIS C 368 -14.73 8.50 13.55
CA HIS C 368 -15.36 9.18 14.69
C HIS C 368 -14.70 8.85 16.03
N ALA C 369 -13.40 8.56 15.99
CA ALA C 369 -12.59 8.41 17.18
C ALA C 369 -12.48 9.72 17.95
N LYS C 370 -12.50 9.60 19.28
CA LYS C 370 -12.17 10.71 20.19
C LYS C 370 -10.66 10.79 20.45
N LEU C 371 -10.03 11.82 19.93
CA LEU C 371 -8.57 11.90 19.90
C LEU C 371 -7.97 13.01 20.76
N SER C 372 -7.24 12.62 21.80
CA SER C 372 -6.40 13.55 22.59
C SER C 372 -4.95 13.58 22.11
N VAL C 373 -4.56 14.72 21.54
CA VAL C 373 -3.22 14.91 20.99
C VAL C 373 -2.29 15.59 22.01
N TYR C 374 -1.11 15.03 22.21
CA TYR C 374 0.01 15.74 22.81
C TYR C 374 1.25 15.83 21.89
N ASP C 375 1.67 17.06 21.60
CA ASP C 375 3.03 17.32 21.10
C ASP C 375 3.72 18.30 22.04
N PRO C 376 5.01 18.04 22.39
CA PRO C 376 5.79 18.91 23.28
C PRO C 376 5.99 20.34 22.78
N LYS C 377 5.95 20.56 21.46
CA LYS C 377 6.33 21.83 20.85
C LYS C 377 5.22 22.53 20.07
N VAL C 378 4.51 21.79 19.22
CA VAL C 378 3.47 22.35 18.34
C VAL C 378 2.38 23.11 19.11
N GLN C 379 2.05 24.31 18.64
CA GLN C 379 0.98 25.12 19.23
C GLN C 379 -0.41 24.50 19.06
N LYS C 380 -1.19 24.55 20.12
CA LYS C 380 -2.61 24.18 20.09
C LYS C 380 -3.40 24.81 18.94
N SER C 381 -3.15 26.09 18.65
CA SER C 381 -3.75 26.75 17.49
C SER C 381 -3.30 26.17 16.16
N GLN C 382 -2.03 25.78 16.08
CA GLN C 382 -1.44 25.25 14.85
C GLN C 382 -2.03 23.87 14.52
N MET C 383 -2.26 23.07 15.56
CA MET C 383 -2.83 21.74 15.44
C MET C 383 -4.25 21.80 14.91
N LEU C 384 -5.10 22.53 15.63
CA LEU C 384 -6.54 22.56 15.35
C LEU C 384 -6.85 23.12 13.95
N ASN C 385 -6.06 24.09 13.51
CA ASN C 385 -6.20 24.67 12.17
C ASN C 385 -5.75 23.73 11.06
N ASP C 386 -4.67 22.98 11.31
CA ASP C 386 -4.17 21.98 10.36
C ASP C 386 -5.17 20.85 10.14
N LEU C 387 -5.69 20.32 11.24
CA LEU C 387 -6.71 19.28 11.19
C LEU C 387 -8.01 19.77 10.55
N ALA C 388 -8.35 21.03 10.77
CA ALA C 388 -9.53 21.64 10.14
C ALA C 388 -9.42 21.69 8.63
N SER C 389 -8.24 22.02 8.12
CA SER C 389 -8.06 22.21 6.69
C SER C 389 -8.06 20.90 5.91
N VAL C 390 -7.82 19.78 6.59
CA VAL C 390 -8.01 18.46 5.98
C VAL C 390 -9.35 17.80 6.36
N THR C 391 -10.05 18.37 7.32
CA THR C 391 -11.41 17.92 7.64
C THR C 391 -12.43 19.07 7.65
N SER C 392 -12.81 19.50 8.85
CA SER C 392 -13.66 20.68 9.05
C SER C 392 -13.51 21.21 10.47
N ALA C 393 -13.64 22.53 10.62
CA ALA C 393 -13.68 23.20 11.93
C ALA C 393 -14.70 22.56 12.86
N GLN C 394 -15.83 22.18 12.27
CA GLN C 394 -16.88 21.44 12.97
C GLN C 394 -16.37 20.11 13.52
N ASP C 395 -15.84 19.24 12.66
CA ASP C 395 -15.35 17.92 13.06
C ASP C 395 -14.23 17.96 14.10
N VAL C 396 -13.30 18.90 13.94
CA VAL C 396 -12.24 19.09 14.94
C VAL C 396 -12.78 19.53 16.31
N GLU C 397 -13.85 20.34 16.30
CA GLU C 397 -14.52 20.72 17.55
C GLU C 397 -15.13 19.49 18.24
N ARG C 398 -15.70 18.59 17.44
CA ARG C 398 -16.40 17.42 17.98
C ARG C 398 -15.46 16.30 18.47
N LEU C 399 -14.29 16.19 17.85
CA LEU C 399 -13.50 14.97 17.98
C LEU C 399 -12.16 15.16 18.67
N ILE C 400 -11.56 16.33 18.51
CA ILE C 400 -10.20 16.59 18.98
C ILE C 400 -10.21 17.29 20.34
N THR C 401 -9.54 16.70 21.33
CA THR C 401 -8.99 17.47 22.46
C THR C 401 -7.47 17.56 22.35
N VAL C 402 -6.90 18.60 22.95
CA VAL C 402 -5.44 18.75 22.98
C VAL C 402 -4.89 18.95 24.39
N GLU C 403 -3.94 18.11 24.76
CA GLU C 403 -3.35 18.12 26.09
C GLU C 403 -1.92 18.66 26.02
N SER C 404 -1.46 19.24 27.13
CA SER C 404 -0.02 19.53 27.30
C SER C 404 0.60 18.58 28.31
N ASP C 405 -0.21 17.62 28.77
CA ASP C 405 0.27 16.47 29.52
C ASP C 405 -0.04 15.18 28.73
N PRO C 406 1.01 14.40 28.36
CA PRO C 406 0.84 13.08 27.75
C PRO C 406 0.09 12.09 28.62
N TYR C 407 0.21 12.23 29.94
CA TYR C 407 -0.50 11.36 30.88
C TYR C 407 -2.00 11.62 30.91
N ALA C 408 -2.38 12.87 30.65
CA ALA C 408 -3.79 13.26 30.58
C ALA C 408 -4.44 12.78 29.28
N ALA C 409 -3.66 12.74 28.21
CA ALA C 409 -4.09 12.14 26.95
C ALA C 409 -4.35 10.64 27.09
N ALA C 410 -3.45 9.95 27.80
CA ALA C 410 -3.49 8.49 27.92
C ALA C 410 -4.56 7.98 28.87
N ARG C 411 -5.00 8.86 29.76
CA ARG C 411 -6.00 8.54 30.78
C ARG C 411 -7.32 8.12 30.14
N GLY C 412 -7.71 6.87 30.37
CA GLY C 412 -8.97 6.35 29.81
C GLY C 412 -8.94 5.99 28.33
N ALA C 413 -7.78 6.15 27.69
CA ALA C 413 -7.63 5.81 26.27
C ALA C 413 -7.67 4.31 26.02
N HIS C 414 -8.07 3.93 24.80
CA HIS C 414 -8.06 2.52 24.37
C HIS C 414 -6.76 2.19 23.64
N ALA C 415 -6.16 3.20 23.03
CA ALA C 415 -4.93 3.02 22.27
C ALA C 415 -4.00 4.20 22.53
N ILE C 416 -2.69 3.92 22.53
CA ILE C 416 -1.67 4.95 22.38
C ILE C 416 -1.06 4.84 20.99
N VAL C 417 -0.92 5.97 20.31
CA VAL C 417 -0.36 5.99 18.96
C VAL C 417 0.81 6.98 18.90
N VAL C 418 2.03 6.47 18.73
CA VAL C 418 3.15 7.40 18.56
C VAL C 418 3.48 7.72 17.12
N LEU C 419 3.47 9.02 16.80
CA LEU C 419 3.51 9.46 15.42
C LEU C 419 4.69 10.36 15.15
N THR C 420 5.36 10.77 16.21
CA THR C 420 6.55 11.60 16.07
C THR C 420 7.59 11.13 17.08
N GLU C 421 8.85 11.15 16.66
CA GLU C 421 9.92 10.43 17.35
C GLU C 421 10.60 11.23 18.49
N TRP C 422 9.83 12.10 19.16
CA TRP C 422 10.30 12.83 20.36
C TRP C 422 10.92 11.89 21.40
N ASP C 423 12.08 12.28 21.92
CA ASP C 423 12.84 11.46 22.86
C ASP C 423 12.15 11.25 24.19
N GLU C 424 11.33 12.22 24.60
CA GLU C 424 10.61 12.12 25.87
C GLU C 424 9.54 11.03 25.93
N PHE C 425 9.06 10.59 24.75
CA PHE C 425 8.10 9.49 24.69
C PHE C 425 8.71 8.18 25.15
N VAL C 426 10.01 8.02 24.93
CA VAL C 426 10.78 6.93 25.56
C VAL C 426 10.84 7.20 27.07
N GLU C 427 10.49 6.17 27.85
CA GLU C 427 10.48 6.25 29.32
C GLU C 427 9.62 7.35 29.95
N LEU C 428 8.40 7.54 29.43
CA LEU C 428 7.26 7.84 30.29
C LEU C 428 6.92 6.58 31.11
N ASN C 429 6.22 6.75 32.22
CA ASN C 429 5.77 5.60 32.99
C ASN C 429 4.65 4.82 32.28
N TYR C 430 5.05 3.87 31.45
CA TYR C 430 4.12 3.07 30.66
C TYR C 430 3.38 2.01 31.48
N SER C 431 3.88 1.73 32.68
CA SER C 431 3.17 0.90 33.65
C SER C 431 1.99 1.66 34.25
N GLN C 432 2.21 2.94 34.54
CA GLN C 432 1.17 3.84 35.02
C GLN C 432 0.13 4.08 33.92
N ILE C 433 0.62 4.44 32.74
CA ILE C 433 -0.22 4.69 31.56
C ILE C 433 -1.16 3.51 31.32
N HIS C 434 -0.60 2.30 31.35
CA HIS C 434 -1.37 1.05 31.19
C HIS C 434 -2.52 0.93 32.20
N ASN C 435 -2.23 1.27 33.45
CA ASN C 435 -3.20 1.14 34.53
C ASN C 435 -4.37 2.15 34.42
N ASP C 436 -4.07 3.34 33.90
CA ASP C 436 -5.08 4.39 33.71
C ASP C 436 -5.78 4.33 32.35
N MET C 437 -5.47 3.29 31.57
CA MET C 437 -6.10 3.09 30.26
C MET C 437 -7.35 2.20 30.37
N GLN C 438 -8.15 2.21 29.31
CA GLN C 438 -9.13 1.16 29.07
C GLN C 438 -8.43 -0.16 28.76
N HIS C 439 -9.07 -1.27 29.13
CA HIS C 439 -8.47 -2.58 28.90
C HIS C 439 -9.40 -3.49 28.09
N PRO C 440 -8.85 -4.17 27.06
CA PRO C 440 -7.44 -4.28 26.64
C PRO C 440 -6.82 -2.97 26.16
N ALA C 441 -5.54 -2.76 26.50
CA ALA C 441 -4.85 -1.54 26.11
C ALA C 441 -3.88 -1.85 24.97
N ALA C 442 -3.80 -0.93 24.02
CA ALA C 442 -3.00 -1.14 22.83
C ALA C 442 -2.03 0.02 22.63
N ILE C 443 -0.85 -0.28 22.10
CA ILE C 443 0.07 0.79 21.75
C ILE C 443 0.68 0.55 20.38
N PHE C 444 0.81 1.61 19.61
CA PHE C 444 1.20 1.50 18.22
C PHE C 444 2.34 2.48 18.02
N ASP C 445 3.50 1.98 17.60
CA ASP C 445 4.69 2.81 17.43
C ASP C 445 4.99 3.10 15.96
N GLY C 446 4.65 4.29 15.50
CA GLY C 446 4.91 4.69 14.12
C GLY C 446 6.31 5.22 13.84
N ARG C 447 7.18 5.14 14.85
CA ARG C 447 8.48 5.80 14.76
C ARG C 447 9.65 4.95 15.21
N LEU C 448 9.35 3.74 15.68
CA LEU C 448 10.33 2.75 16.13
C LEU C 448 11.28 3.26 17.22
N ILE C 449 10.71 3.81 18.28
CA ILE C 449 11.47 4.39 19.37
C ILE C 449 11.30 3.65 20.68
N LEU C 450 10.20 2.90 20.81
CA LEU C 450 9.89 2.23 22.07
C LEU C 450 10.36 0.78 22.12
N ASP C 451 10.54 0.29 23.35
CA ASP C 451 10.99 -1.08 23.60
C ASP C 451 9.78 -2.03 23.65
N GLN C 452 9.68 -2.88 22.63
CA GLN C 452 8.52 -3.74 22.44
C GLN C 452 8.40 -4.80 23.51
N LYS C 453 9.52 -5.43 23.86
CA LYS C 453 9.56 -6.43 24.93
C LYS C 453 9.17 -5.84 26.30
N ALA C 454 9.59 -4.61 26.57
CA ALA C 454 9.21 -3.93 27.81
C ALA C 454 7.72 -3.64 27.88
N LEU C 455 7.15 -3.19 26.75
CA LEU C 455 5.73 -2.86 26.67
C LEU C 455 4.87 -4.12 26.76
N ARG C 456 5.34 -5.19 26.14
CA ARG C 456 4.67 -6.48 26.18
C ARG C 456 4.51 -6.99 27.61
N GLU C 457 5.56 -6.83 28.41
CA GLU C 457 5.61 -7.42 29.75
C GLU C 457 4.74 -6.67 30.77
N ILE C 458 4.60 -5.37 30.57
CA ILE C 458 3.57 -4.56 31.24
C ILE C 458 2.15 -5.08 30.97
N GLY C 459 1.88 -5.45 29.72
CA GLY C 459 0.61 -6.07 29.35
C GLY C 459 -0.13 -5.28 28.29
N PHE C 460 0.59 -4.41 27.59
CA PHE C 460 0.10 -3.83 26.35
C PHE C 460 -0.05 -4.90 25.28
N ARG C 461 -1.05 -4.74 24.42
CA ARG C 461 -0.98 -5.33 23.10
C ARG C 461 -0.25 -4.32 22.23
N THR C 462 0.94 -4.68 21.78
CA THR C 462 1.87 -3.69 21.27
C THR C 462 2.27 -3.98 19.83
N PHE C 463 2.39 -2.90 19.06
CA PHE C 463 2.69 -3.00 17.63
CA PHE C 463 2.65 -2.99 17.63
C PHE C 463 3.74 -1.97 17.25
N ALA C 464 4.66 -2.38 16.38
CA ALA C 464 5.59 -1.45 15.80
C ALA C 464 5.65 -1.71 14.30
N ILE C 465 5.76 -0.64 13.53
CA ILE C 465 6.04 -0.74 12.10
C ILE C 465 7.33 -1.55 11.85
N GLY C 466 7.25 -2.58 11.02
CA GLY C 466 8.44 -3.34 10.60
C GLY C 466 8.75 -4.49 11.54
N THR C 467 7.85 -4.75 12.48
CA THR C 467 7.97 -5.90 13.35
C THR C 467 6.68 -6.71 13.23
N SER C 468 6.80 -8.03 13.13
CA SER C 468 5.64 -8.93 13.19
C SER C 468 5.02 -8.91 14.60
N PRO C 469 3.68 -8.82 14.68
CA PRO C 469 2.93 -8.84 15.94
C PRO C 469 3.21 -10.06 16.84
N ASP C 470 3.40 -11.24 16.25
CA ASP C 470 3.61 -12.47 17.02
C ASP C 470 5.05 -12.96 16.96
N GLN C 471 5.64 -13.19 18.13
CA GLN C 471 6.92 -13.90 18.25
C GLN C 471 6.77 -15.18 19.06
C1 GOL D . 30.02 -32.85 13.88
O1 GOL D . 30.05 -32.62 15.27
C2 GOL D . 29.87 -34.34 13.59
O2 GOL D . 28.61 -34.54 12.99
C3 GOL D . 30.98 -34.77 12.64
O3 GOL D . 31.25 -36.15 12.81
C1 GOL E . 34.87 10.50 -31.75
O1 GOL E . 35.67 10.25 -32.88
C2 GOL E . 35.61 10.02 -30.51
O2 GOL E . 36.34 11.10 -29.97
C3 GOL E . 34.60 9.52 -29.49
O3 GOL E . 34.92 8.19 -29.12
C1 GOL F . 13.69 -16.30 12.97
O1 GOL F . 13.38 -15.50 14.09
C2 GOL F . 14.13 -17.67 13.43
O2 GOL F . 13.34 -18.14 14.51
C3 GOL F . 14.13 -18.66 12.26
O3 GOL F . 13.54 -19.88 12.63
C1 GOL G . -56.10 -8.65 -12.18
O1 GOL G . -55.71 -9.72 -11.35
C2 GOL G . -57.53 -8.88 -12.69
O2 GOL G . -58.35 -9.13 -11.57
C3 GOL G . -58.00 -7.63 -13.41
O3 GOL G . -59.39 -7.64 -13.60
C1 GOL H . -13.46 -20.79 19.52
O1 GOL H . -12.71 -19.80 20.21
C2 GOL H . -12.50 -21.78 18.88
O2 GOL H . -12.05 -22.70 19.86
C3 GOL H . -13.21 -22.52 17.77
O3 GOL H . -12.36 -23.51 17.24
C1 GOL I . -34.42 -16.52 9.67
O1 GOL I . -34.09 -17.80 9.19
C2 GOL I . -34.74 -15.55 8.53
O2 GOL I . -33.58 -14.83 8.17
C3 GOL I . -35.30 -16.25 7.30
O3 GOL I . -36.44 -15.55 6.83
C1 GOL J . 9.58 2.72 26.89
O1 GOL J . 10.17 2.51 25.62
C2 GOL J . 9.22 1.37 27.51
O2 GOL J . 10.37 0.55 27.49
C3 GOL J . 8.78 1.57 28.94
O3 GOL J . 8.17 0.40 29.43
C1 GOL K . 20.41 25.19 -22.63
O1 GOL K . 21.65 24.55 -22.36
C2 GOL K . 20.58 26.69 -22.50
O2 GOL K . 20.29 27.31 -23.73
C3 GOL K . 19.64 27.23 -21.42
O3 GOL K . 20.00 26.68 -20.17
C1 GOL L . 17.59 18.78 1.30
O1 GOL L . 17.36 20.14 1.01
C2 GOL L . 17.05 18.54 2.69
O2 GOL L . 16.13 19.54 2.96
C3 GOL L . 16.36 17.21 2.82
O3 GOL L . 16.01 17.07 4.16
#